data_5U6O
#
_entry.id   5U6O
#
_cell.length_a   1
_cell.length_b   1
_cell.length_c   1
_cell.angle_alpha   90.00
_cell.angle_beta   90.00
_cell.angle_gamma   90.00
#
_symmetry.space_group_name_H-M   'P 1'
#
_entity_poly.entity_id   1
_entity_poly.type   'polypeptide(L)'
_entity_poly.pdbx_seq_one_letter_code
;MEGGGKPNSSSNSRDDGNSVFPAKASATGAGPAAAEKRLGTPPGGGGAGAKEHGNSVCFKVDGGGGGGGGGGGGEEPAGG
FEDAEGPRRQYGFMQRQFTSMLQPGVNKFSLRMFGSQKAVEKEQERVKTAGFWIIHPYSDFRFYWDLIMLIMMVGNLVII
PVGITFFTEQTTTPWIIFNVASDTVFLLDLIMNFRTGTVNEDSSEIILDPKVIKMNYLKSWFVVDFISSIPVDYIFLIVE
KGMDSEVYKTARALRIVRFTKILSLLRLLRLSRLIRYIHQWEEIFHMTYDLASAVVRIFNLIGMMLLLCHWDGCLQFLVP
LLQDFPPDCWVSLNEMVNDSWGKQYSYALFKAMSHMLCIGYGAQAPVSMSDLWITMLSMIVGATCYAMFVGHATALIQSL
DSSRRQYQEKYKQVEQYMSFHKLPADMRQKIHDYYEHRYQGKIFDEENILNELNDPLREEIVNFNCRKLVATMPLFANAD
PNFVTAMLSKLRFEVFQPGDYIIREGAVGKKMYFIQHGVAGVITKSSKEMKLTDGSYFGEICLLTKGRRTASVRADTYCR
LYSLSVDNFNEVLEEYPMMRRAFETVAIDRLDRIGKKNSILLQKFQKDLNTGVFNNQENEILKQIVKHDREMVQAALPRE
SSSVLNTDPDAEKPRFASNL
;
_entity_poly.pdbx_strand_id   A,B,C,D
#
# COMPACT_ATOMS: atom_id res chain seq x y z
N MET A 94 -33.45 41.89 -17.16
CA MET A 94 -32.78 40.85 -16.31
C MET A 94 -31.49 41.36 -15.67
N GLN A 95 -31.62 42.39 -14.84
CA GLN A 95 -30.50 42.98 -14.09
C GLN A 95 -30.32 42.29 -12.73
N ARG A 96 -31.42 42.00 -12.05
CA ARG A 96 -31.41 41.26 -10.79
C ARG A 96 -31.04 39.78 -10.95
N GLN A 97 -31.35 39.24 -12.13
CA GLN A 97 -31.01 37.86 -12.46
C GLN A 97 -29.52 37.64 -12.36
N PHE A 98 -28.75 38.59 -12.91
CA PHE A 98 -27.29 38.53 -12.89
C PHE A 98 -26.79 38.48 -11.44
N THR A 99 -27.36 39.34 -10.62
CA THR A 99 -27.02 39.43 -9.20
C THR A 99 -27.26 38.09 -8.51
N SER A 100 -28.43 37.51 -8.81
CA SER A 100 -28.84 36.22 -8.26
C SER A 100 -27.81 35.15 -8.62
N MET A 101 -27.43 35.16 -9.89
CA MET A 101 -26.46 34.21 -10.43
C MET A 101 -25.13 34.32 -9.68
N LEU A 102 -24.71 35.57 -9.48
CA LEU A 102 -23.49 35.89 -8.74
C LEU A 102 -23.52 35.28 -7.34
N GLN A 103 -24.67 35.28 -6.65
CA GLN A 103 -24.83 34.57 -5.37
C GLN A 103 -24.73 33.03 -5.51
N PRO A 104 -24.40 32.31 -4.40
CA PRO A 104 -24.34 30.85 -4.45
C PRO A 104 -25.71 30.18 -4.56
N GLY A 105 -25.92 29.39 -5.61
CA GLY A 105 -27.19 28.72 -5.85
C GLY A 105 -27.42 27.52 -4.95
N VAL A 106 -28.67 27.05 -4.92
CA VAL A 106 -29.05 25.87 -4.16
C VAL A 106 -28.95 24.63 -5.07
N ASN A 107 -27.83 23.93 -4.95
CA ASN A 107 -27.55 22.69 -5.67
C ASN A 107 -27.34 21.57 -4.66
N LYS A 108 -27.09 20.37 -5.18
CA LYS A 108 -26.69 19.22 -4.37
C LYS A 108 -25.39 19.54 -3.63
N PHE A 109 -24.44 20.09 -4.38
CA PHE A 109 -23.12 20.44 -3.86
C PHE A 109 -23.25 21.41 -2.71
N SER A 110 -24.08 22.43 -2.94
CA SER A 110 -24.18 23.58 -2.04
C SER A 110 -24.64 23.12 -0.67
N LEU A 111 -25.67 22.27 -0.68
CA LEU A 111 -26.26 21.73 0.54
C LEU A 111 -25.20 20.98 1.34
N ARG A 112 -24.45 20.15 0.62
CA ARG A 112 -23.39 19.34 1.22
C ARG A 112 -22.35 20.25 1.88
N MET A 113 -21.98 21.29 1.15
CA MET A 113 -20.99 22.25 1.63
C MET A 113 -21.47 22.95 2.91
N PHE A 114 -22.66 23.55 2.83
CA PHE A 114 -23.17 24.46 3.87
C PHE A 114 -24.14 23.77 4.81
N GLY A 115 -25.17 23.15 4.26
CA GLY A 115 -26.13 22.38 5.03
C GLY A 115 -27.52 22.32 4.42
N SER A 116 -28.46 23.02 5.06
CA SER A 116 -29.85 23.09 4.61
C SER A 116 -29.98 24.32 3.75
N GLN A 117 -31.16 24.51 3.16
CA GLN A 117 -31.44 25.67 2.34
C GLN A 117 -31.34 26.96 3.16
N LYS A 118 -31.73 26.90 4.43
CA LYS A 118 -31.66 28.05 5.33
C LYS A 118 -30.22 28.55 5.43
N ALA A 119 -29.29 27.60 5.59
CA ALA A 119 -27.87 27.92 5.70
C ALA A 119 -27.38 28.63 4.44
N VAL A 120 -27.80 28.10 3.30
CA VAL A 120 -27.45 28.65 2.00
C VAL A 120 -27.96 30.10 1.89
N GLU A 121 -29.19 30.30 2.32
CA GLU A 121 -29.83 31.61 2.31
C GLU A 121 -29.03 32.59 3.15
N LYS A 122 -28.61 32.13 4.32
CA LYS A 122 -27.80 32.92 5.25
C LYS A 122 -26.51 33.37 4.57
N GLU A 123 -25.87 32.41 3.91
CA GLU A 123 -24.62 32.66 3.18
C GLU A 123 -24.83 33.74 2.11
N GLN A 124 -25.93 33.59 1.38
CA GLN A 124 -26.32 34.51 0.32
C GLN A 124 -26.50 35.91 0.87
N GLU A 125 -27.12 36.02 2.05
CA GLU A 125 -27.30 37.29 2.73
C GLU A 125 -25.98 38.01 2.93
N ARG A 126 -24.97 37.25 3.38
CA ARG A 126 -23.63 37.79 3.60
C ARG A 126 -23.06 38.38 2.31
N VAL A 127 -23.22 37.61 1.24
CA VAL A 127 -22.76 38.01 -0.10
C VAL A 127 -23.41 39.32 -0.51
N LYS A 128 -24.72 39.38 -0.28
CA LYS A 128 -25.54 40.57 -0.61
C LYS A 128 -25.18 41.87 0.13
N THR A 129 -24.15 41.89 1.00
CA THR A 129 -23.68 43.15 1.60
C THR A 129 -23.14 44.16 0.59
N ALA A 130 -22.37 43.68 -0.40
CA ALA A 130 -21.84 44.52 -1.48
C ALA A 130 -22.53 44.17 -2.81
N GLY A 131 -23.02 45.19 -3.51
CA GLY A 131 -23.81 45.00 -4.74
C GLY A 131 -23.01 45.17 -6.03
N PHE A 132 -22.96 44.10 -6.83
CA PHE A 132 -22.28 44.07 -8.14
C PHE A 132 -20.74 44.17 -8.09
N TRP A 133 -20.16 44.10 -6.90
CA TRP A 133 -18.70 44.15 -6.71
C TRP A 133 -18.08 42.83 -6.24
N ILE A 134 -18.90 41.90 -5.73
CA ILE A 134 -18.42 40.65 -5.14
C ILE A 134 -19.06 39.43 -5.81
N ILE A 135 -18.23 38.41 -6.05
CA ILE A 135 -18.67 37.13 -6.62
C ILE A 135 -18.30 36.01 -5.65
N HIS A 136 -19.27 35.15 -5.36
CA HIS A 136 -19.08 34.03 -4.44
C HIS A 136 -18.39 32.87 -5.19
N PRO A 137 -17.33 32.27 -4.60
CA PRO A 137 -16.56 31.24 -5.30
C PRO A 137 -17.38 30.05 -5.78
N TYR A 138 -18.28 29.56 -4.95
CA TYR A 138 -19.12 28.41 -5.28
C TYR A 138 -20.35 28.71 -6.18
N SER A 139 -20.47 29.93 -6.68
CA SER A 139 -21.63 30.34 -7.49
C SER A 139 -21.65 29.72 -8.89
N ASP A 140 -22.81 29.78 -9.52
CA ASP A 140 -23.07 29.14 -10.82
C ASP A 140 -22.44 29.95 -11.95
N PHE A 141 -22.62 31.28 -11.86
CA PHE A 141 -22.01 32.21 -12.82
C PHE A 141 -20.50 32.04 -12.84
N ARG A 142 -19.92 31.96 -11.64
CA ARG A 142 -18.48 31.78 -11.48
C ARG A 142 -18.02 30.52 -12.16
N PHE A 143 -18.77 29.45 -11.93
CA PHE A 143 -18.50 28.14 -12.52
C PHE A 143 -18.48 28.24 -14.04
N TYR A 144 -19.50 28.91 -14.56
CA TYR A 144 -19.65 29.09 -16.00
C TYR A 144 -18.43 29.81 -16.58
N TRP A 145 -18.05 30.87 -15.87
CA TRP A 145 -16.91 31.71 -16.26
C TRP A 145 -15.65 30.87 -16.31
N ASP A 146 -15.46 30.05 -15.28
CA ASP A 146 -14.27 29.24 -15.20
C ASP A 146 -14.25 28.22 -16.31
N LEU A 147 -15.40 27.65 -16.64
CA LEU A 147 -15.53 26.72 -17.76
C LEU A 147 -15.09 27.37 -19.05
N ILE A 148 -15.59 28.60 -19.24
CA ILE A 148 -15.27 29.40 -20.43
C ILE A 148 -13.75 29.60 -20.54
N MET A 149 -13.16 29.96 -19.40
CA MET A 149 -11.73 30.21 -19.30
C MET A 149 -10.95 28.97 -19.71
N LEU A 150 -11.40 27.84 -19.18
CA LEU A 150 -10.77 26.53 -19.45
C LEU A 150 -10.81 26.24 -20.94
N ILE A 151 -11.98 26.49 -21.54
CA ILE A 151 -12.19 26.26 -22.97
C ILE A 151 -11.22 27.10 -23.77
N MET A 152 -11.11 28.37 -23.38
CA MET A 152 -10.19 29.31 -24.03
C MET A 152 -8.75 28.84 -23.77
N MET A 153 -8.49 28.57 -22.49
CA MET A 153 -7.14 28.47 -21.97
C MET A 153 -6.43 27.32 -22.61
N VAL A 154 -7.11 26.16 -22.66
CA VAL A 154 -6.52 24.94 -23.23
C VAL A 154 -6.09 25.19 -24.68
N GLY A 155 -7.01 25.81 -25.42
CA GLY A 155 -6.79 26.13 -26.83
C GLY A 155 -5.57 27.02 -26.99
N ASN A 156 -5.54 28.03 -26.14
CA ASN A 156 -4.47 29.05 -26.20
C ASN A 156 -3.14 28.43 -25.93
N LEU A 157 -3.09 27.53 -24.94
CA LEU A 157 -1.83 26.88 -24.58
C LEU A 157 -1.35 26.04 -25.75
N VAL A 158 -2.26 25.34 -26.41
CA VAL A 158 -1.84 24.52 -27.55
C VAL A 158 -1.33 25.40 -28.69
N ILE A 159 -2.02 26.50 -28.90
CA ILE A 159 -1.89 27.34 -30.08
C ILE A 159 -0.64 28.20 -29.98
N ILE A 160 -0.59 29.01 -28.92
CA ILE A 160 0.44 30.04 -28.75
C ILE A 160 1.85 29.64 -29.20
N PRO A 161 2.39 28.55 -28.59
CA PRO A 161 3.77 28.16 -28.88
C PRO A 161 3.95 27.83 -30.34
N VAL A 162 2.99 27.09 -30.87
CA VAL A 162 3.00 26.67 -32.29
C VAL A 162 3.02 27.90 -33.19
N GLY A 163 2.15 28.86 -32.83
CA GLY A 163 2.03 30.11 -33.58
C GLY A 163 3.36 30.85 -33.61
N ILE A 164 3.98 30.91 -32.44
CA ILE A 164 5.26 31.59 -32.25
C ILE A 164 6.32 30.95 -33.14
N THR A 165 6.32 29.62 -33.13
CA THR A 165 7.38 28.87 -33.82
C THR A 165 7.23 28.75 -35.34
N PHE A 166 6.18 28.02 -35.74
CA PHE A 166 6.06 27.54 -37.10
C PHE A 166 5.40 28.50 -38.09
N PHE A 167 4.94 29.66 -37.60
CA PHE A 167 4.50 30.75 -38.48
C PHE A 167 5.48 31.92 -38.36
N THR A 168 6.14 32.24 -39.48
CA THR A 168 7.09 33.35 -39.54
C THR A 168 6.38 34.69 -39.44
N GLU A 169 5.37 34.88 -40.28
CA GLU A 169 4.55 36.10 -40.28
C GLU A 169 3.61 36.13 -39.07
N GLN A 170 4.16 36.56 -37.93
CA GLN A 170 3.40 36.70 -36.68
C GLN A 170 2.57 37.98 -36.62
N THR A 171 2.84 38.94 -37.51
CA THR A 171 2.10 40.22 -37.56
C THR A 171 0.85 40.20 -38.48
N THR A 172 0.47 39.03 -39.00
CA THR A 172 -0.73 38.90 -39.84
C THR A 172 -2.02 39.08 -39.03
N THR A 173 -3.07 39.55 -39.70
CA THR A 173 -4.35 39.94 -39.11
C THR A 173 -5.04 38.90 -38.24
N PRO A 174 -5.27 37.68 -38.82
CA PRO A 174 -6.09 36.68 -38.15
C PRO A 174 -5.48 36.30 -36.81
N TRP A 175 -4.16 36.10 -36.82
CA TRP A 175 -3.42 35.72 -35.62
C TRP A 175 -3.59 36.81 -34.55
N ILE A 176 -3.36 38.05 -35.03
CA ILE A 176 -3.27 39.20 -34.11
C ILE A 176 -4.61 39.40 -33.44
N ILE A 177 -5.69 39.29 -34.22
CA ILE A 177 -7.05 39.48 -33.70
C ILE A 177 -7.32 38.46 -32.59
N PHE A 178 -6.94 37.21 -32.89
CA PHE A 178 -7.13 36.10 -31.96
C PHE A 178 -6.42 36.38 -30.65
N ASN A 179 -5.17 36.84 -30.79
CA ASN A 179 -4.32 37.14 -29.64
C ASN A 179 -4.97 38.21 -28.78
N VAL A 180 -5.46 39.25 -29.45
CA VAL A 180 -5.97 40.44 -28.76
C VAL A 180 -7.17 40.05 -27.90
N ALA A 181 -8.06 39.29 -28.53
CA ALA A 181 -9.30 38.82 -27.88
C ALA A 181 -8.94 37.99 -26.66
N SER A 182 -7.96 37.10 -26.84
CA SER A 182 -7.51 36.22 -25.76
C SER A 182 -7.01 37.05 -24.57
N ASP A 183 -6.21 38.06 -24.91
CA ASP A 183 -5.62 38.96 -23.92
C ASP A 183 -6.71 39.65 -23.13
N THR A 184 -7.71 40.14 -23.86
CA THR A 184 -8.86 40.84 -23.28
C THR A 184 -9.56 39.94 -22.27
N VAL A 185 -9.78 38.69 -22.72
CA VAL A 185 -10.47 37.70 -21.90
C VAL A 185 -9.69 37.46 -20.61
N PHE A 186 -8.37 37.33 -20.75
CA PHE A 186 -7.55 37.07 -19.57
C PHE A 186 -7.57 38.23 -18.62
N LEU A 187 -7.56 39.45 -19.16
CA LEU A 187 -7.66 40.67 -18.35
C LEU A 187 -8.96 40.66 -17.54
N LEU A 188 -10.04 40.30 -18.24
CA LEU A 188 -11.35 40.23 -17.61
C LEU A 188 -11.35 39.23 -16.45
N ASP A 189 -10.73 38.08 -16.71
CA ASP A 189 -10.61 37.00 -15.72
C ASP A 189 -9.86 37.51 -14.49
N LEU A 190 -8.77 38.23 -14.74
CA LEU A 190 -7.94 38.80 -13.70
C LEU A 190 -8.76 39.74 -12.83
N ILE A 191 -9.54 40.59 -13.50
CA ILE A 191 -10.42 41.56 -12.84
C ILE A 191 -11.41 40.83 -11.92
N MET A 192 -11.99 39.77 -12.47
CA MET A 192 -12.96 38.94 -11.76
C MET A 192 -12.34 38.38 -10.49
N ASN A 193 -11.11 37.87 -10.64
CA ASN A 193 -10.33 37.32 -9.53
C ASN A 193 -10.28 38.27 -8.33
N PHE A 194 -10.12 39.58 -8.52
CA PHE A 194 -10.27 40.54 -7.41
C PHE A 194 -11.65 40.44 -6.75
N ARG A 195 -12.69 40.49 -7.57
CA ARG A 195 -14.08 40.44 -7.11
C ARG A 195 -14.54 39.07 -6.57
N THR A 196 -13.86 38.00 -6.98
CA THR A 196 -14.20 36.64 -6.54
C THR A 196 -13.70 36.37 -5.13
N GLY A 197 -14.50 35.67 -4.33
CA GLY A 197 -14.11 35.27 -2.98
C GLY A 197 -13.19 34.07 -2.95
N THR A 198 -12.40 33.95 -1.88
CA THR A 198 -11.41 32.89 -1.72
C THR A 198 -11.81 31.90 -0.63
N VAL A 199 -11.72 30.60 -0.95
CA VAL A 199 -12.00 29.53 0.02
C VAL A 199 -10.77 29.32 0.92
N ASN A 200 -11.02 29.05 2.20
CA ASN A 200 -9.96 28.80 3.19
C ASN A 200 -10.13 27.41 3.83
N SER A 203 -12.31 26.16 6.98
CA SER A 203 -12.61 27.53 7.38
C SER A 203 -13.64 28.18 6.45
N SER A 204 -14.32 29.21 6.96
CA SER A 204 -15.35 29.93 6.20
C SER A 204 -14.73 30.83 5.13
N GLU A 205 -15.45 31.00 4.02
CA GLU A 205 -14.98 31.78 2.87
C GLU A 205 -15.00 33.28 3.17
N ILE A 206 -13.94 33.98 2.77
CA ILE A 206 -13.81 35.42 3.00
C ILE A 206 -14.46 36.20 1.86
N ILE A 207 -15.58 36.86 2.15
CA ILE A 207 -16.32 37.66 1.17
C ILE A 207 -16.01 39.17 1.25
N LEU A 208 -15.09 39.57 2.14
CA LEU A 208 -14.69 40.98 2.29
C LEU A 208 -13.82 41.43 1.12
N ASP A 209 -14.24 42.52 0.45
CA ASP A 209 -13.55 43.02 -0.76
C ASP A 209 -12.29 43.83 -0.45
N PRO A 210 -12.45 45.06 0.09
CA PRO A 210 -11.38 46.06 0.09
C PRO A 210 -10.04 45.61 0.70
N LYS A 211 -10.11 44.87 1.80
CA LYS A 211 -8.92 44.40 2.52
C LYS A 211 -8.57 42.96 2.21
N VAL A 212 -9.53 42.05 2.44
CA VAL A 212 -9.28 40.61 2.38
C VAL A 212 -9.01 40.08 0.97
N ILE A 213 -9.90 40.40 0.03
CA ILE A 213 -9.79 39.89 -1.35
C ILE A 213 -8.64 40.52 -2.12
N LYS A 214 -8.45 41.83 -1.95
CA LYS A 214 -7.40 42.57 -2.68
C LYS A 214 -5.98 42.23 -2.20
N MET A 215 -5.78 42.20 -0.88
CA MET A 215 -4.46 41.96 -0.29
C MET A 215 -4.00 40.51 -0.39
N ASN A 216 -4.91 39.58 -0.12
CA ASN A 216 -4.60 38.14 -0.18
C ASN A 216 -4.24 37.67 -1.59
N TYR A 217 -4.93 38.20 -2.59
CA TYR A 217 -4.67 37.90 -4.00
C TYR A 217 -3.38 38.55 -4.48
N LEU A 218 -3.21 39.84 -4.16
CA LEU A 218 -2.01 40.60 -4.55
C LEU A 218 -0.71 40.08 -3.91
N LYS A 219 -0.82 39.45 -2.74
CA LYS A 219 0.33 38.88 -2.04
C LYS A 219 0.71 37.44 -2.48
N SER A 220 -0.13 36.80 -3.30
CA SER A 220 0.07 35.39 -3.68
C SER A 220 0.29 35.19 -5.20
N TRP A 221 -0.79 35.30 -5.98
CA TRP A 221 -0.80 34.87 -7.40
C TRP A 221 -0.88 36.00 -8.44
N PHE A 222 -1.13 37.23 -8.01
CA PHE A 222 -1.48 38.32 -8.93
C PHE A 222 -0.48 38.51 -10.06
N VAL A 223 0.81 38.60 -9.71
CA VAL A 223 1.83 39.11 -10.63
C VAL A 223 1.91 38.24 -11.87
N VAL A 224 1.95 36.93 -11.61
CA VAL A 224 2.06 35.93 -12.68
C VAL A 224 0.87 36.04 -13.62
N ASP A 225 -0.31 36.17 -13.02
CA ASP A 225 -1.56 36.29 -13.77
C ASP A 225 -1.52 37.51 -14.66
N PHE A 226 -1.06 38.62 -14.08
CA PHE A 226 -0.95 39.89 -14.79
C PHE A 226 -0.06 39.74 -15.99
N ILE A 227 1.09 39.08 -15.77
CA ILE A 227 2.07 38.86 -16.83
C ILE A 227 1.44 38.07 -17.97
N SER A 228 0.72 37.02 -17.58
CA SER A 228 0.15 36.09 -18.55
C SER A 228 -0.89 36.81 -19.39
N SER A 229 -1.73 37.59 -18.72
CA SER A 229 -2.91 38.17 -19.34
C SER A 229 -2.51 39.17 -20.40
N ILE A 230 -1.63 40.08 -20.02
CA ILE A 230 -1.24 41.21 -20.88
C ILE A 230 -0.44 40.75 -22.08
N PRO A 231 -0.60 41.43 -23.23
CA PRO A 231 0.27 41.20 -24.38
C PRO A 231 1.55 42.03 -24.24
N VAL A 232 2.60 41.41 -23.71
CA VAL A 232 3.84 42.10 -23.39
C VAL A 232 4.63 42.37 -24.65
N ASP A 233 4.69 41.36 -25.52
CA ASP A 233 5.44 41.42 -26.77
C ASP A 233 4.92 42.58 -27.63
N TYR A 234 3.60 42.67 -27.72
CA TYR A 234 2.97 43.72 -28.52
C TYR A 234 3.32 45.08 -27.97
N ILE A 235 3.28 45.20 -26.65
CA ILE A 235 3.62 46.45 -25.96
C ILE A 235 5.05 46.86 -26.31
N PHE A 236 5.94 45.88 -26.25
CA PHE A 236 7.36 46.09 -26.53
C PHE A 236 7.54 46.62 -27.96
N LEU A 237 6.81 45.97 -28.88
CA LEU A 237 6.85 46.33 -30.29
C LEU A 237 6.41 47.78 -30.48
N ILE A 238 5.33 48.12 -29.80
CA ILE A 238 4.75 49.47 -29.84
C ILE A 238 5.79 50.49 -29.38
N VAL A 239 6.44 50.15 -28.27
CA VAL A 239 7.47 51.01 -27.67
C VAL A 239 8.59 51.25 -28.67
N GLU A 240 9.01 50.16 -29.32
CA GLU A 240 10.08 50.20 -30.31
C GLU A 240 9.70 51.14 -31.46
N LYS A 241 8.45 51.00 -31.90
CA LYS A 241 7.90 51.81 -32.98
C LYS A 241 7.95 53.30 -32.62
N GLY A 242 7.45 53.63 -31.43
CA GLY A 242 7.35 55.01 -30.96
C GLY A 242 8.58 55.45 -30.17
N ARG A 252 18.96 44.76 -37.21
CA ARG A 252 18.43 45.00 -35.88
C ARG A 252 16.98 44.56 -35.76
N ALA A 253 16.23 44.71 -36.85
CA ALA A 253 14.82 44.32 -36.89
C ALA A 253 14.67 42.85 -36.57
N LEU A 254 15.53 42.04 -37.18
CA LEU A 254 15.54 40.59 -36.98
C LEU A 254 15.75 40.26 -35.50
N ARG A 255 16.73 40.95 -34.92
CA ARG A 255 17.08 40.78 -33.51
C ARG A 255 15.87 41.08 -32.62
N ILE A 256 15.21 42.20 -32.95
CA ILE A 256 14.03 42.65 -32.22
C ILE A 256 12.95 41.59 -32.28
N VAL A 257 12.74 41.06 -33.47
CA VAL A 257 11.74 40.02 -33.71
C VAL A 257 12.03 38.80 -32.85
N ARG A 258 13.29 38.41 -32.83
CA ARG A 258 13.77 37.26 -32.05
C ARG A 258 13.43 37.48 -30.57
N PHE A 259 13.73 38.69 -30.10
CA PHE A 259 13.50 39.06 -28.71
C PHE A 259 12.01 38.94 -28.38
N THR A 260 11.19 39.44 -29.29
CA THR A 260 9.76 39.55 -29.11
C THR A 260 9.13 38.21 -28.93
N LYS A 261 9.61 37.18 -29.64
CA LYS A 261 9.02 35.85 -29.53
C LYS A 261 9.13 35.33 -28.10
N ILE A 262 10.30 35.53 -27.51
CA ILE A 262 10.58 35.11 -26.14
C ILE A 262 9.59 35.80 -25.18
N LEU A 263 9.41 37.09 -25.40
CA LEU A 263 8.51 37.91 -24.59
C LEU A 263 7.09 37.36 -24.67
N SER A 264 6.68 37.05 -25.91
CA SER A 264 5.35 36.50 -26.19
C SER A 264 5.15 35.20 -25.42
N LEU A 265 6.18 34.35 -25.47
CA LEU A 265 6.17 33.08 -24.76
C LEU A 265 5.96 33.25 -23.26
N LEU A 266 6.02 34.45 -22.68
CA LEU A 266 5.57 34.66 -21.29
C LEU A 266 4.08 34.38 -21.07
N ARG A 267 3.30 34.34 -22.14
CA ARG A 267 1.86 34.06 -22.08
C ARG A 267 1.52 32.59 -21.74
N LEU A 268 2.54 31.73 -21.64
CA LEU A 268 2.35 30.36 -21.13
C LEU A 268 2.10 30.31 -19.62
N LEU A 269 2.40 31.39 -18.90
CA LEU A 269 2.14 31.48 -17.46
C LEU A 269 0.65 31.44 -17.08
N ARG A 270 -0.24 31.46 -18.08
CA ARG A 270 -1.67 31.13 -17.88
C ARG A 270 -1.91 29.70 -17.39
N LEU A 271 -0.92 28.84 -17.60
CA LEU A 271 -0.99 27.44 -17.22
C LEU A 271 -1.20 27.32 -15.73
N SER A 272 -0.53 28.13 -14.93
CA SER A 272 -0.68 28.12 -13.49
C SER A 272 -2.14 28.37 -13.09
N ARG A 273 -2.69 29.40 -13.73
CA ARG A 273 -4.08 29.80 -13.50
C ARG A 273 -5.02 28.65 -13.84
N LEU A 274 -4.76 28.03 -14.98
CA LEU A 274 -5.54 26.90 -15.46
C LEU A 274 -5.54 25.77 -14.44
N ILE A 275 -4.34 25.48 -13.95
CA ILE A 275 -4.11 24.43 -12.96
C ILE A 275 -4.96 24.70 -11.72
N ARG A 276 -4.89 25.96 -11.27
CA ARG A 276 -5.62 26.40 -10.08
C ARG A 276 -7.12 26.16 -10.27
N TYR A 277 -7.59 26.56 -11.45
CA TYR A 277 -9.00 26.44 -11.80
C TYR A 277 -9.43 24.98 -11.76
N ILE A 278 -8.59 24.13 -12.33
CA ILE A 278 -8.84 22.69 -12.41
C ILE A 278 -8.94 22.13 -11.01
N HIS A 279 -8.04 22.55 -10.12
CA HIS A 279 -7.95 21.89 -8.81
C HIS A 279 -9.26 22.10 -8.03
N GLN A 280 -9.66 23.36 -8.02
CA GLN A 280 -10.85 23.81 -7.29
C GLN A 280 -12.08 23.08 -7.84
N TRP A 281 -12.15 23.06 -9.17
CA TRP A 281 -13.31 22.44 -9.82
C TRP A 281 -13.34 20.97 -9.53
N GLU A 282 -12.18 20.32 -9.54
CA GLU A 282 -12.10 18.90 -9.23
C GLU A 282 -12.59 18.62 -7.83
N GLU A 283 -12.18 19.47 -6.89
CA GLU A 283 -12.60 19.36 -5.49
C GLU A 283 -14.13 19.45 -5.39
N ILE A 284 -14.67 20.42 -6.10
CA ILE A 284 -16.12 20.64 -6.12
C ILE A 284 -16.84 19.39 -6.65
N PHE A 285 -16.29 18.86 -7.73
CA PHE A 285 -16.86 17.68 -8.37
C PHE A 285 -16.84 16.51 -7.43
N HIS A 286 -15.76 16.35 -6.67
CA HIS A 286 -15.63 15.29 -5.67
C HIS A 286 -16.78 15.37 -4.67
N MET A 287 -17.02 16.58 -4.20
CA MET A 287 -18.10 16.83 -3.23
C MET A 287 -19.45 16.46 -3.83
N THR A 288 -19.62 16.87 -5.08
CA THR A 288 -20.85 16.62 -5.85
C THR A 288 -21.09 15.14 -6.28
N TYR A 289 -20.26 14.66 -7.20
CA TYR A 289 -20.55 13.42 -7.96
C TYR A 289 -19.87 12.15 -7.44
N ASP A 290 -19.06 12.26 -6.39
CA ASP A 290 -18.29 11.13 -5.82
C ASP A 290 -17.42 10.47 -6.90
N LEU A 291 -16.48 11.24 -7.42
CA LEU A 291 -15.55 10.77 -8.47
C LEU A 291 -14.44 9.96 -7.81
N ALA A 292 -13.87 9.03 -8.57
CA ALA A 292 -12.72 8.23 -8.12
C ALA A 292 -11.44 9.07 -8.21
N SER A 293 -10.84 9.36 -7.05
CA SER A 293 -9.74 10.30 -6.90
C SER A 293 -8.55 9.93 -7.75
N ALA A 294 -8.21 8.64 -7.66
CA ALA A 294 -7.09 8.07 -8.40
C ALA A 294 -7.22 8.32 -9.89
N VAL A 295 -8.43 8.03 -10.37
CA VAL A 295 -8.78 8.18 -11.78
C VAL A 295 -8.58 9.63 -12.21
N VAL A 296 -9.07 10.53 -11.38
CA VAL A 296 -8.99 11.97 -11.62
C VAL A 296 -7.52 12.39 -11.76
N ARG A 297 -6.73 11.91 -10.81
CA ARG A 297 -5.33 12.35 -10.68
C ARG A 297 -4.56 11.93 -11.94
N ILE A 298 -4.78 10.66 -12.31
CA ILE A 298 -4.11 10.09 -13.49
C ILE A 298 -4.50 10.88 -14.73
N PHE A 299 -5.80 11.20 -14.84
CA PHE A 299 -6.30 11.95 -15.99
C PHE A 299 -5.60 13.30 -16.10
N ASN A 300 -5.49 13.96 -14.94
CA ASN A 300 -4.82 15.27 -14.85
C ASN A 300 -3.40 15.18 -15.39
N LEU A 301 -2.72 14.14 -14.88
CA LEU A 301 -1.32 13.90 -15.21
C LEU A 301 -1.18 13.68 -16.69
N ILE A 302 -2.09 12.90 -17.29
CA ILE A 302 -2.04 12.60 -18.71
C ILE A 302 -2.06 13.89 -19.54
N GLY A 303 -3.01 14.75 -19.16
CA GLY A 303 -3.20 16.04 -19.82
C GLY A 303 -1.93 16.87 -19.75
N MET A 304 -1.38 16.90 -18.54
CA MET A 304 -0.15 17.66 -18.27
C MET A 304 0.98 17.17 -19.16
N MET A 305 1.11 15.85 -19.23
CA MET A 305 2.15 15.19 -20.01
C MET A 305 2.02 15.58 -21.46
N LEU A 306 0.78 15.54 -21.96
CA LEU A 306 0.49 15.87 -23.36
C LEU A 306 0.94 17.29 -23.64
N LEU A 307 0.54 18.19 -22.74
CA LEU A 307 0.84 19.61 -22.89
C LEU A 307 2.35 19.82 -22.90
N LEU A 308 2.99 19.15 -21.94
CA LEU A 308 4.45 19.26 -21.77
C LEU A 308 5.15 18.75 -23.00
N CYS A 309 4.65 17.63 -23.54
CA CYS A 309 5.23 17.03 -24.74
C CYS A 309 5.17 18.01 -25.90
N HIS A 310 4.00 18.63 -26.04
CA HIS A 310 3.74 19.59 -27.10
C HIS A 310 4.73 20.76 -27.00
N TRP A 311 4.88 21.23 -25.76
CA TRP A 311 5.77 22.36 -25.49
C TRP A 311 7.19 22.01 -25.86
N ASP A 312 7.60 20.79 -25.49
CA ASP A 312 8.95 20.30 -25.78
C ASP A 312 9.19 20.28 -27.27
N GLY A 313 8.19 19.79 -28.00
CA GLY A 313 8.25 19.69 -29.46
C GLY A 313 8.46 21.08 -30.05
N CYS A 314 7.68 22.03 -29.54
CA CYS A 314 7.75 23.41 -30.02
C CYS A 314 9.17 23.98 -29.77
N LEU A 315 9.63 23.72 -28.56
CA LEU A 315 10.86 24.26 -28.03
C LEU A 315 12.04 23.78 -28.85
N GLN A 316 12.00 22.48 -29.22
CA GLN A 316 13.12 21.88 -29.94
C GLN A 316 13.38 22.58 -31.25
N PHE A 317 12.32 22.94 -31.95
CA PHE A 317 12.40 23.75 -33.19
C PHE A 317 12.64 25.24 -32.91
N LEU A 318 12.00 25.69 -31.83
CA LEU A 318 12.00 27.07 -31.40
C LEU A 318 13.39 27.57 -31.21
N VAL A 319 14.23 26.77 -30.53
CA VAL A 319 15.59 27.22 -30.28
C VAL A 319 16.36 27.42 -31.59
N PRO A 320 16.17 26.48 -32.53
CA PRO A 320 16.80 26.62 -33.83
C PRO A 320 16.35 27.88 -34.55
N LEU A 321 15.05 28.15 -34.47
CA LEU A 321 14.46 29.34 -35.06
C LEU A 321 15.13 30.60 -34.48
N LEU A 322 15.26 30.60 -33.16
CA LEU A 322 15.85 31.72 -32.45
C LEU A 322 17.31 31.92 -32.89
N GLN A 323 18.03 30.80 -32.99
CA GLN A 323 19.44 30.80 -33.37
C GLN A 323 19.70 30.92 -34.89
N ASP A 324 18.65 31.11 -35.69
CA ASP A 324 18.75 31.39 -37.13
C ASP A 324 19.11 30.17 -37.98
N PHE A 325 18.72 28.97 -37.51
CA PHE A 325 18.98 27.71 -38.20
C PHE A 325 20.46 27.52 -38.56
N PRO A 326 21.32 27.28 -37.55
CA PRO A 326 22.74 27.06 -37.80
C PRO A 326 22.99 25.73 -38.52
N PRO A 327 24.18 25.57 -39.15
CA PRO A 327 24.43 24.42 -40.02
C PRO A 327 24.50 23.07 -39.29
N ASP A 328 24.89 23.07 -38.02
CA ASP A 328 25.01 21.84 -37.22
C ASP A 328 23.91 21.70 -36.16
N CYS A 329 22.65 21.78 -36.60
CA CYS A 329 21.48 21.53 -35.74
C CYS A 329 20.55 20.55 -36.44
N TRP A 330 19.60 19.99 -35.69
CA TRP A 330 18.75 18.90 -36.20
C TRP A 330 17.82 19.28 -37.36
N VAL A 331 17.46 20.56 -37.45
CA VAL A 331 16.59 21.02 -38.53
C VAL A 331 17.38 21.14 -39.84
N SER A 332 18.55 21.77 -39.76
CA SER A 332 19.44 21.93 -40.92
C SER A 332 20.08 20.62 -41.37
N LEU A 333 20.43 19.74 -40.42
CA LEU A 333 21.07 18.47 -40.74
C LEU A 333 20.14 17.45 -41.43
N ASN A 334 18.86 17.49 -41.11
CA ASN A 334 17.85 16.68 -41.81
C ASN A 334 17.38 17.29 -43.13
N GLU A 335 17.72 18.56 -43.37
CA GLU A 335 17.40 19.28 -44.60
C GLU A 335 15.89 19.52 -44.72
N MET A 336 15.30 20.02 -43.63
CA MET A 336 13.87 20.31 -43.54
C MET A 336 13.64 21.70 -42.94
N VAL A 337 14.31 22.69 -43.52
CA VAL A 337 14.16 24.08 -43.13
C VAL A 337 12.97 24.67 -43.87
N ASN A 338 12.94 24.47 -45.19
CA ASN A 338 11.89 25.01 -46.05
C ASN A 338 10.72 24.02 -46.31
N ASP A 339 10.65 22.93 -45.56
CA ASP A 339 9.52 22.00 -45.63
C ASP A 339 8.26 22.62 -45.05
N SER A 340 7.12 21.99 -45.31
CA SER A 340 5.82 22.47 -44.82
C SER A 340 5.81 22.47 -43.30
N TRP A 341 5.19 23.51 -42.73
CA TRP A 341 5.25 23.78 -41.30
C TRP A 341 4.78 22.57 -40.50
N GLY A 342 3.67 21.99 -40.97
CA GLY A 342 2.97 20.93 -40.26
C GLY A 342 3.88 19.74 -40.06
N LYS A 343 4.56 19.36 -41.13
CA LYS A 343 5.49 18.23 -41.14
C LYS A 343 6.58 18.44 -40.10
N GLN A 344 7.12 19.67 -40.13
CA GLN A 344 8.20 20.06 -39.21
C GLN A 344 7.74 19.90 -37.78
N TYR A 345 6.53 20.41 -37.53
CA TYR A 345 5.92 20.37 -36.19
C TYR A 345 5.79 18.95 -35.72
N SER A 346 5.30 18.10 -36.62
CA SER A 346 5.10 16.67 -36.33
C SER A 346 6.41 16.04 -35.93
N TYR A 347 7.45 16.34 -36.71
CA TYR A 347 8.78 15.79 -36.47
C TYR A 347 9.27 16.20 -35.08
N ALA A 348 9.08 17.48 -34.78
CA ALA A 348 9.50 18.06 -33.50
C ALA A 348 8.81 17.33 -32.36
N LEU A 349 7.51 17.13 -32.53
CA LEU A 349 6.70 16.47 -31.51
C LEU A 349 7.19 15.07 -31.28
N PHE A 350 7.49 14.37 -32.38
CA PHE A 350 8.01 13.00 -32.34
C PHE A 350 9.30 12.95 -31.54
N LYS A 351 10.17 13.92 -31.82
CA LYS A 351 11.47 14.03 -31.15
C LYS A 351 11.25 14.20 -29.63
N ALA A 352 10.34 15.10 -29.31
CA ALA A 352 10.01 15.38 -27.92
C ALA A 352 9.43 14.13 -27.24
N MET A 353 8.52 13.52 -27.98
CA MET A 353 7.71 12.42 -27.47
C MET A 353 8.58 11.25 -27.15
N SER A 354 9.59 10.98 -27.98
CA SER A 354 10.53 9.88 -27.75
C SER A 354 11.24 10.08 -26.41
N HIS A 355 11.67 11.32 -26.19
CA HIS A 355 12.37 11.66 -24.94
C HIS A 355 11.45 11.46 -23.75
N MET A 356 10.19 11.87 -23.90
CA MET A 356 9.19 11.65 -22.86
C MET A 356 9.02 10.19 -22.50
N LEU A 357 8.88 9.32 -23.50
CA LEU A 357 8.58 7.90 -23.27
C LEU A 357 9.83 6.99 -23.31
N CYS A 358 11.01 7.61 -23.39
CA CYS A 358 12.31 6.92 -23.28
C CYS A 358 12.71 6.08 -24.50
N ILE A 359 12.22 6.43 -25.68
CA ILE A 359 12.41 5.61 -26.88
C ILE A 359 13.77 5.85 -27.51
N GLY A 360 14.13 7.11 -27.71
CA GLY A 360 15.38 7.44 -28.36
C GLY A 360 15.50 8.89 -28.78
N TYR A 361 16.41 9.12 -29.73
CA TYR A 361 16.69 10.46 -30.25
C TYR A 361 15.89 10.66 -31.53
N GLY A 362 16.06 11.80 -32.18
CA GLY A 362 15.41 12.06 -33.46
C GLY A 362 16.08 11.31 -34.60
N ALA A 363 16.59 12.06 -35.58
CA ALA A 363 17.38 11.48 -36.67
C ALA A 363 18.74 11.00 -36.16
N GLN A 364 19.42 11.85 -35.39
CA GLN A 364 20.78 11.63 -34.93
C GLN A 364 20.99 12.20 -33.53
N ALA A 365 21.98 11.66 -32.82
CA ALA A 365 22.41 12.22 -31.53
C ALA A 365 22.92 13.65 -31.72
N PRO A 366 22.54 14.58 -30.80
CA PRO A 366 22.90 16.00 -30.97
C PRO A 366 24.38 16.28 -31.23
N VAL A 367 24.64 17.36 -31.98
CA VAL A 367 25.98 17.78 -32.35
C VAL A 367 26.32 19.13 -31.70
N SER A 368 25.51 20.16 -31.98
CA SER A 368 25.67 21.48 -31.36
C SER A 368 25.30 21.43 -29.88
N MET A 369 25.97 22.28 -29.10
CA MET A 369 25.88 22.20 -27.64
C MET A 369 24.47 22.49 -27.17
N SER A 370 23.90 23.56 -27.73
CA SER A 370 22.59 24.06 -27.34
C SER A 370 21.54 22.98 -27.51
N ASP A 371 21.59 22.36 -28.69
CA ASP A 371 20.66 21.28 -29.07
C ASP A 371 20.74 20.14 -28.07
N LEU A 372 21.98 19.77 -27.76
CA LEU A 372 22.30 18.68 -26.83
C LEU A 372 21.66 18.98 -25.47
N TRP A 373 21.87 20.21 -25.03
CA TRP A 373 21.36 20.65 -23.73
C TRP A 373 19.85 20.57 -23.69
N ILE A 374 19.23 21.02 -24.79
CA ILE A 374 17.77 20.99 -24.93
C ILE A 374 17.26 19.56 -24.81
N THR A 375 17.95 18.67 -25.52
CA THR A 375 17.62 17.24 -25.53
C THR A 375 17.65 16.68 -24.12
N MET A 376 18.73 17.03 -23.41
CA MET A 376 18.95 16.58 -22.04
C MET A 376 17.80 17.03 -21.16
N LEU A 377 17.44 18.29 -21.32
CA LEU A 377 16.35 18.91 -20.55
C LEU A 377 15.06 18.14 -20.77
N SER A 378 14.80 17.86 -22.05
CA SER A 378 13.59 17.15 -22.46
C SER A 378 13.53 15.79 -21.81
N MET A 379 14.69 15.11 -21.84
CA MET A 379 14.83 13.76 -21.27
C MET A 379 14.50 13.80 -19.80
N ILE A 380 15.05 14.80 -19.11
CA ILE A 380 14.83 14.96 -17.67
C ILE A 380 13.31 15.09 -17.40
N VAL A 381 12.75 16.02 -18.17
CA VAL A 381 11.32 16.34 -18.05
C VAL A 381 10.49 15.13 -18.40
N GLY A 382 10.89 14.48 -19.49
CA GLY A 382 10.21 13.29 -20.00
C GLY A 382 10.26 12.20 -18.96
N ALA A 383 11.47 12.01 -18.42
CA ALA A 383 11.75 10.84 -17.57
C ALA A 383 10.93 10.94 -16.31
N THR A 384 10.97 12.14 -15.71
CA THR A 384 10.23 12.42 -14.47
C THR A 384 8.75 12.20 -14.70
N CYS A 385 8.26 12.71 -15.84
CA CYS A 385 6.84 12.59 -16.18
C CYS A 385 6.44 11.14 -16.26
N TYR A 386 7.29 10.34 -16.92
CA TYR A 386 7.02 8.92 -17.10
C TYR A 386 6.96 8.23 -15.76
N ALA A 387 7.90 8.58 -14.88
CA ALA A 387 7.96 8.01 -13.54
C ALA A 387 6.65 8.29 -12.79
N MET A 388 6.23 9.55 -12.89
CA MET A 388 5.01 10.00 -12.24
C MET A 388 3.81 9.21 -12.74
N PHE A 389 3.76 9.04 -14.05
CA PHE A 389 2.69 8.30 -14.72
C PHE A 389 2.63 6.90 -14.22
N VAL A 390 3.80 6.27 -14.12
CA VAL A 390 3.93 4.89 -13.64
C VAL A 390 3.36 4.78 -12.23
N GLY A 391 3.75 5.75 -11.40
CA GLY A 391 3.31 5.79 -10.01
C GLY A 391 1.80 5.87 -9.93
N HIS A 392 1.25 6.77 -10.76
CA HIS A 392 -0.19 6.98 -10.81
C HIS A 392 -0.91 5.72 -11.22
N ALA A 393 -0.36 5.04 -12.22
CA ALA A 393 -0.92 3.79 -12.73
C ALA A 393 -0.98 2.76 -11.62
N THR A 394 0.14 2.67 -10.89
CA THR A 394 0.26 1.72 -9.78
C THR A 394 -0.83 1.99 -8.75
N ALA A 395 -0.97 3.27 -8.42
CA ALA A 395 -1.96 3.71 -7.45
C ALA A 395 -3.36 3.30 -7.87
N LEU A 396 -3.64 3.55 -9.15
CA LEU A 396 -4.94 3.24 -9.74
C LEU A 396 -5.22 1.76 -9.63
N ILE A 397 -4.20 0.96 -9.96
CA ILE A 397 -4.34 -0.50 -9.94
C ILE A 397 -4.65 -0.95 -8.51
N GLN A 398 -3.94 -0.37 -7.54
CA GLN A 398 -4.14 -0.72 -6.14
C GLN A 398 -5.57 -0.40 -5.71
N SER A 399 -6.05 0.77 -6.15
CA SER A 399 -7.40 1.22 -5.83
C SER A 399 -8.42 0.23 -6.38
N LEU A 400 -8.19 -0.20 -7.63
CA LEU A 400 -9.24 -0.91 -8.37
C LEU A 400 -9.62 -2.23 -7.73
N ASP A 401 -8.62 -3.02 -7.33
CA ASP A 401 -8.91 -4.34 -6.73
C ASP A 401 -8.74 -4.33 -5.20
N SER A 402 -9.11 -3.23 -4.55
CA SER A 402 -8.66 -3.00 -3.18
C SER A 402 -9.39 -3.91 -2.23
N SER A 403 -10.71 -3.99 -2.40
CA SER A 403 -11.58 -4.78 -1.55
C SER A 403 -11.14 -6.24 -1.53
N ARG A 404 -10.94 -6.74 -2.74
CA ARG A 404 -10.53 -8.12 -3.00
C ARG A 404 -9.21 -8.40 -2.29
N ARG A 405 -8.28 -7.45 -2.47
CA ARG A 405 -6.95 -7.53 -1.88
C ARG A 405 -7.04 -7.66 -0.37
N GLN A 406 -7.89 -6.80 0.21
CA GLN A 406 -8.11 -6.76 1.65
C GLN A 406 -8.57 -8.11 2.16
N TYR A 407 -9.52 -8.71 1.42
CA TYR A 407 -10.05 -10.02 1.80
C TYR A 407 -8.94 -11.05 1.86
N GLN A 408 -8.11 -11.03 0.82
CA GLN A 408 -6.99 -11.96 0.71
C GLN A 408 -6.04 -11.80 1.88
N GLU A 409 -5.76 -10.53 2.20
CA GLU A 409 -4.87 -10.19 3.31
C GLU A 409 -5.41 -10.77 4.61
N LYS A 410 -6.71 -10.57 4.81
CA LYS A 410 -7.39 -11.05 6.00
C LYS A 410 -7.27 -12.56 6.12
N TYR A 411 -7.49 -13.23 4.99
CA TYR A 411 -7.42 -14.68 4.93
C TYR A 411 -6.04 -15.17 5.28
N LYS A 412 -5.02 -14.47 4.77
CA LYS A 412 -3.62 -14.79 5.06
C LYS A 412 -3.36 -14.80 6.57
N GLN A 413 -3.99 -13.89 7.31
CA GLN A 413 -3.82 -13.87 8.75
C GLN A 413 -4.34 -15.14 9.39
N VAL A 414 -5.48 -15.60 8.92
CA VAL A 414 -6.09 -16.84 9.40
C VAL A 414 -5.14 -18.01 9.16
N GLU A 415 -4.57 -18.04 7.95
CA GLU A 415 -3.62 -19.08 7.56
C GLU A 415 -2.43 -19.09 8.50
N GLN A 416 -1.93 -17.89 8.78
CA GLN A 416 -0.78 -17.70 9.67
C GLN A 416 -1.09 -18.24 11.04
N TYR A 417 -2.28 -17.93 11.53
CA TYR A 417 -2.76 -18.38 12.84
C TYR A 417 -2.74 -19.91 12.90
N MET A 418 -3.27 -20.51 11.84
CA MET A 418 -3.35 -21.97 11.71
C MET A 418 -1.95 -22.57 11.78
N SER A 419 -1.04 -21.95 11.03
CA SER A 419 0.35 -22.38 10.95
C SER A 419 0.99 -22.35 12.35
N PHE A 420 0.74 -21.26 13.05
CA PHE A 420 1.25 -21.04 14.40
C PHE A 420 0.78 -22.16 15.32
N HIS A 421 -0.51 -22.48 15.21
CA HIS A 421 -1.06 -23.61 15.99
C HIS A 421 -0.80 -25.01 15.40
N LYS A 422 -0.25 -25.08 14.20
CA LYS A 422 0.21 -26.32 13.56
C LYS A 422 -0.93 -27.31 13.42
N LEU A 423 -2.02 -26.85 12.79
CA LEU A 423 -3.25 -27.63 12.72
C LEU A 423 -3.15 -28.73 11.66
N PRO A 424 -3.99 -29.79 11.78
CA PRO A 424 -4.03 -30.82 10.74
C PRO A 424 -4.63 -30.30 9.45
N ALA A 425 -4.31 -30.95 8.33
CA ALA A 425 -4.70 -30.46 7.02
C ALA A 425 -6.21 -30.40 6.88
N ASP A 426 -6.87 -31.45 7.38
CA ASP A 426 -8.32 -31.58 7.32
C ASP A 426 -8.99 -30.39 7.97
N MET A 427 -8.50 -30.07 9.16
CA MET A 427 -9.00 -28.96 9.97
C MET A 427 -8.91 -27.66 9.19
N ARG A 428 -7.74 -27.47 8.59
CA ARG A 428 -7.44 -26.27 7.80
C ARG A 428 -8.42 -26.14 6.65
N GLN A 429 -8.64 -27.27 5.97
CA GLN A 429 -9.56 -27.34 4.84
C GLN A 429 -10.95 -26.93 5.26
N LYS A 430 -11.37 -27.48 6.40
CA LYS A 430 -12.69 -27.21 6.97
C LYS A 430 -12.85 -25.72 7.21
N ILE A 431 -11.81 -25.14 7.83
CA ILE A 431 -11.81 -23.72 8.17
C ILE A 431 -11.96 -22.88 6.90
N HIS A 432 -11.20 -23.26 5.87
CA HIS A 432 -11.21 -22.59 4.58
C HIS A 432 -12.63 -22.59 3.99
N ASP A 433 -13.23 -23.77 4.06
CA ASP A 433 -14.58 -23.98 3.54
C ASP A 433 -15.57 -23.06 4.25
N TYR A 434 -15.43 -23.03 5.57
CA TYR A 434 -16.28 -22.20 6.43
C TYR A 434 -16.18 -20.75 6.04
N TYR A 435 -14.93 -20.31 5.84
CA TYR A 435 -14.64 -18.92 5.48
C TYR A 435 -15.31 -18.58 4.16
N GLU A 436 -15.19 -19.51 3.21
CA GLU A 436 -15.77 -19.33 1.88
C GLU A 436 -17.30 -19.16 2.01
N HIS A 437 -17.88 -20.04 2.81
CA HIS A 437 -19.32 -20.00 2.97
C HIS A 437 -19.72 -18.76 3.76
N ARG A 438 -18.97 -18.52 4.84
CA ARG A 438 -19.29 -17.45 5.78
C ARG A 438 -19.23 -16.09 5.12
N TYR A 439 -18.13 -15.78 4.44
CA TYR A 439 -17.90 -14.42 3.94
C TYR A 439 -17.99 -14.26 2.42
N GLN A 440 -17.92 -15.35 1.66
CA GLN A 440 -18.10 -15.31 0.20
C GLN A 440 -17.10 -14.37 -0.48
N GLY A 441 -15.83 -14.49 -0.09
CA GLY A 441 -14.76 -13.72 -0.71
C GLY A 441 -14.77 -12.22 -0.45
N LYS A 442 -15.54 -11.79 0.56
CA LYS A 442 -15.73 -10.38 0.85
C LYS A 442 -15.16 -10.05 2.22
N ILE A 443 -14.93 -8.76 2.45
CA ILE A 443 -14.43 -8.26 3.72
C ILE A 443 -15.32 -7.11 4.19
N PHE A 444 -15.81 -7.22 5.42
CA PHE A 444 -16.62 -6.18 6.06
C PHE A 444 -16.80 -6.50 7.53
N ASP A 445 -16.65 -5.50 8.39
CA ASP A 445 -17.01 -5.63 9.80
C ASP A 445 -18.48 -5.23 9.89
N GLU A 446 -19.36 -6.21 10.12
CA GLU A 446 -20.79 -5.96 10.07
C GLU A 446 -21.18 -4.95 11.14
N GLU A 447 -20.72 -5.27 12.35
CA GLU A 447 -21.08 -4.53 13.55
C GLU A 447 -20.69 -3.08 13.42
N ASN A 448 -19.46 -2.87 12.97
CA ASN A 448 -18.89 -1.53 12.79
C ASN A 448 -19.75 -0.74 11.82
N ILE A 449 -20.09 -1.39 10.71
CA ILE A 449 -20.90 -0.77 9.65
C ILE A 449 -22.25 -0.34 10.22
N LEU A 450 -22.85 -1.24 11.00
CA LEU A 450 -24.15 -0.99 11.61
C LEU A 450 -24.07 0.22 12.53
N ASN A 451 -23.00 0.27 13.32
CA ASN A 451 -22.76 1.38 14.25
C ASN A 451 -22.68 2.70 13.49
N GLU A 452 -21.93 2.66 12.39
CA GLU A 452 -21.77 3.83 11.51
C GLU A 452 -23.11 4.34 11.02
N LEU A 453 -24.04 3.45 10.67
CA LEU A 453 -25.38 3.85 10.21
C LEU A 453 -26.25 4.44 11.33
N ASN A 454 -27.34 5.10 10.95
CA ASN A 454 -28.37 5.54 11.91
C ASN A 454 -29.30 4.39 12.25
N ASP A 455 -30.26 4.64 13.15
CA ASP A 455 -31.17 3.59 13.62
C ASP A 455 -32.16 3.14 12.58
N PRO A 456 -32.84 4.10 11.91
CA PRO A 456 -33.89 3.76 10.95
C PRO A 456 -33.36 2.89 9.84
N LEU A 457 -32.19 3.27 9.33
CA LEU A 457 -31.53 2.53 8.24
C LEU A 457 -31.26 1.10 8.68
N ARG A 458 -30.73 0.98 9.89
CA ARG A 458 -30.41 -0.32 10.49
C ARG A 458 -31.65 -1.20 10.55
N GLU A 459 -32.73 -0.59 11.03
CA GLU A 459 -34.02 -1.26 11.18
C GLU A 459 -34.49 -1.79 9.84
N GLU A 460 -34.39 -0.93 8.83
CA GLU A 460 -34.80 -1.25 7.47
C GLU A 460 -34.03 -2.46 6.95
N ILE A 461 -32.72 -2.42 7.18
CA ILE A 461 -31.81 -3.48 6.75
C ILE A 461 -32.22 -4.80 7.39
N VAL A 462 -32.49 -4.73 8.69
CA VAL A 462 -32.85 -5.91 9.46
C VAL A 462 -34.16 -6.50 8.92
N ASN A 463 -35.11 -5.62 8.62
CA ASN A 463 -36.40 -6.03 8.08
C ASN A 463 -36.20 -6.76 6.76
N PHE A 464 -35.35 -6.19 5.92
CA PHE A 464 -35.05 -6.77 4.61
C PHE A 464 -34.47 -8.16 4.77
N ASN A 465 -33.54 -8.28 5.72
CA ASN A 465 -32.90 -9.56 6.04
C ASN A 465 -33.86 -10.59 6.68
N CYS A 466 -34.42 -10.23 7.84
CA CYS A 466 -34.99 -11.22 8.77
C CYS A 466 -36.51 -11.16 9.05
N ARG A 467 -37.21 -10.15 8.53
CA ARG A 467 -38.66 -10.06 8.74
C ARG A 467 -39.40 -11.27 8.18
N LYS A 468 -38.99 -11.73 6.99
CA LYS A 468 -39.53 -12.94 6.37
C LYS A 468 -39.28 -14.20 7.20
N LEU A 469 -38.12 -14.28 7.86
CA LEU A 469 -37.77 -15.41 8.71
C LEU A 469 -38.61 -15.45 9.99
N VAL A 470 -38.67 -14.32 10.70
CA VAL A 470 -39.38 -14.23 11.98
C VAL A 470 -40.91 -14.18 11.85
N ALA A 471 -41.42 -13.61 10.75
CA ALA A 471 -42.86 -13.52 10.52
C ALA A 471 -43.51 -14.88 10.28
N THR A 472 -42.81 -15.76 9.56
CA THR A 472 -43.26 -17.15 9.33
C THR A 472 -43.45 -17.93 10.64
N MET A 473 -42.67 -17.59 11.67
CA MET A 473 -42.86 -18.15 13.01
C MET A 473 -44.17 -17.61 13.60
N PRO A 474 -45.04 -18.50 14.13
CA PRO A 474 -46.34 -18.08 14.65
C PRO A 474 -46.31 -17.32 15.99
N LEU A 475 -45.19 -17.37 16.71
CA LEU A 475 -45.02 -16.62 17.96
C LEU A 475 -45.02 -15.09 17.73
N PHE A 476 -44.42 -14.65 16.62
CA PHE A 476 -44.25 -13.23 16.31
C PHE A 476 -45.33 -12.64 15.36
N ALA A 477 -46.34 -13.44 15.01
CA ALA A 477 -47.43 -12.97 14.14
C ALA A 477 -48.40 -12.07 14.91
N ASN A 478 -48.86 -12.55 16.06
CA ASN A 478 -49.78 -11.79 16.92
C ASN A 478 -49.12 -10.67 17.73
N ALA A 479 -47.78 -10.69 17.83
CA ALA A 479 -47.04 -9.68 18.60
C ALA A 479 -47.02 -8.31 17.93
N ASP A 480 -46.64 -7.30 18.72
CA ASP A 480 -46.56 -5.92 18.24
C ASP A 480 -45.32 -5.72 17.35
N PRO A 481 -45.38 -4.75 16.40
CA PRO A 481 -44.32 -4.55 15.41
C PRO A 481 -43.03 -4.07 16.06
N ASN A 482 -43.17 -3.20 17.05
CA ASN A 482 -42.03 -2.63 17.76
C ASN A 482 -41.20 -3.74 18.40
N PHE A 483 -41.92 -4.66 19.05
CA PHE A 483 -41.30 -5.81 19.73
C PHE A 483 -40.50 -6.63 18.73
N VAL A 484 -41.13 -6.88 17.59
CA VAL A 484 -40.52 -7.66 16.50
C VAL A 484 -39.22 -7.00 16.06
N THR A 485 -39.30 -5.69 15.86
CA THR A 485 -38.17 -4.88 15.43
C THR A 485 -37.02 -5.02 16.42
N ALA A 486 -37.37 -4.92 17.70
CA ALA A 486 -36.40 -5.01 18.80
C ALA A 486 -35.69 -6.37 18.75
N MET A 487 -36.50 -7.41 18.56
CA MET A 487 -36.00 -8.78 18.51
C MET A 487 -35.00 -8.93 17.37
N LEU A 488 -35.38 -8.37 16.21
CA LEU A 488 -34.65 -8.66 14.99
C LEU A 488 -33.24 -8.11 15.07
N SER A 489 -33.11 -6.90 15.63
CA SER A 489 -31.82 -6.25 15.78
C SER A 489 -30.86 -7.13 16.60
N LYS A 490 -31.39 -7.65 17.69
CA LYS A 490 -30.64 -8.56 18.56
C LYS A 490 -30.05 -9.75 17.81
N LEU A 491 -30.80 -10.37 16.90
CA LEU A 491 -30.36 -11.61 16.17
C LEU A 491 -28.93 -11.56 15.65
N ARG A 492 -28.21 -12.67 15.76
CA ARG A 492 -26.81 -12.77 15.31
C ARG A 492 -26.61 -13.88 14.29
N PHE A 493 -26.18 -13.50 13.10
CA PHE A 493 -26.02 -14.43 11.97
C PHE A 493 -24.95 -15.48 12.25
N GLU A 494 -25.21 -16.72 11.83
CA GLU A 494 -24.25 -17.82 11.99
C GLU A 494 -24.27 -18.76 10.79
N VAL A 495 -23.16 -19.48 10.62
CA VAL A 495 -23.02 -20.51 9.58
C VAL A 495 -22.52 -21.80 10.24
N PHE A 496 -22.96 -22.92 9.67
CA PHE A 496 -22.53 -24.25 10.12
C PHE A 496 -22.19 -25.13 8.92
N GLN A 497 -21.13 -25.92 9.07
CA GLN A 497 -20.69 -26.84 8.03
C GLN A 497 -21.49 -28.13 8.11
N PRO A 498 -21.61 -28.87 6.99
CA PRO A 498 -22.34 -30.14 7.03
C PRO A 498 -21.61 -31.17 7.89
N GLY A 499 -22.39 -31.95 8.65
CA GLY A 499 -21.84 -32.87 9.64
C GLY A 499 -21.32 -32.15 10.87
N ASP A 500 -22.10 -31.18 11.35
CA ASP A 500 -21.77 -30.40 12.55
C ASP A 500 -23.00 -30.31 13.44
N TYR A 501 -22.80 -30.55 14.73
CA TYR A 501 -23.89 -30.51 15.71
C TYR A 501 -24.10 -29.07 16.19
N ILE A 502 -25.27 -28.53 15.87
CA ILE A 502 -25.63 -27.15 16.24
C ILE A 502 -26.08 -27.16 17.70
N ILE A 503 -27.08 -27.98 17.99
CA ILE A 503 -27.57 -28.23 19.36
C ILE A 503 -27.38 -29.71 19.66
N ARG A 504 -27.23 -30.04 20.96
CA ARG A 504 -26.96 -31.42 21.40
C ARG A 504 -27.99 -31.91 22.42
N GLU A 505 -28.11 -33.24 22.51
CA GLU A 505 -29.03 -33.89 23.45
C GLU A 505 -28.42 -33.87 24.85
N GLY A 506 -29.11 -33.21 25.79
CA GLY A 506 -28.66 -33.13 27.18
C GLY A 506 -27.83 -31.90 27.56
N ALA A 507 -27.26 -31.23 26.57
CA ALA A 507 -26.48 -30.01 26.80
C ALA A 507 -27.41 -28.79 26.87
N VAL A 508 -27.13 -27.88 27.79
CA VAL A 508 -27.94 -26.67 27.99
C VAL A 508 -27.79 -25.68 26.85
N GLY A 509 -28.89 -25.43 26.14
CA GLY A 509 -28.92 -24.51 24.99
C GLY A 509 -29.03 -23.06 25.44
N LYS A 510 -27.93 -22.33 25.35
CA LYS A 510 -27.89 -20.91 25.72
C LYS A 510 -28.63 -19.99 24.73
N LYS A 511 -28.81 -20.45 23.49
CA LYS A 511 -29.45 -19.65 22.43
C LYS A 511 -30.35 -20.47 21.52
N MET A 512 -31.36 -19.80 20.94
CA MET A 512 -32.27 -20.42 19.98
C MET A 512 -31.93 -20.00 18.56
N TYR A 513 -32.31 -20.83 17.58
CA TYR A 513 -31.92 -20.63 16.18
C TYR A 513 -33.13 -20.59 15.24
N PHE A 514 -33.14 -19.55 14.39
CA PHE A 514 -34.08 -19.47 13.28
C PHE A 514 -33.32 -19.84 12.02
N ILE A 515 -33.75 -20.88 11.32
CA ILE A 515 -33.14 -21.23 10.04
C ILE A 515 -33.73 -20.31 8.99
N GLN A 516 -32.98 -19.24 8.68
CA GLN A 516 -33.20 -18.48 7.46
C GLN A 516 -33.09 -19.42 6.27
N HIS A 517 -32.11 -20.30 6.31
CA HIS A 517 -31.67 -20.99 5.11
C HIS A 517 -30.74 -22.17 5.41
N GLY A 518 -30.89 -23.25 4.64
CA GLY A 518 -30.01 -24.42 4.70
C GLY A 518 -30.68 -25.73 5.08
N VAL A 519 -29.97 -26.83 4.80
CA VAL A 519 -30.47 -28.19 5.05
C VAL A 519 -30.04 -28.71 6.42
N ALA A 520 -30.93 -28.60 7.40
CA ALA A 520 -30.68 -29.04 8.78
C ALA A 520 -31.24 -30.45 9.01
N GLY A 521 -30.98 -30.99 10.20
CA GLY A 521 -31.46 -32.32 10.58
C GLY A 521 -31.68 -32.45 12.08
N VAL A 522 -32.89 -32.86 12.48
CA VAL A 522 -33.28 -33.00 13.88
C VAL A 522 -32.99 -34.41 14.41
N ILE A 523 -31.93 -34.55 15.20
CA ILE A 523 -31.51 -35.83 15.77
C ILE A 523 -32.19 -36.10 17.12
N THR A 524 -33.19 -36.97 17.11
CA THR A 524 -33.94 -37.36 18.31
C THR A 524 -33.89 -38.88 18.50
N LYS A 525 -33.80 -39.32 19.76
CA LYS A 525 -33.81 -40.75 20.10
C LYS A 525 -35.22 -41.34 19.99
N SER A 526 -36.20 -40.61 20.52
CA SER A 526 -37.59 -41.06 20.56
C SER A 526 -38.31 -40.92 19.21
N SER A 527 -38.22 -39.74 18.60
CA SER A 527 -39.03 -39.39 17.41
C SER A 527 -38.35 -39.62 16.04
N LYS A 528 -37.30 -40.46 16.00
CA LYS A 528 -36.58 -40.77 14.76
C LYS A 528 -35.84 -39.54 14.19
N GLU A 529 -36.17 -39.11 12.96
CA GLU A 529 -35.50 -37.99 12.31
C GLU A 529 -36.47 -37.18 11.43
N MET A 530 -36.59 -35.89 11.74
CA MET A 530 -37.38 -34.94 10.95
C MET A 530 -36.46 -33.85 10.41
N LYS A 531 -36.11 -33.96 9.12
CA LYS A 531 -35.17 -33.03 8.48
C LYS A 531 -35.82 -31.66 8.25
N LEU A 532 -35.12 -30.60 8.68
CA LEU A 532 -35.61 -29.23 8.60
C LEU A 532 -34.91 -28.43 7.49
N THR A 533 -35.67 -27.49 6.91
CA THR A 533 -35.21 -26.67 5.79
C THR A 533 -35.45 -25.19 6.08
N ASP A 534 -35.19 -24.33 5.08
CA ASP A 534 -35.34 -22.88 5.20
C ASP A 534 -36.72 -22.47 5.70
N GLY A 535 -36.75 -21.60 6.72
CA GLY A 535 -37.99 -21.14 7.34
C GLY A 535 -38.27 -21.73 8.71
N SER A 536 -37.80 -22.95 8.93
CA SER A 536 -37.97 -23.63 10.23
C SER A 536 -37.14 -22.95 11.33
N TYR A 537 -37.49 -23.24 12.58
CA TYR A 537 -36.77 -22.69 13.74
C TYR A 537 -36.82 -23.63 14.94
N PHE A 538 -35.81 -23.54 15.81
CA PHE A 538 -35.66 -24.47 16.92
C PHE A 538 -34.85 -23.90 18.09
N GLY A 539 -34.86 -24.64 19.20
CA GLY A 539 -34.40 -24.13 20.50
C GLY A 539 -35.47 -23.28 21.17
N GLU A 540 -36.72 -23.38 20.69
CA GLU A 540 -37.82 -22.54 21.16
C GLU A 540 -38.34 -22.98 22.51
N ILE A 541 -38.37 -24.29 22.74
CA ILE A 541 -38.76 -24.87 24.03
C ILE A 541 -37.84 -24.42 25.16
N CYS A 542 -36.53 -24.38 24.89
CA CYS A 542 -35.53 -23.92 25.87
C CYS A 542 -35.30 -22.42 25.75
N LEU A 543 -36.30 -21.64 26.18
CA LEU A 543 -36.23 -20.17 26.23
C LEU A 543 -36.43 -19.69 27.66
N LEU A 544 -37.62 -19.96 28.21
CA LEU A 544 -37.98 -19.62 29.59
C LEU A 544 -37.85 -20.78 30.58
N THR A 545 -37.49 -21.97 30.09
CA THR A 545 -37.34 -23.16 30.94
C THR A 545 -36.12 -23.06 31.87
N LYS A 546 -35.01 -22.56 31.34
CA LYS A 546 -33.75 -22.38 32.09
C LYS A 546 -33.15 -23.71 32.54
N GLY A 547 -33.08 -24.67 31.62
CA GLY A 547 -32.57 -26.01 31.89
C GLY A 547 -31.80 -26.62 30.71
N ARG A 548 -31.76 -27.94 30.67
CA ARG A 548 -31.03 -28.69 29.65
C ARG A 548 -31.90 -29.01 28.44
N ARG A 549 -31.30 -28.97 27.24
CA ARG A 549 -32.01 -29.24 25.99
C ARG A 549 -32.21 -30.76 25.80
N THR A 550 -33.35 -31.13 25.23
CA THR A 550 -33.76 -32.53 25.13
C THR A 550 -33.06 -33.27 23.99
N ALA A 551 -33.30 -32.84 22.75
CA ALA A 551 -32.84 -33.53 21.54
C ALA A 551 -31.67 -32.82 20.87
N SER A 552 -31.03 -33.51 19.93
CA SER A 552 -29.87 -32.97 19.18
C SER A 552 -30.30 -32.44 17.81
N VAL A 553 -29.44 -31.61 17.22
CA VAL A 553 -29.65 -31.04 15.88
C VAL A 553 -28.31 -31.00 15.15
N ARG A 554 -28.26 -31.64 13.97
CA ARG A 554 -27.04 -31.75 13.17
C ARG A 554 -27.29 -31.15 11.79
N ALA A 555 -26.26 -30.52 11.23
CA ALA A 555 -26.36 -29.87 9.90
C ALA A 555 -26.20 -30.89 8.79
N ASP A 556 -27.22 -31.01 7.91
CA ASP A 556 -27.16 -31.95 6.79
C ASP A 556 -26.29 -31.38 5.67
N THR A 557 -26.69 -30.20 5.20
CA THR A 557 -25.89 -29.41 4.25
C THR A 557 -25.35 -28.18 5.00
N TYR A 558 -24.82 -27.21 4.26
CA TYR A 558 -24.45 -25.93 4.85
C TYR A 558 -25.71 -25.18 5.33
N CYS A 559 -25.55 -24.41 6.40
CA CYS A 559 -26.66 -23.69 7.03
C CYS A 559 -26.35 -22.22 7.23
N ARG A 560 -27.40 -21.42 7.35
CA ARG A 560 -27.27 -20.00 7.67
C ARG A 560 -28.33 -19.65 8.71
N LEU A 561 -27.94 -19.70 9.97
CA LEU A 561 -28.89 -19.49 11.06
C LEU A 561 -28.82 -18.05 11.56
N TYR A 562 -29.85 -17.67 12.32
CA TYR A 562 -29.82 -16.45 13.09
C TYR A 562 -29.99 -16.82 14.55
N SER A 563 -28.88 -16.85 15.27
CA SER A 563 -28.88 -17.15 16.69
C SER A 563 -29.49 -16.02 17.50
N LEU A 564 -30.14 -16.42 18.59
CA LEU A 564 -30.75 -15.50 19.54
C LEU A 564 -30.46 -16.03 20.96
N SER A 565 -29.57 -15.34 21.67
CA SER A 565 -29.15 -15.79 23.00
C SER A 565 -30.23 -15.52 24.04
N VAL A 566 -30.26 -16.36 25.08
CA VAL A 566 -31.28 -16.28 26.10
C VAL A 566 -31.21 -14.97 26.86
N ASP A 567 -29.98 -14.53 27.16
CA ASP A 567 -29.74 -13.28 27.85
C ASP A 567 -30.33 -12.11 27.05
N ASN A 568 -30.04 -12.14 25.75
CA ASN A 568 -30.51 -11.10 24.84
C ASN A 568 -32.03 -11.08 24.81
N PHE A 569 -32.63 -12.27 24.77
CA PHE A 569 -34.09 -12.43 24.77
C PHE A 569 -34.68 -11.79 26.02
N ASN A 570 -34.04 -12.09 27.15
CA ASN A 570 -34.47 -11.57 28.46
C ASN A 570 -34.44 -10.05 28.45
N GLU A 571 -33.35 -9.51 27.91
CA GLU A 571 -33.14 -8.06 27.80
C GLU A 571 -34.28 -7.43 26.99
N VAL A 572 -34.57 -8.07 25.87
CA VAL A 572 -35.63 -7.64 24.96
C VAL A 572 -36.97 -7.58 25.68
N LEU A 573 -37.24 -8.66 26.43
CA LEU A 573 -38.46 -8.80 27.21
C LEU A 573 -38.59 -7.67 28.19
N GLU A 574 -37.49 -7.37 28.87
CA GLU A 574 -37.40 -6.29 29.86
C GLU A 574 -38.17 -5.01 29.47
N GLU A 575 -38.11 -4.63 28.20
CA GLU A 575 -38.90 -3.51 27.67
C GLU A 575 -40.41 -3.79 27.54
N TYR A 576 -40.77 -4.98 27.06
CA TYR A 576 -42.17 -5.40 26.83
C TYR A 576 -42.63 -6.48 27.82
N PRO A 577 -43.16 -6.09 29.00
CA PRO A 577 -43.57 -7.07 30.00
C PRO A 577 -44.83 -7.81 29.57
N MET A 578 -45.75 -7.10 28.95
CA MET A 578 -46.99 -7.69 28.42
C MET A 578 -46.66 -8.79 27.42
N MET A 579 -45.73 -8.47 26.53
CA MET A 579 -45.28 -9.40 25.50
C MET A 579 -44.72 -10.67 26.13
N ARG A 580 -43.89 -10.46 27.15
CA ARG A 580 -43.26 -11.55 27.90
C ARG A 580 -44.33 -12.46 28.50
N ARG A 581 -45.32 -11.83 29.11
CA ARG A 581 -46.44 -12.52 29.75
C ARG A 581 -47.16 -13.39 28.72
N ALA A 582 -47.41 -12.80 27.56
CA ALA A 582 -48.09 -13.47 26.45
C ALA A 582 -47.31 -14.71 26.04
N PHE A 583 -46.00 -14.51 25.90
CA PHE A 583 -45.08 -15.59 25.51
C PHE A 583 -45.16 -16.74 26.50
N GLU A 584 -45.15 -16.39 27.78
CA GLU A 584 -45.25 -17.33 28.88
C GLU A 584 -46.50 -18.18 28.79
N THR A 585 -47.55 -17.79 28.05
CA THR A 585 -48.74 -18.65 27.86
C THR A 585 -48.42 -20.07 27.38
N VAL A 586 -47.71 -20.18 26.26
CA VAL A 586 -47.32 -21.48 25.69
C VAL A 586 -46.23 -21.35 24.64
N MET B 94 -32.75 -37.02 -26.93
CA MET B 94 -32.21 -36.08 -25.90
C MET B 94 -32.61 -34.62 -26.17
N GLN B 95 -33.93 -34.37 -26.16
CA GLN B 95 -34.50 -33.04 -26.36
C GLN B 95 -34.64 -32.30 -25.02
N ARG B 96 -35.09 -33.02 -23.98
CA ARG B 96 -35.20 -32.47 -22.62
C ARG B 96 -33.84 -32.23 -21.97
N GLN B 97 -32.84 -33.02 -22.39
CA GLN B 97 -31.48 -32.87 -21.88
C GLN B 97 -30.95 -31.48 -22.17
N PHE B 98 -31.20 -31.01 -23.39
CA PHE B 98 -30.78 -29.68 -23.82
C PHE B 98 -31.38 -28.61 -22.92
N THR B 99 -32.68 -28.77 -22.66
CA THR B 99 -33.43 -27.85 -21.81
C THR B 99 -32.82 -27.80 -20.41
N SER B 100 -32.51 -28.98 -19.90
CA SER B 100 -31.90 -29.14 -18.58
C SER B 100 -30.57 -28.39 -18.52
N MET B 101 -29.78 -28.58 -19.57
CA MET B 101 -28.47 -27.93 -19.69
C MET B 101 -28.62 -26.42 -19.66
N LEU B 102 -29.60 -25.93 -20.41
CA LEU B 102 -29.94 -24.51 -20.48
C LEU B 102 -30.23 -23.95 -19.09
N GLN B 103 -30.91 -24.70 -18.22
CA GLN B 103 -31.10 -24.31 -16.81
C GLN B 103 -29.78 -24.29 -16.00
N PRO B 104 -29.72 -23.54 -14.88
CA PRO B 104 -28.52 -23.52 -14.03
C PRO B 104 -28.31 -24.82 -13.25
N GLY B 105 -27.16 -25.46 -13.46
CA GLY B 105 -26.84 -26.73 -12.80
C GLY B 105 -26.44 -26.57 -11.35
N VAL B 106 -26.42 -27.69 -10.63
CA VAL B 106 -26.00 -27.73 -9.23
C VAL B 106 -24.50 -28.05 -9.17
N ASN B 107 -23.71 -26.98 -9.02
CA ASN B 107 -22.26 -27.06 -8.87
C ASN B 107 -21.87 -26.46 -7.53
N LYS B 108 -20.56 -26.47 -7.26
CA LYS B 108 -19.99 -25.77 -6.10
C LYS B 108 -20.29 -24.28 -6.19
N PHE B 109 -20.06 -23.73 -7.38
CA PHE B 109 -20.27 -22.32 -7.65
C PHE B 109 -21.71 -21.93 -7.37
N SER B 110 -22.61 -22.76 -7.90
CA SER B 110 -24.04 -22.45 -7.91
C SER B 110 -24.56 -22.30 -6.49
N LEU B 111 -24.16 -23.25 -5.64
CA LEU B 111 -24.56 -23.26 -4.24
C LEU B 111 -24.11 -21.98 -3.55
N ARG B 112 -22.85 -21.62 -3.82
CA ARG B 112 -22.26 -20.41 -3.23
C ARG B 112 -23.05 -19.17 -3.65
N MET B 113 -23.39 -19.13 -4.93
CA MET B 113 -24.15 -18.02 -5.50
C MET B 113 -25.53 -17.91 -4.85
N PHE B 114 -26.28 -19.01 -4.89
CA PHE B 114 -27.71 -19.01 -4.53
C PHE B 114 -27.94 -19.49 -3.11
N GLY B 115 -27.41 -20.67 -2.79
CA GLY B 115 -27.50 -21.22 -1.44
C GLY B 115 -27.49 -22.75 -1.38
N SER B 116 -28.64 -23.32 -1.05
CA SER B 116 -28.82 -24.76 -0.96
C SER B 116 -29.36 -25.23 -2.29
N GLN B 117 -29.50 -26.55 -2.43
CA GLN B 117 -30.05 -27.13 -3.64
C GLN B 117 -31.49 -26.68 -3.87
N LYS B 118 -32.25 -26.49 -2.79
CA LYS B 118 -33.63 -26.03 -2.87
C LYS B 118 -33.70 -24.68 -3.58
N ALA B 119 -32.79 -23.79 -3.18
CA ALA B 119 -32.71 -22.45 -3.76
C ALA B 119 -32.46 -22.54 -5.27
N VAL B 120 -31.53 -23.41 -5.63
CA VAL B 120 -31.15 -23.64 -7.02
C VAL B 120 -32.37 -24.11 -7.81
N GLU B 121 -33.10 -25.05 -7.22
CA GLU B 121 -34.31 -25.61 -7.82
C GLU B 121 -35.33 -24.51 -8.08
N LYS B 122 -35.49 -23.64 -7.09
CA LYS B 122 -36.42 -22.51 -7.17
C LYS B 122 -36.04 -21.62 -8.36
N GLU B 123 -34.74 -21.34 -8.46
CA GLU B 123 -34.21 -20.52 -9.55
C GLU B 123 -34.54 -21.15 -10.91
N GLN B 124 -34.32 -22.45 -10.99
CA GLN B 124 -34.57 -23.25 -12.18
C GLN B 124 -36.02 -23.15 -12.58
N GLU B 125 -36.92 -23.21 -11.60
CA GLU B 125 -38.36 -23.07 -11.82
C GLU B 125 -38.68 -21.77 -12.55
N ARG B 126 -38.05 -20.69 -12.09
CA ARG B 126 -38.24 -19.38 -12.71
C ARG B 126 -37.84 -19.39 -14.18
N VAL B 127 -36.70 -20.01 -14.43
CA VAL B 127 -36.15 -20.15 -15.79
C VAL B 127 -37.14 -20.90 -16.66
N LYS B 128 -37.67 -21.99 -16.12
CA LYS B 128 -38.65 -22.85 -16.80
C LYS B 128 -39.99 -22.19 -17.18
N THR B 129 -40.20 -20.89 -16.91
CA THR B 129 -41.40 -20.18 -17.39
C THR B 129 -41.50 -20.12 -18.92
N ALA B 130 -40.38 -19.85 -19.60
CA ALA B 130 -40.30 -19.83 -21.07
C ALA B 130 -39.48 -21.02 -21.58
N GLY B 131 -40.03 -21.74 -22.55
CA GLY B 131 -39.43 -22.98 -23.05
C GLY B 131 -38.64 -22.80 -24.34
N PHE B 132 -37.34 -23.11 -24.28
CA PHE B 132 -36.42 -23.06 -25.44
C PHE B 132 -36.11 -21.64 -25.97
N TRP B 133 -36.55 -20.60 -25.25
CA TRP B 133 -36.30 -19.20 -25.64
C TRP B 133 -35.34 -18.46 -24.70
N ILE B 134 -35.12 -19.00 -23.49
CA ILE B 134 -34.31 -18.33 -22.46
C ILE B 134 -33.15 -19.21 -21.98
N ILE B 135 -31.99 -18.57 -21.80
CA ILE B 135 -30.78 -19.22 -21.30
C ILE B 135 -30.33 -18.51 -20.04
N HIS B 136 -30.06 -19.27 -18.98
CA HIS B 136 -29.62 -18.71 -17.70
C HIS B 136 -28.12 -18.43 -17.75
N PRO B 137 -27.69 -17.23 -17.31
CA PRO B 137 -26.28 -16.83 -17.45
C PRO B 137 -25.28 -17.80 -16.80
N TYR B 138 -25.61 -18.27 -15.60
CA TYR B 138 -24.72 -19.19 -14.86
C TYR B 138 -24.81 -20.68 -15.28
N SER B 139 -25.54 -20.98 -16.35
CA SER B 139 -25.72 -22.37 -16.80
C SER B 139 -24.47 -22.98 -17.42
N ASP B 140 -24.48 -24.32 -17.53
CA ASP B 140 -23.33 -25.10 -17.99
C ASP B 140 -23.19 -25.01 -19.51
N PHE B 141 -24.33 -25.10 -20.20
CA PHE B 141 -24.39 -24.95 -21.66
C PHE B 141 -23.83 -23.60 -22.06
N ARG B 142 -24.27 -22.57 -21.34
CA ARG B 142 -23.84 -21.19 -21.60
C ARG B 142 -22.33 -21.08 -21.46
N PHE B 143 -21.82 -21.69 -20.40
CA PHE B 143 -20.38 -21.70 -20.11
C PHE B 143 -19.62 -22.32 -21.27
N TYR B 144 -20.13 -23.46 -21.72
CA TYR B 144 -19.53 -24.21 -22.82
C TYR B 144 -19.47 -23.34 -24.08
N TRP B 145 -20.60 -22.68 -24.34
CA TRP B 145 -20.74 -21.80 -25.51
C TRP B 145 -19.70 -20.69 -25.45
N ASP B 146 -19.58 -20.10 -24.27
CA ASP B 146 -18.65 -18.99 -24.12
C ASP B 146 -17.23 -19.46 -24.30
N LEU B 147 -16.91 -20.66 -23.80
CA LEU B 147 -15.58 -21.26 -23.99
C LEU B 147 -15.28 -21.41 -25.47
N ILE B 148 -16.28 -21.91 -26.19
CA ILE B 148 -16.18 -22.12 -27.65
C ILE B 148 -15.86 -20.79 -28.34
N MET B 149 -16.62 -19.77 -27.94
CA MET B 149 -16.47 -18.43 -28.49
C MET B 149 -15.06 -17.91 -28.28
N LEU B 150 -14.58 -18.11 -27.06
CA LEU B 150 -13.23 -17.68 -26.67
C LEU B 150 -12.20 -18.35 -27.55
N ILE B 151 -12.37 -19.64 -27.74
CA ILE B 151 -11.47 -20.46 -28.57
C ILE B 151 -11.44 -19.90 -29.98
N MET B 152 -12.63 -19.62 -30.51
CA MET B 152 -12.76 -19.06 -31.85
C MET B 152 -12.15 -17.65 -31.85
N MET B 153 -12.56 -16.87 -30.86
CA MET B 153 -12.40 -15.43 -30.86
C MET B 153 -10.95 -15.07 -30.85
N VAL B 154 -10.19 -15.73 -29.97
CA VAL B 154 -8.76 -15.45 -29.83
C VAL B 154 -8.05 -15.67 -31.15
N GLY B 155 -8.37 -16.81 -31.77
CA GLY B 155 -7.80 -17.21 -33.05
C GLY B 155 -8.08 -16.15 -34.10
N ASN B 156 -9.34 -15.74 -34.13
CA ASN B 156 -9.84 -14.81 -35.14
C ASN B 156 -9.13 -13.49 -34.99
N LEU B 157 -8.95 -13.03 -33.75
CA LEU B 157 -8.29 -11.75 -33.51
C LEU B 157 -6.85 -11.82 -34.01
N VAL B 158 -6.18 -12.94 -33.76
CA VAL B 158 -4.79 -13.05 -34.21
C VAL B 158 -4.73 -13.06 -35.73
N ILE B 159 -5.68 -13.77 -36.34
CA ILE B 159 -5.66 -14.13 -37.75
C ILE B 159 -6.06 -12.96 -38.61
N ILE B 160 -7.27 -12.44 -38.35
CA ILE B 160 -7.90 -11.43 -39.21
C ILE B 160 -6.95 -10.34 -39.74
N PRO B 161 -6.28 -9.61 -38.82
CA PRO B 161 -5.44 -8.49 -39.24
C PRO B 161 -4.33 -8.95 -40.15
N VAL B 162 -3.70 -10.06 -39.76
CA VAL B 162 -2.60 -10.66 -40.54
C VAL B 162 -3.09 -11.00 -41.93
N GLY B 163 -4.26 -11.62 -41.99
CA GLY B 163 -4.88 -12.03 -43.25
C GLY B 163 -5.09 -10.83 -44.15
N ILE B 164 -5.61 -9.77 -43.55
CA ILE B 164 -5.92 -8.54 -44.26
C ILE B 164 -4.63 -7.95 -44.85
N THR B 165 -3.58 -7.97 -44.03
CA THR B 165 -2.32 -7.31 -44.42
C THR B 165 -1.44 -8.10 -45.40
N PHE B 166 -0.92 -9.22 -44.90
CA PHE B 166 0.18 -9.92 -45.54
C PHE B 166 -0.22 -10.92 -46.62
N PHE B 167 -1.53 -11.12 -46.82
CA PHE B 167 -2.03 -11.87 -47.98
C PHE B 167 -2.76 -10.92 -48.93
N THR B 168 -2.23 -10.80 -50.15
CA THR B 168 -2.82 -9.94 -51.19
C THR B 168 -4.13 -10.53 -51.70
N GLU B 169 -4.09 -11.80 -52.08
CA GLU B 169 -5.27 -12.51 -52.56
C GLU B 169 -6.20 -12.85 -51.39
N GLN B 170 -7.02 -11.87 -51.02
CA GLN B 170 -8.02 -12.03 -49.95
C GLN B 170 -9.31 -12.74 -50.42
N THR B 171 -9.50 -12.86 -51.74
CA THR B 171 -10.67 -13.53 -52.30
C THR B 171 -10.50 -15.05 -52.55
N THR B 172 -9.39 -15.63 -52.09
CA THR B 172 -9.15 -17.08 -52.21
C THR B 172 -10.08 -17.90 -51.31
N THR B 173 -10.36 -19.13 -51.75
CA THR B 173 -11.34 -20.03 -51.12
C THR B 173 -11.18 -20.31 -49.64
N PRO B 174 -9.96 -20.77 -49.24
CA PRO B 174 -9.76 -21.23 -47.88
C PRO B 174 -10.03 -20.13 -46.88
N TRP B 175 -9.51 -18.94 -47.19
CA TRP B 175 -9.67 -17.77 -46.35
C TRP B 175 -11.16 -17.45 -46.19
N ILE B 176 -11.81 -17.42 -47.35
CA ILE B 176 -13.20 -16.94 -47.42
C ILE B 176 -14.09 -17.87 -46.62
N ILE B 177 -13.87 -19.18 -46.77
CA ILE B 177 -14.68 -20.17 -46.06
C ILE B 177 -14.54 -19.98 -44.55
N PHE B 178 -13.29 -19.78 -44.13
CA PHE B 178 -12.97 -19.57 -42.72
C PHE B 178 -13.72 -18.35 -42.18
N ASN B 179 -13.68 -17.28 -42.97
CA ASN B 179 -14.30 -16.02 -42.61
C ASN B 179 -15.80 -16.23 -42.43
N VAL B 180 -16.39 -16.94 -43.39
CA VAL B 180 -17.85 -17.10 -43.44
C VAL B 180 -18.34 -17.82 -42.20
N ALA B 181 -17.62 -18.91 -41.88
CA ALA B 181 -17.94 -19.76 -40.73
C ALA B 181 -17.87 -18.92 -39.46
N SER B 182 -16.79 -18.12 -39.37
CA SER B 182 -16.57 -17.27 -38.19
C SER B 182 -17.73 -16.30 -38.02
N ASP B 183 -18.14 -15.71 -39.13
CA ASP B 183 -19.24 -14.74 -39.16
C ASP B 183 -20.51 -15.38 -38.66
N THR B 184 -20.76 -16.59 -39.16
CA THR B 184 -21.95 -17.37 -38.79
C THR B 184 -21.97 -17.60 -37.28
N VAL B 185 -20.81 -18.00 -36.77
CA VAL B 185 -20.65 -18.30 -35.34
C VAL B 185 -20.96 -17.03 -34.52
N PHE B 186 -20.42 -15.91 -34.98
CA PHE B 186 -20.64 -14.67 -34.25
C PHE B 186 -22.09 -14.26 -34.28
N LEU B 187 -22.76 -14.47 -35.41
CA LEU B 187 -24.19 -14.19 -35.53
C LEU B 187 -24.98 -15.03 -34.52
N LEU B 188 -24.61 -16.31 -34.43
CA LEU B 188 -25.25 -17.24 -33.51
C LEU B 188 -25.08 -16.75 -32.07
N ASP B 189 -23.87 -16.32 -31.76
CA ASP B 189 -23.53 -15.80 -30.43
C ASP B 189 -24.40 -14.60 -30.10
N LEU B 190 -24.53 -13.71 -31.07
CA LEU B 190 -25.34 -12.50 -30.95
C LEU B 190 -26.78 -12.87 -30.62
N ILE B 191 -27.29 -13.85 -31.37
CA ILE B 191 -28.66 -14.34 -31.20
C ILE B 191 -28.85 -14.86 -29.76
N MET B 192 -27.87 -15.63 -29.33
CA MET B 192 -27.87 -16.22 -27.97
C MET B 192 -27.95 -15.12 -26.93
N ASN B 193 -27.13 -14.08 -27.13
CA ASN B 193 -27.10 -12.92 -26.25
C ASN B 193 -28.50 -12.34 -25.98
N PHE B 194 -29.38 -12.27 -26.97
CA PHE B 194 -30.79 -11.91 -26.71
C PHE B 194 -31.45 -12.88 -25.72
N ARG B 195 -31.31 -14.18 -26.00
CA ARG B 195 -31.90 -15.24 -25.18
C ARG B 195 -31.23 -15.44 -23.81
N THR B 196 -29.97 -15.02 -23.67
CA THR B 196 -29.23 -15.16 -22.41
C THR B 196 -29.66 -14.11 -21.40
N GLY B 197 -29.75 -14.51 -20.12
CA GLY B 197 -30.08 -13.58 -19.04
C GLY B 197 -28.89 -12.75 -18.58
N THR B 198 -29.18 -11.59 -18.00
CA THR B 198 -28.16 -10.63 -17.57
C THR B 198 -28.07 -10.54 -16.04
N VAL B 199 -26.85 -10.61 -15.51
CA VAL B 199 -26.61 -10.47 -14.08
C VAL B 199 -26.60 -8.99 -13.70
N ASN B 200 -27.16 -8.67 -12.53
CA ASN B 200 -27.22 -7.29 -12.01
C ASN B 200 -26.52 -7.19 -10.66
N SER B 203 -27.84 -7.84 -6.89
CA SER B 203 -29.22 -7.93 -7.34
C SER B 203 -29.51 -9.25 -8.07
N SER B 204 -30.78 -9.64 -8.10
CA SER B 204 -31.22 -10.87 -8.75
C SER B 204 -31.17 -10.76 -10.29
N GLU B 205 -30.89 -11.89 -10.95
CA GLU B 205 -30.77 -11.93 -12.41
C GLU B 205 -32.12 -11.80 -13.10
N ILE B 206 -32.17 -11.00 -14.16
CA ILE B 206 -33.40 -10.77 -14.92
C ILE B 206 -33.57 -11.84 -16.01
N ILE B 207 -34.55 -12.71 -15.83
CA ILE B 207 -34.85 -13.79 -16.78
C ILE B 207 -36.00 -13.46 -17.75
N LEU B 208 -36.56 -12.24 -17.65
CA LEU B 208 -37.64 -11.80 -18.54
C LEU B 208 -37.13 -11.49 -19.95
N ASP B 209 -37.73 -12.15 -20.95
CA ASP B 209 -37.28 -12.02 -22.35
C ASP B 209 -37.76 -10.74 -23.04
N PRO B 210 -39.07 -10.64 -23.34
CA PRO B 210 -39.57 -9.66 -24.32
C PRO B 210 -39.19 -8.19 -24.05
N LYS B 211 -39.23 -7.81 -22.77
CA LYS B 211 -38.94 -6.43 -22.36
C LYS B 211 -37.52 -6.27 -21.82
N VAL B 212 -37.19 -7.04 -20.78
CA VAL B 212 -35.95 -6.87 -20.03
C VAL B 212 -34.68 -7.22 -20.82
N ILE B 213 -34.66 -8.43 -21.38
CA ILE B 213 -33.48 -8.92 -22.11
C ILE B 213 -33.24 -8.20 -23.43
N LYS B 214 -34.31 -7.93 -24.17
CA LYS B 214 -34.23 -7.28 -25.48
C LYS B 214 -33.84 -5.80 -25.40
N MET B 215 -34.48 -5.06 -24.49
CA MET B 215 -34.26 -3.61 -24.37
C MET B 215 -32.94 -3.25 -23.69
N ASN B 216 -32.58 -3.98 -22.64
CA ASN B 216 -31.32 -3.74 -21.90
C ASN B 216 -30.09 -4.03 -22.75
N TYR B 217 -30.15 -5.07 -23.56
CA TYR B 217 -29.07 -5.43 -24.48
C TYR B 217 -28.97 -4.46 -25.66
N LEU B 218 -30.12 -4.15 -26.27
CA LEU B 218 -30.18 -3.22 -27.41
C LEU B 218 -29.78 -1.79 -27.06
N LYS B 219 -29.94 -1.40 -25.79
CA LYS B 219 -29.57 -0.06 -25.31
C LYS B 219 -28.10 0.08 -24.88
N SER B 220 -27.35 -1.04 -24.80
CA SER B 220 -25.97 -1.04 -24.29
C SER B 220 -24.93 -1.49 -25.32
N TRP B 221 -24.87 -2.80 -25.60
CA TRP B 221 -23.77 -3.41 -26.36
C TRP B 221 -24.11 -3.91 -27.76
N PHE B 222 -25.39 -3.93 -28.13
CA PHE B 222 -25.83 -4.63 -29.34
C PHE B 222 -25.11 -4.21 -30.60
N VAL B 223 -25.01 -2.90 -30.82
CA VAL B 223 -24.64 -2.36 -32.14
C VAL B 223 -23.25 -2.81 -32.52
N VAL B 224 -22.34 -2.69 -31.56
CA VAL B 224 -20.93 -3.06 -31.75
C VAL B 224 -20.83 -4.53 -32.11
N ASP B 225 -21.57 -5.34 -31.35
CA ASP B 225 -21.60 -6.79 -31.56
C ASP B 225 -22.06 -7.12 -32.97
N PHE B 226 -23.13 -6.44 -33.37
CA PHE B 226 -23.73 -6.62 -34.70
C PHE B 226 -22.71 -6.32 -35.78
N ILE B 227 -21.99 -5.21 -35.59
CA ILE B 227 -20.98 -4.76 -36.54
C ILE B 227 -19.89 -5.84 -36.66
N SER B 228 -19.47 -6.33 -35.51
CA SER B 228 -18.35 -7.27 -35.45
C SER B 228 -18.75 -8.57 -36.16
N SER B 229 -19.95 -9.03 -35.86
CA SER B 229 -20.39 -10.36 -36.29
C SER B 229 -20.49 -10.43 -37.79
N ILE B 230 -21.20 -9.46 -38.36
CA ILE B 230 -21.52 -9.47 -39.79
C ILE B 230 -20.27 -9.25 -40.64
N PRO B 231 -20.22 -9.87 -41.84
CA PRO B 231 -19.18 -9.58 -42.80
C PRO B 231 -19.56 -8.34 -43.63
N VAL B 232 -19.09 -7.18 -43.21
CA VAL B 232 -19.48 -5.91 -43.82
C VAL B 232 -18.78 -5.73 -45.16
N ASP B 233 -17.49 -6.06 -45.18
CA ASP B 233 -16.65 -5.90 -46.37
C ASP B 233 -17.24 -6.72 -47.52
N TYR B 234 -17.61 -7.96 -47.20
CA TYR B 234 -18.17 -8.86 -48.22
C TYR B 234 -19.46 -8.29 -48.78
N ILE B 235 -20.29 -7.76 -47.88
CA ILE B 235 -21.57 -7.14 -48.26
C ILE B 235 -21.32 -6.00 -49.23
N PHE B 236 -20.34 -5.17 -48.87
CA PHE B 236 -19.97 -4.01 -49.68
C PHE B 236 -19.55 -4.45 -51.08
N LEU B 237 -18.73 -5.50 -51.12
CA LEU B 237 -18.23 -6.07 -52.36
C LEU B 237 -19.39 -6.53 -53.23
N ILE B 238 -20.33 -7.21 -52.60
CA ILE B 238 -21.52 -7.73 -53.26
C ILE B 238 -22.31 -6.59 -53.89
N VAL B 239 -22.48 -5.53 -53.10
CA VAL B 239 -23.21 -4.33 -53.53
C VAL B 239 -22.54 -3.73 -54.77
N GLU B 240 -21.22 -3.64 -54.71
CA GLU B 240 -20.41 -3.11 -55.80
C GLU B 240 -20.64 -3.92 -57.08
N LYS B 241 -20.60 -5.23 -56.90
CA LYS B 241 -20.81 -6.18 -57.99
C LYS B 241 -22.18 -5.96 -58.66
N GLY B 242 -23.23 -5.92 -57.84
CA GLY B 242 -24.61 -5.77 -58.32
C GLY B 242 -25.05 -4.33 -58.41
N ARG B 252 -9.94 1.95 -60.39
CA ARG B 252 -11.00 2.03 -59.40
C ARG B 252 -11.11 0.77 -58.56
N ALA B 253 -10.83 -0.39 -59.18
CA ALA B 253 -10.87 -1.68 -58.51
C ALA B 253 -9.92 -1.70 -57.34
N LEU B 254 -8.72 -1.19 -57.56
CA LEU B 254 -7.68 -1.11 -56.53
C LEU B 254 -8.17 -0.30 -55.34
N ARG B 255 -8.77 0.84 -55.66
CA ARG B 255 -9.32 1.75 -54.66
C ARG B 255 -10.37 1.04 -53.81
N ILE B 256 -11.25 0.32 -54.51
CA ILE B 256 -12.33 -0.42 -53.88
C ILE B 256 -11.75 -1.45 -52.90
N VAL B 257 -10.73 -2.15 -53.37
CA VAL B 257 -10.04 -3.18 -52.58
C VAL B 257 -9.48 -2.57 -51.31
N ARG B 258 -8.83 -1.42 -51.48
CA ARG B 258 -8.24 -0.67 -50.37
C ARG B 258 -9.29 -0.34 -49.32
N PHE B 259 -10.43 0.16 -49.83
CA PHE B 259 -11.55 0.54 -48.98
C PHE B 259 -12.04 -0.67 -48.18
N THR B 260 -12.15 -1.79 -48.87
CA THR B 260 -12.72 -3.02 -48.33
C THR B 260 -11.93 -3.52 -47.18
N LYS B 261 -10.60 -3.41 -47.22
CA LYS B 261 -9.76 -3.92 -46.13
C LYS B 261 -10.10 -3.22 -44.82
N ILE B 262 -10.27 -1.90 -44.91
CA ILE B 262 -10.62 -1.07 -43.74
C ILE B 262 -11.95 -1.56 -43.15
N LEU B 263 -12.91 -1.78 -44.04
CA LEU B 263 -14.24 -2.25 -43.65
C LEU B 263 -14.14 -3.58 -42.92
N SER B 264 -13.33 -4.48 -43.48
CA SER B 264 -13.10 -5.80 -42.91
C SER B 264 -12.54 -5.68 -41.49
N LEU B 265 -11.57 -4.78 -41.36
CA LEU B 265 -10.95 -4.51 -40.06
C LEU B 265 -11.96 -4.05 -39.02
N LEU B 266 -13.21 -3.73 -39.36
CA LEU B 266 -14.27 -3.54 -38.34
C LEU B 266 -14.57 -4.80 -37.51
N ARG B 267 -14.16 -5.98 -38.01
CA ARG B 267 -14.35 -7.25 -37.31
C ARG B 267 -13.47 -7.44 -36.06
N LEU B 268 -12.57 -6.49 -35.79
CA LEU B 268 -11.81 -6.46 -34.54
C LEU B 268 -12.66 -6.04 -33.33
N LEU B 269 -13.83 -5.45 -33.58
CA LEU B 269 -14.77 -5.07 -32.50
C LEU B 269 -15.34 -6.26 -31.71
N ARG B 270 -15.06 -7.49 -32.15
CA ARG B 270 -15.29 -8.70 -31.34
C ARG B 270 -14.49 -8.74 -30.03
N LEU B 271 -13.42 -7.94 -29.98
CA LEU B 271 -12.55 -7.86 -28.84
C LEU B 271 -13.31 -7.43 -27.63
N SER B 272 -14.22 -6.46 -27.76
CA SER B 272 -15.05 -5.98 -26.66
C SER B 272 -15.85 -7.13 -26.06
N ARG B 273 -16.46 -7.89 -26.96
CA ARG B 273 -17.27 -9.05 -26.59
C ARG B 273 -16.45 -10.05 -25.81
N LEU B 274 -15.25 -10.32 -26.34
CA LEU B 274 -14.30 -11.25 -25.74
C LEU B 274 -13.97 -10.82 -24.32
N ILE B 275 -13.69 -9.53 -24.18
CA ILE B 275 -13.34 -8.91 -22.90
C ILE B 275 -14.45 -9.15 -21.90
N ARG B 276 -15.67 -8.88 -22.36
CA ARG B 276 -16.87 -9.03 -21.53
C ARG B 276 -16.99 -10.47 -21.03
N TYR B 277 -16.79 -11.39 -21.98
CA TYR B 277 -16.87 -12.82 -21.68
C TYR B 277 -15.86 -13.21 -20.62
N ILE B 278 -14.65 -12.70 -20.79
CA ILE B 278 -13.53 -12.98 -19.89
C ILE B 278 -13.88 -12.50 -18.50
N HIS B 279 -14.45 -11.29 -18.40
CA HIS B 279 -14.62 -10.66 -17.10
C HIS B 279 -15.57 -11.51 -16.23
N GLN B 280 -16.69 -11.85 -16.86
CA GLN B 280 -17.76 -12.61 -16.22
C GLN B 280 -17.21 -13.96 -15.77
N TRP B 281 -16.49 -14.60 -16.69
CA TRP B 281 -15.96 -15.94 -16.40
C TRP B 281 -14.96 -15.86 -15.28
N GLU B 282 -14.13 -14.82 -15.27
CA GLU B 282 -13.15 -14.63 -14.20
C GLU B 282 -13.83 -14.48 -12.87
N GLU B 283 -14.91 -13.71 -12.85
CA GLU B 283 -15.69 -13.49 -11.64
C GLU B 283 -16.22 -14.82 -11.11
N ILE B 284 -16.76 -15.62 -12.04
CA ILE B 284 -17.32 -16.92 -11.70
C ILE B 284 -16.23 -17.83 -11.09
N PHE B 285 -15.07 -17.81 -11.72
CA PHE B 285 -13.93 -18.59 -11.28
C PHE B 285 -13.51 -18.19 -9.89
N HIS B 286 -13.51 -16.89 -9.60
CA HIS B 286 -13.20 -16.36 -8.28
C HIS B 286 -14.11 -16.97 -7.22
N MET B 287 -15.40 -16.98 -7.55
CA MET B 287 -16.41 -17.54 -6.65
C MET B 287 -16.15 -19.02 -6.41
N THR B 288 -15.84 -19.71 -7.50
CA THR B 288 -15.56 -21.15 -7.50
C THR B 288 -14.21 -21.57 -6.83
N TYR B 289 -13.09 -21.23 -7.47
CA TYR B 289 -11.78 -21.82 -7.17
C TYR B 289 -10.87 -20.99 -6.24
N ASP B 290 -11.32 -19.81 -5.82
CA ASP B 290 -10.53 -18.90 -4.98
C ASP B 290 -9.18 -18.58 -5.64
N LEU B 291 -9.25 -17.93 -6.80
CA LEU B 291 -8.06 -17.54 -7.56
C LEU B 291 -7.47 -16.27 -6.96
N ALA B 292 -6.16 -16.08 -7.13
CA ALA B 292 -5.48 -14.86 -6.69
C ALA B 292 -5.74 -13.72 -7.69
N SER B 293 -6.45 -12.70 -7.23
CA SER B 293 -6.99 -11.62 -8.07
C SER B 293 -5.90 -10.91 -8.83
N ALA B 294 -4.84 -10.59 -8.10
CA ALA B 294 -3.68 -9.89 -8.64
C ALA B 294 -3.10 -10.64 -9.83
N VAL B 295 -2.93 -11.94 -9.60
CA VAL B 295 -2.37 -12.86 -10.60
C VAL B 295 -3.22 -12.84 -11.86
N VAL B 296 -4.54 -12.91 -11.65
CA VAL B 296 -5.52 -12.92 -12.73
C VAL B 296 -5.37 -11.65 -13.56
N ARG B 297 -5.30 -10.53 -12.85
CA ARG B 297 -5.34 -9.21 -13.49
C ARG B 297 -4.12 -9.05 -14.39
N ILE B 298 -2.97 -9.44 -13.81
CA ILE B 298 -1.69 -9.32 -14.53
C ILE B 298 -1.73 -10.20 -15.77
N PHE B 299 -2.28 -11.41 -15.62
CA PHE B 299 -2.38 -12.34 -16.75
C PHE B 299 -3.20 -11.74 -17.86
N ASN B 300 -4.33 -11.14 -17.48
CA ASN B 300 -5.24 -10.48 -18.45
C ASN B 300 -4.48 -9.42 -19.24
N LEU B 301 -3.76 -8.61 -18.46
CA LEU B 301 -3.01 -7.49 -19.01
C LEU B 301 -1.99 -7.98 -19.99
N ILE B 302 -1.29 -9.07 -19.65
CA ILE B 302 -0.25 -9.64 -20.50
C ILE B 302 -0.83 -9.99 -21.88
N GLY B 303 -1.98 -10.67 -21.82
CA GLY B 303 -2.69 -11.11 -23.01
C GLY B 303 -3.04 -9.92 -23.89
N MET B 304 -3.58 -8.91 -23.23
CA MET B 304 -3.99 -7.67 -23.90
C MET B 304 -2.82 -7.03 -24.61
N MET B 305 -1.70 -6.97 -23.90
CA MET B 305 -0.46 -6.37 -24.39
C MET B 305 -0.02 -7.09 -25.64
N LEU B 306 -0.04 -8.42 -25.56
CA LEU B 306 0.39 -9.27 -26.68
C LEU B 306 -0.46 -8.97 -27.91
N LEU B 307 -1.78 -8.93 -27.66
CA LEU B 307 -2.74 -8.71 -28.75
C LEU B 307 -2.49 -7.34 -29.37
N LEU B 308 -2.32 -6.36 -28.48
CA LEU B 308 -2.11 -4.98 -28.90
C LEU B 308 -0.85 -4.88 -29.71
N CYS B 309 0.21 -5.57 -29.25
CA CYS B 309 1.50 -5.56 -29.94
C CYS B 309 1.34 -6.10 -31.35
N HIS B 310 0.61 -7.21 -31.45
CA HIS B 310 0.37 -7.88 -32.72
C HIS B 310 -0.35 -6.92 -33.68
N TRP B 311 -1.36 -6.25 -33.14
CA TRP B 311 -2.17 -5.31 -33.92
C TRP B 311 -1.31 -4.19 -34.43
N ASP B 312 -0.44 -3.67 -33.56
CA ASP B 312 0.48 -2.59 -33.91
C ASP B 312 1.37 -3.00 -35.05
N GLY B 313 1.90 -4.23 -34.94
CA GLY B 313 2.78 -4.80 -35.97
C GLY B 313 2.07 -4.83 -37.30
N CYS B 314 0.82 -5.32 -37.26
CA CYS B 314 0.02 -5.43 -38.47
C CYS B 314 -0.19 -4.04 -39.10
N LEU B 315 -0.52 -3.11 -38.24
CA LEU B 315 -0.90 -1.76 -38.58
C LEU B 315 0.24 -1.05 -39.26
N GLN B 316 1.46 -1.26 -38.74
CA GLN B 316 2.64 -0.55 -39.25
C GLN B 316 2.85 -0.86 -40.70
N PHE B 317 2.68 -2.13 -41.09
CA PHE B 317 2.74 -2.56 -42.49
C PHE B 317 1.46 -2.23 -43.29
N LEU B 318 0.35 -2.32 -42.57
CA LEU B 318 -0.98 -2.13 -43.11
C LEU B 318 -1.11 -0.77 -43.72
N VAL B 319 -0.62 0.26 -43.02
CA VAL B 319 -0.75 1.61 -43.56
C VAL B 319 0.02 1.74 -44.87
N PRO B 320 1.22 1.16 -44.92
CA PRO B 320 1.99 1.18 -46.16
C PRO B 320 1.27 0.49 -47.30
N LEU B 321 0.66 -0.65 -46.97
CA LEU B 321 -0.12 -1.42 -47.93
C LEU B 321 -1.26 -0.56 -48.50
N LEU B 322 -1.94 0.12 -47.59
CA LEU B 322 -3.06 0.98 -47.95
C LEU B 322 -2.58 2.10 -48.88
N GLN B 323 -1.45 2.70 -48.52
CA GLN B 323 -0.86 3.82 -49.25
C GLN B 323 -0.04 3.41 -50.50
N ASP B 324 -0.04 2.13 -50.84
CA ASP B 324 0.55 1.61 -52.09
C ASP B 324 2.08 1.56 -52.07
N PHE B 325 2.67 1.39 -50.88
CA PHE B 325 4.12 1.31 -50.69
C PHE B 325 4.86 2.49 -51.32
N PRO B 326 4.72 3.69 -50.72
CA PRO B 326 5.43 4.88 -51.23
C PRO B 326 6.94 4.78 -51.03
N PRO B 327 7.73 5.58 -51.78
CA PRO B 327 9.19 5.43 -51.78
C PRO B 327 9.87 5.78 -50.45
N ASP B 328 9.28 6.68 -49.66
CA ASP B 328 9.84 7.11 -48.38
C ASP B 328 9.08 6.56 -47.17
N CYS B 329 8.92 5.24 -47.13
CA CYS B 329 8.33 4.54 -45.97
C CYS B 329 9.25 3.38 -45.56
N TRP B 330 9.02 2.84 -44.37
CA TRP B 330 9.94 1.84 -43.80
C TRP B 330 10.02 0.52 -44.56
N VAL B 331 8.96 0.16 -45.28
CA VAL B 331 8.95 -1.09 -46.06
C VAL B 331 9.78 -0.92 -47.34
N SER B 332 9.56 0.18 -48.04
CA SER B 332 10.30 0.50 -49.27
C SER B 332 11.76 0.86 -49.01
N LEU B 333 12.03 1.57 -47.91
CA LEU B 333 13.40 2.01 -47.56
C LEU B 333 14.32 0.85 -47.14
N ASN B 334 13.77 -0.17 -46.51
CA ASN B 334 14.52 -1.39 -46.18
C ASN B 334 14.64 -2.37 -47.35
N GLU B 335 13.86 -2.14 -48.42
CA GLU B 335 13.87 -2.96 -49.63
C GLU B 335 13.35 -4.37 -49.36
N MET B 336 12.19 -4.42 -48.70
CA MET B 336 11.54 -5.69 -48.35
C MET B 336 10.04 -5.62 -48.67
N VAL B 337 9.75 -5.24 -49.92
CA VAL B 337 8.38 -5.19 -50.44
C VAL B 337 8.01 -6.59 -50.94
N ASN B 338 8.88 -7.16 -51.76
CA ASN B 338 8.65 -8.49 -52.36
C ASN B 338 9.26 -9.66 -51.57
N ASP B 339 9.69 -9.41 -50.33
CA ASP B 339 10.18 -10.47 -49.44
C ASP B 339 9.02 -11.37 -48.99
N SER B 340 9.36 -12.53 -48.41
CA SER B 340 8.36 -13.48 -47.92
C SER B 340 7.51 -12.84 -46.83
N TRP B 341 6.21 -13.15 -46.84
CA TRP B 341 5.24 -12.48 -45.99
C TRP B 341 5.63 -12.59 -44.53
N GLY B 342 6.05 -13.80 -44.15
CA GLY B 342 6.31 -14.14 -42.77
C GLY B 342 7.38 -13.25 -42.19
N LYS B 343 8.45 -13.10 -42.96
CA LYS B 343 9.60 -12.27 -42.59
C LYS B 343 9.16 -10.85 -42.32
N GLN B 344 8.36 -10.34 -43.26
CA GLN B 344 7.82 -8.98 -43.19
C GLN B 344 7.03 -8.79 -41.91
N TYR B 345 6.18 -9.77 -41.64
CA TYR B 345 5.32 -9.76 -40.46
C TYR B 345 6.14 -9.69 -39.22
N SER B 346 7.18 -10.53 -39.18
CA SER B 346 8.10 -10.60 -38.04
C SER B 346 8.74 -9.26 -37.79
N TYR B 347 9.20 -8.65 -38.88
CA TYR B 347 9.86 -7.35 -38.82
C TYR B 347 8.91 -6.30 -38.22
N ALA B 348 7.68 -6.33 -38.72
CA ALA B 348 6.65 -5.40 -38.29
C ALA B 348 6.40 -5.55 -36.79
N LEU B 349 6.30 -6.81 -36.36
CA LEU B 349 6.04 -7.12 -34.96
C LEU B 349 7.17 -6.59 -34.10
N PHE B 350 8.39 -6.79 -34.57
CA PHE B 350 9.60 -6.32 -33.88
C PHE B 350 9.55 -4.82 -33.69
N LYS B 351 9.18 -4.13 -34.77
CA LYS B 351 9.06 -2.68 -34.78
C LYS B 351 8.03 -2.23 -33.71
N ALA B 352 6.90 -2.90 -33.74
CA ALA B 352 5.82 -2.61 -32.80
C ALA B 352 6.29 -2.85 -31.36
N MET B 353 6.93 -4.01 -31.21
CA MET B 353 7.31 -4.54 -29.91
C MET B 353 8.30 -3.62 -29.25
N SER B 354 9.25 -3.08 -30.02
CA SER B 354 10.24 -2.14 -29.50
C SER B 354 9.53 -0.92 -28.87
N HIS B 355 8.55 -0.41 -29.62
CA HIS B 355 7.78 0.75 -29.16
C HIS B 355 7.04 0.41 -27.87
N MET B 356 6.46 -0.78 -27.83
CA MET B 356 5.78 -1.25 -26.60
C MET B 356 6.70 -1.27 -25.40
N LEU B 357 7.90 -1.83 -25.55
CA LEU B 357 8.83 -2.01 -24.41
C LEU B 357 9.89 -0.92 -24.29
N CYS B 358 9.78 0.12 -25.12
CA CYS B 358 10.60 1.34 -25.05
C CYS B 358 12.05 1.18 -25.55
N ILE B 359 12.27 0.24 -26.45
CA ILE B 359 13.63 -0.12 -26.88
C ILE B 359 14.17 0.85 -27.93
N GLY B 360 13.37 1.10 -28.96
CA GLY B 360 13.81 1.97 -30.04
C GLY B 360 12.92 1.92 -31.27
N TYR B 361 13.49 2.33 -32.39
CA TYR B 361 12.80 2.39 -33.67
C TYR B 361 13.14 1.12 -34.45
N GLY B 362 12.63 1.01 -35.67
CA GLY B 362 12.94 -0.12 -36.54
C GLY B 362 14.35 0.00 -37.13
N ALA B 363 14.42 0.05 -38.46
CA ALA B 363 15.70 0.30 -39.15
C ALA B 363 16.17 1.74 -38.94
N GLN B 364 15.25 2.69 -39.13
CA GLN B 364 15.55 4.11 -39.11
C GLN B 364 14.38 4.91 -38.51
N ALA B 365 14.68 6.10 -38.00
CA ALA B 365 13.64 7.05 -37.55
C ALA B 365 12.75 7.44 -38.73
N PRO B 366 11.41 7.50 -38.51
CA PRO B 366 10.48 7.78 -39.61
C PRO B 366 10.79 9.02 -40.47
N VAL B 367 10.42 8.94 -41.75
CA VAL B 367 10.66 10.01 -42.71
C VAL B 367 9.32 10.60 -43.18
N SER B 368 8.45 9.76 -43.74
CA SER B 368 7.10 10.19 -44.15
C SER B 368 6.23 10.49 -42.95
N MET B 369 5.30 11.42 -43.11
CA MET B 369 4.54 11.97 -41.98
C MET B 369 3.68 10.89 -41.36
N SER B 370 2.99 10.17 -42.23
CA SER B 370 2.02 9.14 -41.82
C SER B 370 2.69 8.10 -40.94
N ASP B 371 3.84 7.64 -41.42
CA ASP B 371 4.65 6.63 -40.73
C ASP B 371 5.03 7.12 -39.35
N LEU B 372 5.49 8.36 -39.31
CA LEU B 372 5.92 9.02 -38.08
C LEU B 372 4.77 9.03 -37.07
N TRP B 373 3.60 9.42 -37.57
CA TRP B 373 2.41 9.52 -36.74
C TRP B 373 2.04 8.16 -36.16
N ILE B 374 2.13 7.15 -37.02
CA ILE B 374 1.84 5.76 -36.62
C ILE B 374 2.77 5.33 -35.50
N THR B 375 4.05 5.65 -35.69
CA THR B 375 5.09 5.32 -34.72
C THR B 375 4.77 5.94 -33.37
N MET B 376 4.39 7.23 -33.43
CA MET B 376 4.06 8.00 -32.24
C MET B 376 2.91 7.34 -31.49
N LEU B 377 1.90 6.96 -32.27
CA LEU B 377 0.70 6.32 -31.74
C LEU B 377 1.08 5.04 -31.00
N SER B 378 1.93 4.26 -31.67
CA SER B 378 2.39 2.98 -31.13
C SER B 378 3.10 3.19 -29.81
N MET B 379 3.97 4.20 -29.80
CA MET B 379 4.76 4.56 -28.61
C MET B 379 3.85 4.89 -27.46
N ILE B 380 2.82 5.69 -27.76
CA ILE B 380 1.84 6.11 -26.75
C ILE B 380 1.18 4.84 -26.13
N VAL B 381 0.72 4.03 -27.07
CA VAL B 381 0.01 2.79 -26.72
C VAL B 381 0.94 1.86 -25.95
N GLY B 382 2.15 1.75 -26.46
CA GLY B 382 3.20 0.91 -25.89
C GLY B 382 3.50 1.39 -24.49
N ALA B 383 3.69 2.70 -24.38
CA ALA B 383 4.22 3.30 -23.15
C ALA B 383 3.23 3.10 -22.02
N THR B 384 1.96 3.40 -22.35
CA THR B 384 0.87 3.26 -21.37
C THR B 384 0.77 1.83 -20.92
N CYS B 385 0.86 0.91 -21.89
CA CYS B 385 0.75 -0.52 -21.60
C CYS B 385 1.84 -0.94 -20.64
N TYR B 386 3.05 -0.46 -20.91
CA TYR B 386 4.21 -0.80 -20.07
C TYR B 386 4.01 -0.30 -18.68
N ALA B 387 3.50 0.93 -18.56
CA ALA B 387 3.22 1.55 -17.26
C ALA B 387 2.25 0.68 -16.47
N MET B 388 1.20 0.27 -17.17
CA MET B 388 0.15 -0.54 -16.57
C MET B 388 0.73 -1.85 -16.06
N PHE B 389 1.57 -2.45 -16.89
CA PHE B 389 2.24 -3.72 -16.56
C PHE B 389 3.05 -3.58 -15.32
N VAL B 390 3.81 -2.48 -15.26
CA VAL B 390 4.67 -2.18 -14.11
C VAL B 390 3.84 -2.11 -12.84
N GLY B 391 2.73 -1.38 -12.95
CA GLY B 391 1.80 -1.19 -11.84
C GLY B 391 1.29 -2.54 -11.33
N HIS B 392 0.90 -3.35 -12.29
CA HIS B 392 0.36 -4.68 -11.99
C HIS B 392 1.39 -5.52 -11.28
N ALA B 393 2.61 -5.47 -11.76
CA ALA B 393 3.75 -6.20 -11.18
C ALA B 393 3.94 -5.79 -9.75
N THR B 394 3.91 -4.48 -9.52
CA THR B 394 4.08 -3.90 -8.19
C THR B 394 3.01 -4.45 -7.24
N ALA B 395 1.78 -4.43 -7.74
CA ALA B 395 0.63 -4.90 -6.99
C ALA B 395 0.81 -6.35 -6.58
N LEU B 396 1.25 -7.15 -7.56
CA LEU B 396 1.46 -8.58 -7.37
C LEU B 396 2.49 -8.80 -6.29
N ILE B 397 3.58 -8.04 -6.38
CA ILE B 397 4.68 -8.16 -5.43
C ILE B 397 4.19 -7.85 -4.02
N GLN B 398 3.38 -6.79 -3.92
CA GLN B 398 2.83 -6.38 -2.63
C GLN B 398 1.96 -7.48 -2.04
N SER B 399 1.15 -8.08 -2.91
CA SER B 399 0.26 -9.17 -2.51
C SER B 399 1.07 -10.34 -1.97
N LEU B 400 2.15 -10.67 -2.68
CA LEU B 400 2.84 -11.94 -2.44
C LEU B 400 3.42 -12.02 -1.05
N ASP B 401 4.11 -10.97 -0.60
CA ASP B 401 4.74 -10.99 0.73
C ASP B 401 3.95 -10.19 1.77
N SER B 402 2.61 -10.23 1.69
CA SER B 402 1.79 -9.24 2.39
C SER B 402 1.81 -9.51 3.87
N SER B 403 1.61 -10.78 4.23
CA SER B 403 1.53 -11.22 5.61
C SER B 403 2.80 -10.83 6.38
N ARG B 404 3.91 -11.17 5.73
CA ARG B 404 5.25 -10.93 6.26
C ARG B 404 5.45 -9.42 6.50
N ARG B 405 5.05 -8.66 5.50
CA ARG B 405 5.13 -7.20 5.52
C ARG B 405 4.38 -6.64 6.72
N GLN B 406 3.17 -7.15 6.89
CA GLN B 406 2.28 -6.74 7.97
C GLN B 406 2.94 -6.96 9.31
N TYR B 407 3.57 -8.14 9.47
CA TYR B 407 4.27 -8.48 10.71
C TYR B 407 5.34 -7.46 11.03
N GLN B 408 6.11 -7.15 9.98
CA GLN B 408 7.22 -6.19 10.11
C GLN B 408 6.70 -4.83 10.53
N GLU B 409 5.61 -4.43 9.91
CA GLU B 409 4.96 -3.14 10.20
C GLU B 409 4.56 -3.08 11.67
N LYS B 410 3.95 -4.18 12.12
CA LYS B 410 3.48 -4.31 13.51
C LYS B 410 4.65 -4.15 14.46
N TYR B 411 5.74 -4.85 14.12
CA TYR B 411 6.94 -4.84 14.95
C TYR B 411 7.50 -3.42 15.05
N LYS B 412 7.50 -2.72 13.92
CA LYS B 412 7.97 -1.34 13.87
C LYS B 412 7.23 -0.46 14.87
N GLN B 413 5.93 -0.70 15.05
CA GLN B 413 5.17 0.06 16.02
C GLN B 413 5.68 -0.15 17.44
N VAL B 414 6.01 -1.39 17.74
CA VAL B 414 6.56 -1.75 19.06
C VAL B 414 7.87 -1.01 19.28
N GLU B 415 8.71 -1.02 18.25
CA GLU B 415 10.00 -0.33 18.29
C GLU B 415 9.81 1.15 18.57
N GLN B 416 8.85 1.74 17.88
CA GLN B 416 8.51 3.16 18.02
C GLN B 416 8.11 3.46 19.44
N TYR B 417 7.28 2.59 20.00
CA TYR B 417 6.80 2.70 21.38
C TYR B 417 7.98 2.73 22.35
N MET B 418 8.89 1.78 22.12
CA MET B 418 10.09 1.65 22.94
C MET B 418 10.91 2.93 22.90
N SER B 419 11.06 3.45 21.69
CA SER B 419 11.83 4.67 21.44
C SER B 419 11.21 5.83 22.20
N PHE B 420 9.89 5.91 22.14
CA PHE B 420 9.11 6.95 22.81
C PHE B 420 9.37 6.90 24.29
N HIS B 421 9.34 5.70 24.85
CA HIS B 421 9.66 5.51 26.28
C HIS B 421 11.15 5.48 26.62
N LYS B 422 12.02 5.47 25.61
CA LYS B 422 13.47 5.60 25.77
C LYS B 422 14.03 4.48 26.64
N LEU B 423 13.72 3.24 26.26
CA LEU B 423 14.04 2.09 27.10
C LEU B 423 15.52 1.71 26.97
N PRO B 424 16.07 0.99 27.99
CA PRO B 424 17.45 0.51 27.87
C PRO B 424 17.58 -0.59 26.83
N ALA B 425 18.79 -0.78 26.31
CA ALA B 425 19.03 -1.69 25.19
C ALA B 425 18.65 -3.11 25.55
N ASP B 426 19.02 -3.51 26.78
CA ASP B 426 18.78 -4.85 27.28
C ASP B 426 17.29 -5.17 27.25
N MET B 427 16.52 -4.21 27.75
CA MET B 427 15.06 -4.30 27.83
C MET B 427 14.48 -4.54 26.43
N ARG B 428 14.97 -3.72 25.49
CA ARG B 428 14.53 -3.78 24.10
C ARG B 428 14.80 -5.16 23.52
N GLN B 429 16.01 -5.65 23.79
CA GLN B 429 16.44 -6.96 23.31
C GLN B 429 15.51 -8.05 23.83
N LYS B 430 15.21 -7.95 25.13
CA LYS B 430 14.31 -8.90 25.80
C LYS B 430 12.97 -8.92 25.12
N ILE B 431 12.45 -7.71 24.87
CA ILE B 431 11.15 -7.54 24.24
C ILE B 431 11.14 -8.21 22.87
N HIS B 432 12.20 -7.96 22.12
CA HIS B 432 12.38 -8.52 20.77
C HIS B 432 12.32 -10.04 20.82
N ASP B 433 13.06 -10.58 21.79
CA ASP B 433 13.14 -12.02 21.99
C ASP B 433 11.77 -12.60 22.26
N TYR B 434 11.04 -11.91 23.15
CA TYR B 434 9.69 -12.31 23.54
C TYR B 434 8.78 -12.36 22.34
N TYR B 435 8.88 -11.30 21.52
CA TYR B 435 8.06 -11.19 20.32
C TYR B 435 8.33 -12.35 19.38
N GLU B 436 9.61 -12.65 19.21
CA GLU B 436 10.04 -13.74 18.34
C GLU B 436 9.44 -15.07 18.84
N HIS B 437 9.53 -15.27 20.13
CA HIS B 437 9.02 -16.51 20.71
C HIS B 437 7.51 -16.51 20.64
N ARG B 438 6.93 -15.37 21.03
CA ARG B 438 5.48 -15.25 21.16
C ARG B 438 4.77 -15.46 19.85
N TYR B 439 5.20 -14.74 18.80
CA TYR B 439 4.47 -14.73 17.53
C TYR B 439 5.14 -15.46 16.36
N GLN B 440 6.44 -15.73 16.46
CA GLN B 440 7.17 -16.50 15.44
C GLN B 440 7.05 -15.88 14.05
N GLY B 441 7.27 -14.57 13.98
CA GLY B 441 7.30 -13.85 12.71
C GLY B 441 5.96 -13.73 11.99
N LYS B 442 4.87 -14.00 12.71
CA LYS B 442 3.54 -14.03 12.13
C LYS B 442 2.67 -12.93 12.72
N ILE B 443 1.59 -12.61 12.02
CA ILE B 443 0.64 -11.60 12.46
C ILE B 443 -0.77 -12.20 12.40
N PHE B 444 -1.49 -12.11 13.52
CA PHE B 444 -2.87 -12.56 13.60
C PHE B 444 -3.48 -12.10 14.92
N ASP B 445 -4.71 -11.60 14.87
CA ASP B 445 -5.47 -11.32 16.09
C ASP B 445 -6.24 -12.60 16.39
N GLU B 446 -5.83 -13.31 17.45
CA GLU B 446 -6.37 -14.64 17.73
C GLU B 446 -7.86 -14.51 18.02
N GLU B 447 -8.16 -13.59 18.94
CA GLU B 447 -9.50 -13.41 19.47
C GLU B 447 -10.47 -13.08 18.36
N ASN B 448 -10.05 -12.15 17.49
CA ASN B 448 -10.86 -11.71 16.36
C ASN B 448 -11.19 -12.88 15.46
N ILE B 449 -10.16 -13.67 15.17
CA ILE B 449 -10.29 -14.85 14.31
C ILE B 449 -11.30 -15.82 14.89
N LEU B 450 -11.18 -16.04 16.20
CA LEU B 450 -12.07 -16.95 16.91
C LEU B 450 -13.50 -16.47 16.81
N ASN B 451 -13.69 -15.17 17.00
CA ASN B 451 -15.01 -14.54 16.91
C ASN B 451 -15.62 -14.77 15.53
N GLU B 452 -14.78 -14.57 14.51
CA GLU B 452 -15.17 -14.77 13.12
C GLU B 452 -15.69 -16.19 12.89
N LEU B 453 -15.03 -17.19 13.49
CA LEU B 453 -15.46 -18.60 13.35
C LEU B 453 -16.76 -18.90 14.09
N ASN B 454 -17.37 -20.04 13.77
CA ASN B 454 -18.54 -20.56 14.52
C ASN B 454 -18.06 -21.28 15.79
N ASP B 455 -19.01 -21.75 16.60
CA ASP B 455 -18.68 -22.38 17.87
C ASP B 455 -18.01 -23.75 17.73
N PRO B 456 -18.60 -24.64 16.88
CA PRO B 456 -18.08 -25.99 16.74
C PRO B 456 -16.63 -25.98 16.30
N LEU B 457 -16.35 -25.14 15.31
CA LEU B 457 -14.99 -25.01 14.77
C LEU B 457 -14.02 -24.61 15.87
N ARG B 458 -14.45 -23.62 16.64
CA ARG B 458 -13.65 -23.09 17.76
C ARG B 458 -13.33 -24.19 18.74
N GLU B 459 -14.37 -24.95 19.07
CA GLU B 459 -14.27 -26.07 20.02
C GLU B 459 -13.23 -27.08 19.53
N GLU B 460 -13.34 -27.40 18.24
CA GLU B 460 -12.45 -28.35 17.59
C GLU B 460 -11.00 -27.89 17.72
N ILE B 461 -10.81 -26.61 17.41
CA ILE B 461 -9.48 -25.98 17.45
C ILE B 461 -8.90 -26.09 18.85
N VAL B 462 -9.75 -25.79 19.84
CA VAL B 462 -9.33 -25.81 21.23
C VAL B 462 -8.91 -27.22 21.63
N ASN B 463 -9.70 -28.20 21.19
CA ASN B 463 -9.43 -29.60 21.48
C ASN B 463 -8.08 -30.00 20.91
N PHE B 464 -7.84 -29.57 19.66
CA PHE B 464 -6.58 -29.87 18.98
C PHE B 464 -5.41 -29.29 19.76
N ASN B 465 -5.58 -28.04 20.21
CA ASN B 465 -4.57 -27.36 21.01
C ASN B 465 -4.38 -27.96 22.42
N CYS B 466 -5.44 -27.97 23.22
CA CYS B 466 -5.32 -28.12 24.68
C CYS B 466 -5.93 -29.35 25.34
N ARG B 467 -6.63 -30.21 24.58
CA ARG B 467 -7.21 -31.43 25.17
C ARG B 467 -6.13 -32.35 25.74
N LYS B 468 -5.02 -32.49 25.02
CA LYS B 468 -3.86 -33.26 25.49
C LYS B 468 -3.25 -32.70 26.78
N LEU B 469 -3.23 -31.37 26.91
CA LEU B 469 -2.72 -30.71 28.12
C LEU B 469 -3.62 -30.92 29.33
N VAL B 470 -4.91 -30.65 29.17
CA VAL B 470 -5.87 -30.75 30.27
C VAL B 470 -6.25 -32.20 30.65
N ALA B 471 -6.24 -33.11 29.68
CA ALA B 471 -6.57 -34.52 29.93
C ALA B 471 -5.53 -35.23 30.81
N THR B 472 -4.26 -34.90 30.60
CA THR B 472 -3.16 -35.43 31.43
C THR B 472 -3.30 -35.06 32.91
N MET B 473 -3.92 -33.91 33.19
CA MET B 473 -4.28 -33.52 34.55
C MET B 473 -5.38 -34.46 35.08
N PRO B 474 -5.19 -35.02 36.29
CA PRO B 474 -6.17 -35.98 36.84
C PRO B 474 -7.50 -35.37 37.32
N LEU B 475 -7.55 -34.04 37.51
CA LEU B 475 -8.78 -33.35 37.89
C LEU B 475 -9.86 -33.43 36.79
N PHE B 476 -9.44 -33.35 35.53
CA PHE B 476 -10.35 -33.32 34.39
C PHE B 476 -10.59 -34.68 33.70
N ALA B 477 -10.04 -35.76 34.26
CA ALA B 477 -10.23 -37.11 33.71
C ALA B 477 -11.62 -37.65 34.02
N ASN B 478 -12.00 -37.59 35.31
CA ASN B 478 -13.31 -38.04 35.77
C ASN B 478 -14.46 -37.08 35.44
N ALA B 479 -14.14 -35.83 35.10
CA ALA B 479 -15.17 -34.82 34.79
C ALA B 479 -15.88 -35.07 33.47
N ASP B 480 -17.02 -34.38 33.29
CA ASP B 480 -17.82 -34.49 32.06
C ASP B 480 -17.16 -33.74 30.90
N PRO B 481 -17.41 -34.18 29.64
CA PRO B 481 -16.74 -33.64 28.47
C PRO B 481 -17.13 -32.20 28.22
N ASN B 482 -18.41 -31.89 28.45
CA ASN B 482 -18.94 -30.54 28.23
C ASN B 482 -18.19 -29.54 29.10
N PHE B 483 -18.01 -29.93 30.36
CA PHE B 483 -17.31 -29.09 31.35
C PHE B 483 -15.89 -28.81 30.87
N VAL B 484 -15.23 -29.86 30.40
CA VAL B 484 -13.86 -29.78 29.89
C VAL B 484 -13.79 -28.79 28.75
N THR B 485 -14.76 -28.93 27.83
CA THR B 485 -14.85 -28.07 26.65
C THR B 485 -14.97 -26.60 27.07
N ALA B 486 -15.85 -26.38 28.04
CA ALA B 486 -16.11 -25.05 28.58
C ALA B 486 -14.82 -24.45 29.14
N MET B 487 -14.11 -25.27 29.90
CA MET B 487 -12.86 -24.86 30.54
C MET B 487 -11.85 -24.44 29.48
N LEU B 488 -11.76 -25.26 28.44
CA LEU B 488 -10.67 -25.12 27.48
C LEU B 488 -10.77 -23.80 26.74
N SER B 489 -11.99 -23.43 26.36
CA SER B 489 -12.24 -22.19 25.65
C SER B 489 -11.74 -20.99 26.45
N LYS B 490 -12.07 -21.01 27.75
CA LYS B 490 -11.63 -19.98 28.67
C LYS B 490 -10.11 -19.78 28.67
N LEU B 491 -9.31 -20.85 28.65
CA LEU B 491 -7.83 -20.78 28.73
C LEU B 491 -7.19 -19.70 27.84
N ARG B 492 -6.18 -19.01 28.38
CA ARG B 492 -5.49 -17.94 27.65
C ARG B 492 -3.99 -18.22 27.53
N PHE B 493 -3.51 -18.33 26.29
CA PHE B 493 -2.12 -18.68 26.00
C PHE B 493 -1.16 -17.59 26.49
N GLU B 494 -0.01 -18.02 27.02
CA GLU B 494 1.02 -17.10 27.49
C GLU B 494 2.43 -17.64 27.22
N VAL B 495 3.39 -16.72 27.17
CA VAL B 495 4.81 -17.05 27.00
C VAL B 495 5.60 -16.34 28.08
N PHE B 496 6.70 -16.98 28.51
CA PHE B 496 7.61 -16.43 29.50
C PHE B 496 9.05 -16.64 29.06
N GLN B 497 9.88 -15.63 29.31
CA GLN B 497 11.30 -15.69 28.97
C GLN B 497 12.06 -16.38 30.08
N PRO B 498 13.23 -16.98 29.76
CA PRO B 498 14.02 -17.64 30.82
C PRO B 498 14.56 -16.64 31.83
N GLY B 499 14.55 -17.03 33.11
CA GLY B 499 14.89 -16.12 34.20
C GLY B 499 13.78 -15.12 34.46
N ASP B 500 12.54 -15.61 34.48
CA ASP B 500 11.36 -14.79 34.76
C ASP B 500 10.46 -15.52 35.74
N TYR B 501 9.99 -14.80 36.76
CA TYR B 501 9.13 -15.36 37.80
C TYR B 501 7.68 -15.34 37.34
N ILE B 502 7.11 -16.53 37.15
CA ILE B 502 5.72 -16.68 36.70
C ILE B 502 4.80 -16.46 37.91
N ILE B 503 5.02 -17.26 38.96
CA ILE B 503 4.34 -17.12 40.24
C ILE B 503 5.40 -16.83 41.32
N ARG B 504 4.99 -16.15 42.39
CA ARG B 504 5.91 -15.74 43.47
C ARG B 504 5.47 -16.25 44.84
N GLU B 505 6.43 -16.34 45.76
CA GLU B 505 6.19 -16.76 47.13
C GLU B 505 5.57 -15.63 47.94
N GLY B 506 4.35 -15.84 48.43
CA GLY B 506 3.64 -14.85 49.24
C GLY B 506 2.68 -13.93 48.49
N ALA B 507 2.85 -13.82 47.17
CA ALA B 507 1.96 -13.00 46.34
C ALA B 507 0.71 -13.78 45.95
N VAL B 508 -0.44 -13.13 45.97
CA VAL B 508 -1.72 -13.76 45.65
C VAL B 508 -1.84 -14.10 44.16
N GLY B 509 -1.95 -15.40 43.86
CA GLY B 509 -2.06 -15.90 42.49
C GLY B 509 -3.48 -15.79 41.97
N LYS B 510 -3.71 -14.82 41.08
CA LYS B 510 -5.03 -14.60 40.47
C LYS B 510 -5.41 -15.68 39.44
N LYS B 511 -4.41 -16.38 38.88
CA LYS B 511 -4.64 -17.39 37.85
C LYS B 511 -3.73 -18.62 38.00
N MET B 512 -4.22 -19.76 37.49
CA MET B 512 -3.45 -21.01 37.48
C MET B 512 -2.91 -21.30 36.07
N TYR B 513 -1.82 -22.07 36.01
CA TYR B 513 -1.10 -22.31 34.76
C TYR B 513 -0.95 -23.79 34.45
N PHE B 514 -1.29 -24.16 33.21
CA PHE B 514 -1.02 -25.48 32.67
C PHE B 514 0.17 -25.33 31.73
N ILE B 515 1.27 -26.03 32.01
CA ILE B 515 2.41 -26.03 31.10
C ILE B 515 2.09 -27.00 29.97
N GLN B 516 1.63 -26.44 28.85
CA GLN B 516 1.63 -27.13 27.57
C GLN B 516 3.05 -27.56 27.25
N HIS B 517 4.00 -26.66 27.50
CA HIS B 517 5.31 -26.78 26.91
C HIS B 517 6.33 -25.84 27.55
N GLY B 518 7.58 -26.31 27.70
CA GLY B 518 8.71 -25.49 28.17
C GLY B 518 9.36 -25.95 29.46
N VAL B 519 10.57 -25.46 29.70
CA VAL B 519 11.38 -25.81 30.88
C VAL B 519 11.16 -24.85 32.04
N ALA B 520 10.28 -25.25 32.96
CA ALA B 520 9.94 -24.44 34.14
C ALA B 520 10.78 -24.87 35.35
N GLY B 521 10.64 -24.13 36.46
CA GLY B 521 11.36 -24.42 37.71
C GLY B 521 10.58 -23.99 38.94
N VAL B 522 10.36 -24.92 39.87
CA VAL B 522 9.58 -24.67 41.09
C VAL B 522 10.50 -24.21 42.24
N ILE B 523 10.45 -22.92 42.55
CA ILE B 523 11.28 -22.32 43.60
C ILE B 523 10.55 -22.36 44.96
N THR B 524 10.98 -23.28 45.82
CA THR B 524 10.44 -23.45 47.16
C THR B 524 11.54 -23.34 48.21
N LYS B 525 11.23 -22.73 49.35
CA LYS B 525 12.17 -22.62 50.47
C LYS B 525 12.32 -23.94 51.22
N SER B 526 11.18 -24.60 51.48
CA SER B 526 11.15 -25.85 52.24
C SER B 526 11.59 -27.07 51.43
N SER B 527 11.01 -27.24 50.24
CA SER B 527 11.17 -28.45 49.43
C SER B 527 12.28 -28.43 48.37
N LYS B 528 13.25 -27.51 48.50
CA LYS B 528 14.37 -27.39 47.56
C LYS B 528 13.91 -26.95 46.15
N GLU B 529 14.16 -27.77 45.12
CA GLU B 529 13.80 -27.42 43.75
C GLU B 529 13.37 -28.65 42.94
N MET B 530 12.16 -28.61 42.40
CA MET B 530 11.63 -29.66 41.52
C MET B 530 11.32 -29.05 40.16
N LYS B 531 12.19 -29.27 39.19
CA LYS B 531 12.06 -28.69 37.85
C LYS B 531 10.93 -29.34 37.05
N LEU B 532 10.05 -28.51 36.49
CA LEU B 532 8.86 -28.98 35.75
C LEU B 532 9.03 -28.80 34.24
N THR B 533 8.41 -29.72 33.49
CA THR B 533 8.50 -29.77 32.03
C THR B 533 7.10 -29.86 31.41
N ASP B 534 7.04 -30.02 30.09
CA ASP B 534 5.78 -30.10 29.33
C ASP B 534 4.80 -31.12 29.91
N GLY B 535 3.55 -30.70 30.12
CA GLY B 535 2.51 -31.56 30.68
C GLY B 535 2.16 -31.25 32.13
N SER B 536 3.13 -30.73 32.89
CA SER B 536 2.92 -30.34 34.28
C SER B 536 1.98 -29.12 34.39
N TYR B 537 1.44 -28.91 35.59
CA TYR B 537 0.56 -27.76 35.85
C TYR B 537 0.64 -27.31 37.30
N PHE B 538 0.36 -26.03 37.54
CA PHE B 538 0.54 -25.42 38.87
C PHE B 538 -0.34 -24.19 39.09
N GLY B 539 -0.38 -23.74 40.34
CA GLY B 539 -1.36 -22.77 40.81
C GLY B 539 -2.70 -23.44 41.13
N GLU B 540 -2.68 -24.76 41.26
CA GLU B 540 -3.90 -25.57 41.44
C GLU B 540 -4.43 -25.46 42.87
N ILE B 541 -3.53 -25.40 43.84
CA ILE B 541 -3.88 -25.22 45.25
C ILE B 541 -4.63 -23.89 45.48
N CYS B 542 -4.15 -22.82 44.84
CA CYS B 542 -4.78 -21.50 44.93
C CYS B 542 -5.84 -21.33 43.85
N LEU B 543 -6.96 -22.03 44.02
CA LEU B 543 -8.12 -21.93 43.14
C LEU B 543 -9.36 -21.51 43.94
N LEU B 544 -9.76 -22.35 44.89
CA LEU B 544 -10.89 -22.08 45.78
C LEU B 544 -10.47 -21.55 47.17
N THR B 545 -9.17 -21.45 47.42
CA THR B 545 -8.64 -20.96 48.71
C THR B 545 -8.90 -19.48 48.92
N LYS B 546 -8.72 -18.68 47.86
CA LYS B 546 -8.93 -17.23 47.88
C LYS B 546 -7.96 -16.51 48.83
N GLY B 547 -6.68 -16.85 48.72
CA GLY B 547 -5.63 -16.28 49.57
C GLY B 547 -4.31 -16.10 48.84
N ARG B 548 -3.21 -16.10 49.61
CA ARG B 548 -1.86 -15.88 49.08
C ARG B 548 -1.18 -17.19 48.69
N ARG B 549 -0.40 -17.16 47.60
CA ARG B 549 0.32 -18.33 47.11
C ARG B 549 1.57 -18.62 47.95
N THR B 550 1.87 -19.90 48.15
CA THR B 550 2.92 -20.33 49.06
C THR B 550 4.32 -20.19 48.47
N ALA B 551 4.59 -20.93 47.40
CA ALA B 551 5.93 -21.02 46.80
C ALA B 551 6.05 -20.24 45.49
N SER B 552 7.28 -20.07 45.03
CA SER B 552 7.58 -19.34 43.78
C SER B 552 7.80 -20.30 42.61
N VAL B 553 7.68 -19.76 41.39
CA VAL B 553 7.92 -20.51 40.15
C VAL B 553 8.65 -19.61 39.14
N ARG B 554 9.81 -20.07 38.68
CA ARG B 554 10.66 -19.32 37.77
C ARG B 554 10.89 -20.12 36.48
N ALA B 555 10.96 -19.41 35.36
CA ALA B 555 11.15 -20.06 34.05
C ALA B 555 12.62 -20.41 33.80
N ASP B 556 12.92 -21.69 33.59
CA ASP B 556 14.29 -22.14 33.33
C ASP B 556 14.68 -21.82 31.89
N THR B 557 13.90 -22.36 30.96
CA THR B 557 14.02 -22.02 29.53
C THR B 557 12.78 -21.21 29.14
N TYR B 558 12.55 -21.02 27.85
CA TYR B 558 11.30 -20.43 27.36
C TYR B 558 10.12 -21.35 27.66
N CYS B 559 8.97 -20.74 27.91
CA CYS B 559 7.75 -21.48 28.30
C CYS B 559 6.57 -21.09 27.43
N ARG B 560 5.58 -21.97 27.38
CA ARG B 560 4.31 -21.71 26.71
C ARG B 560 3.19 -22.21 27.58
N LEU B 561 2.63 -21.33 28.41
CA LEU B 561 1.61 -21.72 29.37
C LEU B 561 0.21 -21.43 28.83
N TYR B 562 -0.77 -22.03 29.48
CA TYR B 562 -2.16 -21.67 29.28
C TYR B 562 -2.71 -21.20 30.63
N SER B 563 -2.78 -19.89 30.78
CA SER B 563 -3.32 -19.30 31.99
C SER B 563 -4.83 -19.49 32.09
N LEU B 564 -5.28 -19.61 33.33
CA LEU B 564 -6.70 -19.75 33.66
C LEU B 564 -6.97 -18.90 34.90
N SER B 565 -7.67 -17.77 34.72
CA SER B 565 -7.94 -16.84 35.80
C SER B 565 -9.00 -17.36 36.74
N VAL B 566 -8.91 -16.96 38.01
CA VAL B 566 -9.82 -17.46 39.04
C VAL B 566 -11.25 -17.04 38.75
N ASP B 567 -11.43 -15.80 38.30
CA ASP B 567 -12.74 -15.27 37.96
C ASP B 567 -13.38 -16.14 36.86
N ASN B 568 -12.56 -16.42 35.85
CA ASN B 568 -13.02 -17.23 34.71
C ASN B 568 -13.44 -18.61 35.18
N PHE B 569 -12.62 -19.18 36.06
CA PHE B 569 -12.89 -20.51 36.64
C PHE B 569 -14.24 -20.51 37.36
N ASN B 570 -14.46 -19.46 38.13
CA ASN B 570 -15.69 -19.28 38.90
C ASN B 570 -16.89 -19.24 37.96
N GLU B 571 -16.72 -18.47 36.88
CA GLU B 571 -17.76 -18.31 35.86
C GLU B 571 -18.12 -19.67 35.26
N VAL B 572 -17.07 -20.43 34.94
CA VAL B 572 -17.20 -21.76 34.36
C VAL B 572 -18.00 -22.66 35.30
N LEU B 573 -17.63 -22.60 36.57
CA LEU B 573 -18.27 -23.39 37.63
C LEU B 573 -19.76 -23.07 37.69
N GLU B 574 -20.06 -21.78 37.64
CA GLU B 574 -21.44 -21.27 37.66
C GLU B 574 -22.43 -22.11 36.86
N GLU B 575 -22.03 -22.59 35.67
CA GLU B 575 -22.84 -23.51 34.87
C GLU B 575 -22.95 -24.94 35.45
N TYR B 576 -21.84 -25.48 35.96
CA TYR B 576 -21.76 -26.85 36.49
C TYR B 576 -21.56 -26.87 38.02
N PRO B 577 -22.67 -26.84 38.81
CA PRO B 577 -22.55 -26.80 40.26
C PRO B 577 -22.07 -28.12 40.82
N MET B 578 -22.54 -29.23 40.24
CA MET B 578 -22.12 -30.57 40.64
C MET B 578 -20.61 -30.71 40.48
N MET B 579 -20.12 -30.24 39.33
CA MET B 579 -18.69 -30.30 39.00
C MET B 579 -17.89 -29.52 40.05
N ARG B 580 -18.39 -28.35 40.38
CA ARG B 580 -17.76 -27.47 41.39
C ARG B 580 -17.66 -28.19 42.72
N ARG B 581 -18.77 -28.82 43.10
CA ARG B 581 -18.87 -29.58 44.35
C ARG B 581 -17.81 -30.67 44.38
N ALA B 582 -17.71 -31.38 43.27
CA ALA B 582 -16.76 -32.48 43.11
C ALA B 582 -15.33 -31.97 43.30
N PHE B 583 -15.06 -30.85 42.66
CA PHE B 583 -13.75 -30.18 42.73
C PHE B 583 -13.40 -29.86 44.17
N GLU B 584 -14.39 -29.29 44.87
CA GLU B 584 -14.26 -28.93 46.28
C GLU B 584 -13.87 -30.11 47.14
N THR B 585 -14.06 -31.37 46.72
CA THR B 585 -13.60 -32.54 47.49
C THR B 585 -12.12 -32.48 47.91
N VAL B 586 -11.23 -32.31 46.93
CA VAL B 586 -9.79 -32.22 47.20
C VAL B 586 -9.02 -31.67 45.99
N MET C 94 35.33 -41.53 13.99
CA MET C 94 34.16 -40.60 13.98
C MET C 94 33.05 -41.07 13.02
N GLN C 95 32.50 -42.24 13.31
CA GLN C 95 31.39 -42.82 12.54
C GLN C 95 30.03 -42.37 13.10
N ARG C 96 29.92 -42.35 14.44
CA ARG C 96 28.71 -41.86 15.12
C ARG C 96 28.53 -40.35 14.99
N GLN C 97 29.64 -39.63 14.85
CA GLN C 97 29.62 -38.19 14.67
C GLN C 97 28.81 -37.81 13.44
N PHE C 98 29.04 -38.55 12.36
CA PHE C 98 28.34 -38.33 11.09
C PHE C 98 26.83 -38.49 11.29
N THR C 99 26.48 -39.55 12.00
CA THR C 99 25.07 -39.86 12.30
C THR C 99 24.43 -38.71 13.07
N SER C 100 25.17 -38.24 14.07
CA SER C 100 24.74 -37.13 14.91
C SER C 100 24.46 -35.89 14.06
N MET C 101 25.40 -35.61 13.16
CA MET C 101 25.30 -34.47 12.24
C MET C 101 24.05 -34.58 11.40
N LEU C 102 23.82 -35.79 10.88
CA LEU C 102 22.63 -36.10 10.07
C LEU C 102 21.35 -35.76 10.82
N GLN C 103 21.29 -36.02 12.13
CA GLN C 103 20.15 -35.59 12.98
C GLN C 103 20.05 -34.04 13.11
N PRO C 104 18.85 -33.51 13.44
CA PRO C 104 18.70 -32.06 13.64
C PRO C 104 19.35 -31.55 14.92
N GLY C 105 20.28 -30.61 14.79
CA GLY C 105 21.01 -30.06 15.93
C GLY C 105 20.19 -29.08 16.76
N VAL C 106 20.70 -28.77 17.94
CA VAL C 106 20.06 -27.80 18.85
C VAL C 106 20.68 -26.42 18.59
N ASN C 107 19.98 -25.63 17.78
CA ASN C 107 20.34 -24.25 17.46
C ASN C 107 19.23 -23.32 17.93
N LYS C 108 19.44 -22.02 17.70
CA LYS C 108 18.40 -21.01 17.93
C LYS C 108 17.19 -21.30 17.05
N PHE C 109 17.47 -21.59 15.77
CA PHE C 109 16.45 -21.87 14.78
C PHE C 109 15.60 -23.06 15.22
N SER C 110 16.30 -24.10 15.66
CA SER C 110 15.68 -25.40 15.92
C SER C 110 14.65 -25.26 17.02
N LEU C 111 15.04 -24.56 18.08
CA LEU C 111 14.17 -24.32 19.24
C LEU C 111 12.90 -23.61 18.79
N ARG C 112 13.09 -22.58 17.97
CA ARG C 112 11.98 -21.78 17.45
C ARG C 112 11.01 -22.66 16.66
N MET C 113 11.60 -23.51 15.82
CA MET C 113 10.83 -24.42 14.99
C MET C 113 10.01 -25.40 15.84
N PHE C 114 10.70 -26.10 16.74
CA PHE C 114 10.13 -27.25 17.46
C PHE C 114 9.66 -26.86 18.86
N GLY C 115 10.56 -26.26 19.63
CA GLY C 115 10.24 -25.77 20.97
C GLY C 115 11.41 -25.75 21.93
N SER C 116 11.37 -26.66 22.91
CA SER C 116 12.42 -26.81 23.92
C SER C 116 13.38 -27.87 23.42
N GLN C 117 14.46 -28.08 24.17
CA GLN C 117 15.43 -29.09 23.83
C GLN C 117 14.82 -30.49 23.87
N LYS C 118 13.88 -30.72 24.78
CA LYS C 118 13.19 -31.99 24.89
C LYS C 118 12.48 -32.33 23.58
N ALA C 119 11.81 -31.33 23.02
CA ALA C 119 11.09 -31.49 21.76
C ALA C 119 12.05 -31.90 20.64
N VAL C 120 13.18 -31.22 20.62
CA VAL C 120 14.23 -31.47 19.63
C VAL C 120 14.72 -32.92 19.75
N GLU C 121 14.93 -33.34 20.99
CA GLU C 121 15.39 -34.69 21.29
C GLU C 121 14.39 -35.72 20.78
N LYS C 122 13.11 -35.44 21.02
CA LYS C 122 12.01 -36.29 20.57
C LYS C 122 12.06 -36.45 19.05
N GLU C 123 12.25 -35.31 18.38
CA GLU C 123 12.33 -35.28 16.91
C GLU C 123 13.49 -36.16 16.42
N GLN C 124 14.62 -36.01 17.09
CA GLN C 124 15.84 -36.76 16.80
C GLN C 124 15.60 -38.24 16.93
N GLU C 125 14.86 -38.64 17.97
CA GLU C 125 14.49 -40.03 18.20
C GLU C 125 13.77 -40.62 16.98
N ARG C 126 12.84 -39.84 16.44
CA ARG C 126 12.08 -40.24 15.27
C ARG C 126 13.01 -40.52 14.09
N VAL C 127 13.94 -39.59 13.90
CA VAL C 127 14.95 -39.68 12.83
C VAL C 127 15.76 -40.96 12.98
N LYS C 128 16.17 -41.21 14.22
CA LYS C 128 16.97 -42.40 14.57
C LYS C 128 16.29 -43.77 14.34
N THR C 129 15.07 -43.83 13.81
CA THR C 129 14.45 -45.11 13.43
C THR C 129 15.22 -45.85 12.32
N ALA C 130 15.67 -45.12 11.30
CA ALA C 130 16.48 -45.67 10.20
C ALA C 130 17.92 -45.16 10.28
N GLY C 131 18.88 -46.08 10.21
CA GLY C 131 20.30 -45.77 10.41
C GLY C 131 21.07 -45.59 9.11
N PHE C 132 21.64 -44.40 8.91
CA PHE C 132 22.46 -44.06 7.74
C PHE C 132 21.72 -43.97 6.39
N TRP C 133 20.40 -44.06 6.41
CA TRP C 133 19.56 -43.98 5.21
C TRP C 133 18.72 -42.70 5.11
N ILE C 134 18.54 -42.00 6.24
CA ILE C 134 17.66 -40.82 6.30
C ILE C 134 18.40 -39.58 6.81
N ILE C 135 18.12 -38.44 6.16
CA ILE C 135 18.68 -37.15 6.53
C ILE C 135 17.53 -36.19 6.85
N HIS C 136 17.63 -35.50 7.99
CA HIS C 136 16.60 -34.56 8.43
C HIS C 136 16.81 -33.21 7.72
N PRO C 137 15.74 -32.63 7.16
CA PRO C 137 15.88 -31.40 6.36
C PRO C 137 16.55 -30.23 7.08
N TYR C 138 16.18 -30.03 8.34
CA TYR C 138 16.73 -28.93 9.15
C TYR C 138 18.12 -29.20 9.79
N SER C 139 18.76 -30.32 9.43
CA SER C 139 20.05 -30.69 10.02
C SER C 139 21.22 -29.83 9.53
N ASP C 140 22.33 -29.90 10.27
CA ASP C 140 23.51 -29.07 10.04
C ASP C 140 24.31 -29.58 8.85
N PHE C 141 24.45 -30.91 8.79
CA PHE C 141 25.12 -31.58 7.67
C PHE C 141 24.42 -31.23 6.37
N ARG C 142 23.09 -31.31 6.40
CA ARG C 142 22.26 -31.01 5.23
C ARG C 142 22.51 -29.59 4.76
N PHE C 143 22.53 -28.67 5.73
CA PHE C 143 22.77 -27.25 5.47
C PHE C 143 24.10 -27.06 4.77
N TYR C 144 25.11 -27.74 5.31
CA TYR C 144 26.48 -27.67 4.77
C TYR C 144 26.49 -28.13 3.32
N TRP C 145 25.81 -29.25 3.09
CA TRP C 145 25.72 -29.87 1.77
C TRP C 145 25.08 -28.89 0.79
N ASP C 146 24.00 -28.27 1.24
CA ASP C 146 23.29 -27.35 0.37
C ASP C 146 24.14 -26.14 0.05
N LEU C 147 24.90 -25.65 1.03
CA LEU C 147 25.84 -24.55 0.82
C LEU C 147 26.85 -24.90 -0.26
N ILE C 148 27.38 -26.12 -0.13
CA ILE C 148 28.36 -26.64 -1.08
C ILE C 148 27.78 -26.65 -2.49
N MET C 149 26.55 -27.15 -2.59
CA MET C 149 25.82 -27.23 -3.84
C MET C 149 25.68 -25.86 -4.47
N LEU C 150 25.30 -24.90 -3.64
CA LEU C 150 25.10 -23.51 -4.06
C LEU C 150 26.39 -22.95 -4.63
N ILE C 151 27.47 -23.22 -3.91
CA ILE C 151 28.81 -22.76 -4.30
C ILE C 151 29.16 -23.32 -5.69
N MET C 152 28.90 -24.61 -5.84
CA MET C 152 29.17 -25.30 -7.11
C MET C 152 28.21 -24.73 -8.17
N MET C 153 26.93 -24.68 -7.79
CA MET C 153 25.84 -24.51 -8.72
C MET C 153 25.94 -23.19 -9.41
N VAL C 154 26.18 -22.14 -8.62
CA VAL C 154 26.27 -20.76 -9.17
C VAL C 154 27.37 -20.69 -10.22
N GLY C 155 28.51 -21.26 -9.86
CA GLY C 155 29.69 -21.29 -10.73
C GLY C 155 29.35 -21.98 -12.04
N ASN C 156 28.71 -23.13 -11.89
CA ASN C 156 28.39 -24.00 -13.03
C ASN C 156 27.45 -23.28 -13.97
N LEU C 157 26.46 -22.58 -13.41
CA LEU C 157 25.48 -21.87 -14.23
C LEU C 157 26.20 -20.77 -15.03
N VAL C 158 27.13 -20.07 -14.39
CA VAL C 158 27.84 -19.02 -15.09
C VAL C 158 28.70 -19.60 -16.21
N ILE C 159 29.33 -20.73 -15.90
CA ILE C 159 30.40 -21.31 -16.70
C ILE C 159 29.83 -22.02 -17.90
N ILE C 160 28.97 -23.00 -17.64
CA ILE C 160 28.46 -23.92 -18.67
C ILE C 160 28.15 -23.28 -20.02
N PRO C 161 27.24 -22.27 -20.03
CA PRO C 161 26.81 -21.67 -21.29
C PRO C 161 27.97 -21.06 -22.04
N VAL C 162 28.80 -20.35 -21.28
CA VAL C 162 30.00 -19.68 -21.84
C VAL C 162 30.91 -20.71 -22.47
N GLY C 163 31.12 -21.81 -21.75
CA GLY C 163 31.97 -22.91 -22.19
C GLY C 163 31.45 -23.47 -23.51
N ILE C 164 30.14 -23.68 -23.55
CA ILE C 164 29.48 -24.23 -24.72
C ILE C 164 29.69 -23.32 -25.91
N THR C 165 29.53 -22.02 -25.68
CA THR C 165 29.56 -21.03 -26.77
C THR C 165 30.95 -20.66 -27.28
N PHE C 166 31.70 -19.99 -26.41
CA PHE C 166 32.91 -19.28 -26.81
C PHE C 166 34.18 -20.13 -26.84
N PHE C 167 34.10 -21.38 -26.43
CA PHE C 167 35.19 -22.34 -26.64
C PHE C 167 34.77 -23.39 -27.67
N THR C 168 35.48 -23.42 -28.79
CA THR C 168 35.22 -24.39 -29.87
C THR C 168 35.61 -25.79 -29.44
N GLU C 169 36.85 -25.94 -28.97
CA GLU C 169 37.36 -27.22 -28.48
C GLU C 169 36.73 -27.57 -27.13
N GLN C 170 35.53 -28.15 -27.19
CA GLN C 170 34.81 -28.61 -26.00
C GLN C 170 35.28 -29.97 -25.48
N THR C 171 36.04 -30.71 -26.28
CA THR C 171 36.58 -32.02 -25.90
C THR C 171 37.95 -31.98 -25.20
N THR C 172 38.46 -30.78 -24.88
CA THR C 172 39.74 -30.65 -24.17
C THR C 172 39.64 -31.11 -22.71
N THR C 173 40.78 -31.57 -22.18
CA THR C 173 40.89 -32.21 -20.86
C THR C 173 40.34 -31.42 -19.68
N PRO C 174 40.82 -30.16 -19.50
CA PRO C 174 40.48 -29.40 -18.31
C PRO C 174 38.99 -29.21 -18.18
N TRP C 175 38.36 -28.86 -19.29
CA TRP C 175 36.93 -28.63 -19.36
C TRP C 175 36.18 -29.92 -18.94
N ILE C 176 36.64 -31.00 -19.58
CA ILE C 176 35.91 -32.28 -19.46
C ILE C 176 35.97 -32.75 -18.04
N ILE C 177 37.15 -32.64 -17.41
CA ILE C 177 37.33 -33.08 -16.03
C ILE C 177 36.38 -32.31 -15.10
N PHE C 178 36.33 -31.00 -15.33
CA PHE C 178 35.48 -30.10 -14.56
C PHE C 178 34.01 -30.54 -14.66
N ASN C 179 33.62 -30.82 -15.90
CA ASN C 179 32.25 -31.22 -16.20
C ASN C 179 31.91 -32.50 -15.45
N VAL C 180 32.84 -33.45 -15.51
CA VAL C 180 32.61 -34.80 -14.97
C VAL C 180 32.37 -34.72 -13.48
N ALA C 181 33.25 -33.96 -12.83
CA ALA C 181 33.21 -33.76 -11.37
C ALA C 181 31.86 -33.16 -10.98
N SER C 182 31.46 -32.13 -11.76
CA SER C 182 30.21 -31.42 -11.51
C SER C 182 29.03 -32.39 -11.59
N ASP C 183 29.07 -33.21 -12.63
CA ASP C 183 28.02 -34.21 -12.88
C ASP C 183 27.91 -35.17 -11.70
N THR C 184 29.08 -35.62 -11.24
CA THR C 184 29.17 -36.54 -10.10
C THR C 184 28.52 -35.92 -8.87
N VAL C 185 28.87 -34.65 -8.64
CA VAL C 185 28.36 -33.91 -7.48
C VAL C 185 26.83 -33.83 -7.56
N PHE C 186 26.34 -33.53 -8.76
CA PHE C 186 24.90 -33.40 -8.92
C PHE C 186 24.20 -34.73 -8.70
N LEU C 187 24.80 -35.80 -9.17
CA LEU C 187 24.27 -37.15 -8.96
C LEU C 187 24.17 -37.45 -7.47
N LEU C 188 25.23 -37.08 -6.74
CA LEU C 188 25.29 -37.28 -5.31
C LEU C 188 24.16 -36.52 -4.61
N ASP C 189 23.96 -35.28 -5.05
CA ASP C 189 22.92 -34.40 -4.53
C ASP C 189 21.55 -35.04 -4.74
N LEU C 190 21.35 -35.57 -5.94
CA LEU C 190 20.10 -36.23 -6.31
C LEU C 190 19.83 -37.41 -5.38
N ILE C 191 20.88 -38.19 -5.15
CA ILE C 191 20.81 -39.36 -4.28
C ILE C 191 20.38 -38.94 -2.87
N MET C 192 21.02 -37.86 -2.40
CA MET C 192 20.74 -37.30 -1.08
C MET C 192 19.28 -36.92 -0.96
N ASN C 193 18.78 -36.26 -2.01
CA ASN C 193 17.39 -35.83 -2.10
C ASN C 193 16.41 -36.98 -1.80
N PHE C 194 16.67 -38.20 -2.27
CA PHE C 194 15.85 -39.36 -1.83
C PHE C 194 15.91 -39.55 -0.31
N ARG C 195 17.12 -39.56 0.24
CA ARG C 195 17.36 -39.76 1.66
C ARG C 195 16.94 -38.58 2.56
N THR C 196 16.86 -37.37 1.99
CA THR C 196 16.48 -36.17 2.74
C THR C 196 14.97 -36.11 2.97
N GLY C 197 14.58 -35.66 4.15
CA GLY C 197 13.15 -35.48 4.48
C GLY C 197 12.57 -34.20 3.91
N THR C 198 11.25 -34.20 3.71
CA THR C 198 10.53 -33.08 3.10
C THR C 198 9.64 -32.36 4.12
N VAL C 199 9.73 -31.03 4.14
CA VAL C 199 8.90 -30.19 5.02
C VAL C 199 7.51 -30.02 4.37
N ASN C 200 6.47 -30.01 5.21
CA ASN C 200 5.08 -29.83 4.76
C ASN C 200 4.44 -28.62 5.45
N SER C 203 2.54 -28.23 8.99
CA SER C 203 2.49 -29.68 9.17
C SER C 203 3.85 -30.26 9.55
N SER C 204 3.84 -31.43 10.18
CA SER C 204 5.06 -32.12 10.61
C SER C 204 5.82 -32.72 9.42
N GLU C 205 7.15 -32.77 9.55
CA GLU C 205 8.02 -33.27 8.47
C GLU C 205 7.94 -34.79 8.34
N ILE C 206 7.88 -35.27 7.09
CA ILE C 206 7.78 -36.70 6.82
C ILE C 206 9.18 -37.34 6.74
N ILE C 207 9.51 -38.15 7.73
CA ILE C 207 10.81 -38.84 7.79
C ILE C 207 10.76 -40.29 7.28
N LEU C 208 9.60 -40.74 6.79
CA LEU C 208 9.44 -42.09 6.25
C LEU C 208 10.12 -42.23 4.87
N ASP C 209 11.02 -43.20 4.74
CA ASP C 209 11.81 -43.39 3.51
C ASP C 209 11.05 -44.09 2.40
N PRO C 210 10.78 -45.42 2.54
CA PRO C 210 10.41 -46.27 1.40
C PRO C 210 9.20 -45.79 0.59
N LYS C 211 8.18 -45.28 1.27
CA LYS C 211 6.94 -44.82 0.63
C LYS C 211 6.90 -43.31 0.46
N VAL C 212 7.03 -42.58 1.57
CA VAL C 212 6.81 -41.14 1.60
C VAL C 212 7.86 -40.33 0.83
N ILE C 213 9.13 -40.56 1.15
CA ILE C 213 10.24 -39.80 0.55
C ILE C 213 10.46 -40.15 -0.93
N LYS C 214 10.36 -41.43 -1.27
CA LYS C 214 10.59 -41.89 -2.64
C LYS C 214 9.48 -41.48 -3.62
N MET C 215 8.23 -41.67 -3.21
CA MET C 215 7.07 -41.41 -4.08
C MET C 215 6.77 -39.92 -4.24
N ASN C 216 6.86 -39.15 -3.15
CA ASN C 216 6.60 -37.70 -3.18
C ASN C 216 7.63 -36.95 -4.03
N TYR C 217 8.89 -37.37 -3.95
CA TYR C 217 9.96 -36.77 -4.75
C TYR C 217 9.88 -37.18 -6.21
N LEU C 218 9.65 -38.47 -6.47
CA LEU C 218 9.52 -39.00 -7.83
C LEU C 218 8.29 -38.46 -8.59
N LYS C 219 7.25 -38.07 -7.86
CA LYS C 219 6.03 -37.51 -8.46
C LYS C 219 6.08 -36.00 -8.72
N SER C 220 7.12 -35.31 -8.23
CA SER C 220 7.20 -33.84 -8.31
C SER C 220 8.41 -33.33 -9.12
N TRP C 221 9.61 -33.42 -8.54
CA TRP C 221 10.81 -32.75 -9.08
C TRP C 221 11.89 -33.65 -9.68
N PHE C 222 11.76 -34.97 -9.50
CA PHE C 222 12.85 -35.89 -9.81
C PHE C 222 13.42 -35.76 -11.21
N VAL C 223 12.53 -35.77 -12.20
CA VAL C 223 12.91 -35.97 -13.60
C VAL C 223 13.86 -34.88 -14.05
N VAL C 224 13.48 -33.65 -13.74
CA VAL C 224 14.25 -32.46 -14.12
C VAL C 224 15.65 -32.54 -13.51
N ASP C 225 15.67 -32.90 -12.23
CA ASP C 225 16.92 -33.03 -11.48
C ASP C 225 17.83 -34.05 -12.13
N PHE C 226 17.23 -35.18 -12.49
CA PHE C 226 17.94 -36.30 -13.14
C PHE C 226 18.57 -35.81 -14.43
N ILE C 227 17.78 -35.08 -15.21
CA ILE C 227 18.21 -34.55 -16.50
C ILE C 227 19.42 -33.63 -16.30
N SER C 228 19.30 -32.78 -15.30
CA SER C 228 20.30 -31.75 -15.05
C SER C 228 21.61 -32.42 -14.65
N SER C 229 21.50 -33.40 -13.76
CA SER C 229 22.66 -33.99 -13.10
C SER C 229 23.52 -34.71 -14.11
N ILE C 230 22.87 -35.58 -14.88
CA ILE C 230 23.58 -36.48 -15.80
C ILE C 230 24.21 -35.71 -16.96
N PRO C 231 25.37 -36.18 -17.45
CA PRO C 231 25.95 -35.64 -18.68
C PRO C 231 25.32 -36.33 -19.89
N VAL C 232 24.30 -35.70 -20.46
CA VAL C 232 23.52 -36.30 -21.54
C VAL C 232 24.30 -36.24 -22.85
N ASP C 233 24.92 -35.08 -23.08
CA ASP C 233 25.67 -34.82 -24.31
C ASP C 233 26.80 -35.85 -24.45
N TYR C 234 27.50 -36.07 -23.35
CA TYR C 234 28.63 -37.01 -23.34
C TYR C 234 28.13 -38.41 -23.67
N ILE C 235 27.00 -38.78 -23.07
CA ILE C 235 26.38 -40.09 -23.30
C ILE C 235 26.06 -40.26 -24.78
N PHE C 236 25.48 -39.21 -25.35
CA PHE C 236 25.10 -39.20 -26.77
C PHE C 236 26.33 -39.43 -27.64
N LEU C 237 27.40 -38.71 -27.30
CA LEU C 237 28.68 -38.80 -28.01
C LEU C 237 29.21 -40.22 -27.98
N ILE C 238 29.14 -40.82 -26.79
CA ILE C 238 29.61 -42.18 -26.57
C ILE C 238 28.83 -43.15 -27.45
N VAL C 239 27.51 -42.95 -27.47
CA VAL C 239 26.60 -43.78 -28.28
C VAL C 239 27.00 -43.70 -29.76
N GLU C 240 27.24 -42.47 -30.20
CA GLU C 240 27.63 -42.19 -31.58
C GLU C 240 28.91 -42.95 -31.93
N LYS C 241 29.87 -42.87 -31.01
CA LYS C 241 31.16 -43.53 -31.14
C LYS C 241 30.98 -45.04 -31.31
N GLY C 242 30.22 -45.64 -30.40
CA GLY C 242 30.00 -47.09 -30.38
C GLY C 242 28.79 -47.51 -31.19
N ARG C 252 28.95 -34.60 -41.40
CA ARG C 252 28.06 -35.14 -40.40
C ARG C 252 28.57 -34.89 -38.99
N ALA C 253 29.90 -34.92 -38.83
CA ALA C 253 30.54 -34.69 -37.54
C ALA C 253 30.16 -33.32 -36.99
N LEU C 254 30.21 -32.32 -37.87
CA LEU C 254 29.86 -30.95 -37.52
C LEU C 254 28.44 -30.88 -36.99
N ARG C 255 27.54 -31.54 -37.72
CA ARG C 255 26.13 -31.60 -37.38
C ARG C 255 25.94 -32.20 -35.99
N ILE C 256 26.66 -33.30 -35.76
CA ILE C 256 26.61 -34.03 -34.49
C ILE C 256 27.05 -33.10 -33.36
N VAL C 257 28.14 -32.38 -33.60
CA VAL C 257 28.70 -31.44 -32.63
C VAL C 257 27.67 -30.38 -32.28
N ARG C 258 27.02 -29.85 -33.31
CA ARG C 258 25.98 -28.83 -33.16
C ARG C 258 24.86 -29.34 -32.26
N PHE C 259 24.44 -30.58 -32.56
CA PHE C 259 23.37 -31.23 -31.81
C PHE C 259 23.76 -31.35 -30.32
N THR C 260 25.00 -31.76 -30.11
CA THR C 260 25.52 -32.05 -28.79
C THR C 260 25.49 -30.86 -27.90
N LYS C 261 25.79 -29.67 -28.44
CA LYS C 261 25.82 -28.46 -27.63
C LYS C 261 24.45 -28.20 -27.00
N ILE C 262 23.41 -28.37 -27.80
CA ILE C 262 22.02 -28.19 -27.36
C ILE C 262 21.73 -29.15 -26.21
N LEU C 263 22.14 -30.40 -26.39
CA LEU C 263 21.94 -31.44 -25.38
C LEU C 263 22.61 -31.06 -24.07
N SER C 264 23.85 -30.57 -24.20
CA SER C 264 24.65 -30.14 -23.06
C SER C 264 23.92 -29.03 -22.30
N LEU C 265 23.39 -28.08 -23.06
CA LEU C 265 22.63 -26.96 -22.51
C LEU C 265 21.43 -27.43 -21.69
N LEU C 266 21.03 -28.71 -21.72
CA LEU C 266 20.04 -29.23 -20.75
C LEU C 266 20.51 -29.16 -19.29
N ARG C 267 21.81 -29.01 -19.07
CA ARG C 267 22.38 -28.91 -17.72
C ARG C 267 22.08 -27.58 -17.01
N LEU C 268 21.43 -26.64 -17.69
CA LEU C 268 20.91 -25.43 -17.04
C LEU C 268 19.69 -25.68 -16.16
N LEU C 269 19.05 -26.84 -16.30
CA LEU C 269 17.91 -27.23 -15.45
C LEU C 269 18.26 -27.43 -13.97
N ARG C 270 19.56 -27.37 -13.63
CA ARG C 270 20.00 -27.25 -12.23
C ARG C 270 19.53 -25.97 -11.52
N LEU C 271 19.16 -24.97 -12.34
CA LEU C 271 18.70 -23.69 -11.85
C LEU C 271 17.48 -23.86 -10.98
N SER C 272 16.55 -24.74 -11.38
CA SER C 272 15.34 -25.01 -10.60
C SER C 272 15.71 -25.49 -9.19
N ARG C 273 16.64 -26.44 -9.18
CA ARG C 273 17.14 -27.04 -7.93
C ARG C 273 17.72 -25.96 -7.04
N LEU C 274 18.54 -25.11 -7.65
CA LEU C 274 19.21 -24.00 -6.97
C LEU C 274 18.18 -23.10 -6.31
N ILE C 275 17.15 -22.77 -7.10
CA ILE C 275 16.06 -21.90 -6.67
C ILE C 275 15.39 -22.49 -5.43
N ARG C 276 15.11 -23.79 -5.52
CA ARG C 276 14.46 -24.52 -4.44
C ARG C 276 15.29 -24.44 -3.17
N TYR C 277 16.58 -24.66 -3.34
CA TYR C 277 17.54 -24.64 -2.23
C TYR C 277 17.54 -23.27 -1.57
N ILE C 278 17.54 -22.24 -2.40
CA ILE C 278 17.58 -20.85 -1.95
C ILE C 278 16.34 -20.58 -1.13
N HIS C 279 15.18 -21.04 -1.61
CA HIS C 279 13.92 -20.63 -1.00
C HIS C 279 13.86 -21.13 0.46
N GLN C 280 14.18 -22.40 0.58
CA GLN C 280 14.14 -23.11 1.86
C GLN C 280 15.11 -22.45 2.83
N TRP C 281 16.32 -22.20 2.31
CA TRP C 281 17.36 -21.60 3.17
C TRP C 281 16.95 -20.21 3.60
N GLU C 282 16.34 -19.46 2.69
CA GLU C 282 15.87 -18.11 3.03
C GLU C 282 14.84 -18.16 4.13
N GLU C 283 13.92 -19.12 4.02
CA GLU C 283 12.87 -19.31 5.03
C GLU C 283 13.50 -19.59 6.39
N ILE C 284 14.49 -20.47 6.37
CA ILE C 284 15.19 -20.85 7.60
C ILE C 284 15.86 -19.62 8.24
N PHE C 285 16.50 -18.83 7.39
CA PHE C 285 17.20 -17.63 7.81
C PHE C 285 16.22 -16.66 8.43
N HIS C 286 15.03 -16.51 7.85
CA HIS C 286 13.97 -15.67 8.36
C HIS C 286 13.63 -16.05 9.80
N MET C 287 13.46 -17.35 9.99
CA MET C 287 13.15 -17.89 11.32
C MET C 287 14.26 -17.58 12.31
N THR C 288 15.49 -17.77 11.84
CA THR C 288 16.71 -17.53 12.63
C THR C 288 17.03 -16.03 12.93
N TYR C 289 17.41 -15.28 11.89
CA TYR C 289 18.06 -13.97 12.03
C TYR C 289 17.14 -12.75 11.90
N ASP C 290 15.85 -12.96 11.63
CA ASP C 290 14.88 -11.88 11.41
C ASP C 290 15.35 -10.93 10.30
N LEU C 291 15.46 -11.48 9.09
CA LEU C 291 15.88 -10.72 7.92
C LEU C 291 14.71 -9.92 7.38
N ALA C 292 15.01 -8.80 6.72
CA ALA C 292 13.98 -7.98 6.05
C ALA C 292 13.56 -8.63 4.74
N SER C 293 12.30 -9.07 4.67
CA SER C 293 11.76 -9.89 3.58
C SER C 293 11.91 -9.22 2.24
N ALA C 294 11.54 -7.95 2.23
CA ALA C 294 11.59 -7.12 1.02
C ALA C 294 13.00 -7.10 0.43
N VAL C 295 13.95 -6.88 1.34
CA VAL C 295 15.36 -6.79 1.00
C VAL C 295 15.82 -8.11 0.36
N VAL C 296 15.41 -9.20 0.98
CA VAL C 296 15.75 -10.55 0.54
C VAL C 296 15.24 -10.76 -0.89
N ARG C 297 13.97 -10.37 -1.08
CA ARG C 297 13.27 -10.66 -2.33
C ARG C 297 13.97 -9.94 -3.48
N ILE C 298 14.26 -8.66 -3.21
CA ILE C 298 14.91 -7.81 -4.22
C ILE C 298 16.27 -8.39 -4.56
N PHE C 299 17.01 -8.84 -3.54
CA PHE C 299 18.33 -9.41 -3.74
C PHE C 299 18.25 -10.63 -4.65
N ASN C 300 17.26 -11.47 -4.37
CA ASN C 300 17.02 -12.69 -5.17
C ASN C 300 16.83 -12.34 -6.63
N LEU C 301 15.95 -11.35 -6.80
CA LEU C 301 15.57 -10.88 -8.13
C LEU C 301 16.77 -10.38 -8.88
N ILE C 302 17.63 -9.62 -8.19
CA ILE C 302 18.82 -9.05 -8.80
C ILE C 302 19.70 -10.15 -9.39
N GLY C 303 19.90 -11.17 -8.55
CA GLY C 303 20.71 -12.33 -8.90
C GLY C 303 20.17 -13.01 -10.15
N MET C 304 18.85 -13.20 -10.12
CA MET C 304 18.13 -13.85 -11.22
C MET C 304 18.33 -13.09 -12.51
N MET C 305 18.18 -11.77 -12.40
CA MET C 305 18.31 -10.85 -13.53
C MET C 305 19.69 -10.98 -14.14
N LEU C 306 20.69 -10.99 -13.26
CA LEU C 306 22.10 -11.08 -13.68
C LEU C 306 22.30 -12.37 -14.47
N LEU C 307 21.79 -13.46 -13.89
CA LEU C 307 21.95 -14.78 -14.49
C LEU C 307 21.28 -14.81 -15.86
N LEU C 308 20.06 -14.26 -15.87
CA LEU C 308 19.25 -14.23 -17.09
C LEU C 308 19.95 -13.43 -18.15
N CYS C 309 20.53 -12.29 -17.74
CA CYS C 309 21.24 -11.41 -18.67
C CYS C 309 22.40 -12.16 -19.31
N HIS C 310 23.14 -12.87 -18.46
CA HIS C 310 24.30 -13.65 -18.87
C HIS C 310 23.88 -14.69 -19.92
N TRP C 311 22.79 -15.37 -19.61
CA TRP C 311 22.26 -16.41 -20.47
C TRP C 311 21.87 -15.84 -21.81
N ASP C 312 21.22 -14.68 -21.79
CA ASP C 312 20.80 -13.99 -23.00
C ASP C 312 21.99 -13.66 -23.86
N GLY C 313 23.04 -13.16 -23.21
CA GLY C 313 24.29 -12.80 -23.89
C GLY C 313 24.87 -14.01 -24.59
N CYS C 314 24.89 -15.13 -23.86
CA CYS C 314 25.43 -16.37 -24.40
C CYS C 314 24.62 -16.81 -25.64
N LEU C 315 23.32 -16.73 -25.48
CA LEU C 315 22.34 -17.21 -26.42
C LEU C 315 22.45 -16.46 -27.72
N GLN C 316 22.65 -15.13 -27.62
CA GLN C 316 22.70 -14.28 -28.80
C GLN C 316 23.80 -14.70 -29.73
N PHE C 317 24.96 -15.03 -29.18
CA PHE C 317 26.09 -15.58 -29.94
C PHE C 317 25.92 -17.07 -30.31
N LEU C 318 25.30 -17.77 -29.35
CA LEU C 318 25.09 -19.20 -29.43
C LEU C 318 24.32 -19.57 -30.65
N VAL C 319 23.26 -18.82 -30.95
CA VAL C 319 22.44 -19.15 -32.11
C VAL C 319 23.26 -19.00 -33.39
N PRO C 320 24.07 -17.94 -33.47
CA PRO C 320 24.94 -17.77 -34.62
C PRO C 320 25.91 -18.91 -34.78
N LEU C 321 26.48 -19.34 -33.66
CA LEU C 321 27.42 -20.46 -33.62
C LEU C 321 26.74 -21.72 -34.18
N LEU C 322 25.51 -21.94 -33.72
CA LEU C 322 24.73 -23.10 -34.13
C LEU C 322 24.48 -23.05 -35.65
N GLN C 323 24.11 -21.86 -36.12
CA GLN C 323 23.78 -21.62 -37.53
C GLN C 323 25.01 -21.41 -38.45
N ASP C 324 26.21 -21.58 -37.90
CA ASP C 324 27.47 -21.58 -38.68
C ASP C 324 27.91 -20.18 -39.15
N PHE C 325 27.55 -19.15 -38.38
CA PHE C 325 27.89 -17.75 -38.66
C PHE C 325 27.50 -17.35 -40.09
N PRO C 326 26.19 -17.20 -40.34
CA PRO C 326 25.71 -16.77 -41.67
C PRO C 326 26.10 -15.30 -41.96
N PRO C 327 26.08 -14.90 -43.25
CA PRO C 327 26.59 -13.58 -43.64
C PRO C 327 25.76 -12.39 -43.12
N ASP C 328 24.47 -12.58 -42.90
CA ASP C 328 23.57 -11.52 -42.44
C ASP C 328 23.13 -11.71 -40.97
N CYS C 329 24.11 -11.85 -40.08
CA CYS C 329 23.88 -11.89 -38.63
C CYS C 329 24.81 -10.92 -37.93
N TRP C 330 24.52 -10.61 -36.66
CA TRP C 330 25.25 -9.56 -35.94
C TRP C 330 26.74 -9.83 -35.71
N VAL C 331 27.13 -11.09 -35.66
CA VAL C 331 28.54 -11.45 -35.46
C VAL C 331 29.33 -11.23 -36.76
N SER C 332 28.79 -11.73 -37.87
CA SER C 332 29.41 -11.56 -39.18
C SER C 332 29.37 -10.12 -39.70
N LEU C 333 28.28 -9.41 -39.43
CA LEU C 333 28.11 -8.03 -39.89
C LEU C 333 29.04 -7.02 -39.20
N ASN C 334 29.36 -7.27 -37.93
CA ASN C 334 30.35 -6.45 -37.19
C ASN C 334 31.79 -6.86 -37.47
N GLU C 335 31.98 -8.01 -38.13
CA GLU C 335 33.31 -8.53 -38.51
C GLU C 335 34.13 -8.91 -37.28
N MET C 336 33.51 -9.68 -36.39
CA MET C 336 34.13 -10.13 -35.15
C MET C 336 33.86 -11.62 -34.93
N VAL C 337 34.17 -12.41 -35.97
CA VAL C 337 34.05 -13.86 -35.92
C VAL C 337 35.32 -14.44 -35.31
N ASN C 338 36.47 -14.00 -35.83
CA ASN C 338 37.78 -14.48 -35.39
C ASN C 338 38.43 -13.61 -34.30
N ASP C 339 37.68 -12.69 -33.70
CA ASP C 339 38.17 -11.89 -32.56
C ASP C 339 38.31 -12.75 -31.31
N SER C 340 39.00 -12.21 -30.31
CA SER C 340 39.22 -12.93 -29.04
C SER C 340 37.89 -13.22 -28.36
N TRP C 341 37.79 -14.40 -27.76
CA TRP C 341 36.54 -14.93 -27.24
C TRP C 341 35.93 -13.95 -26.24
N GLY C 342 36.79 -13.42 -25.37
CA GLY C 342 36.37 -12.60 -24.25
C GLY C 342 35.63 -11.37 -24.73
N LYS C 343 36.22 -10.74 -25.73
CA LYS C 343 35.68 -9.51 -26.34
C LYS C 343 34.28 -9.79 -26.88
N GLN C 344 34.19 -10.91 -27.59
CA GLN C 344 32.92 -11.34 -28.20
C GLN C 344 31.86 -11.51 -27.14
N TYR C 345 32.26 -12.20 -26.06
CA TYR C 345 31.36 -12.48 -24.94
C TYR C 345 30.85 -11.19 -24.35
N SER C 346 31.76 -10.25 -24.16
CA SER C 346 31.45 -8.93 -23.59
C SER C 346 30.42 -8.24 -24.44
N TYR C 347 30.66 -8.27 -25.75
CA TYR C 347 29.77 -7.63 -26.72
C TYR C 347 28.36 -8.22 -26.62
N ALA C 348 28.33 -9.56 -26.55
CA ALA C 348 27.08 -10.30 -26.47
C ALA C 348 26.31 -9.88 -25.22
N LEU C 349 27.04 -9.81 -24.11
CA LEU C 349 26.45 -9.45 -22.83
C LEU C 349 25.86 -8.06 -22.90
N PHE C 350 26.60 -7.15 -23.52
CA PHE C 350 26.18 -5.76 -23.70
C PHE C 350 24.87 -5.71 -24.47
N LYS C 351 24.83 -6.50 -25.54
CA LYS C 351 23.64 -6.59 -26.40
C LYS C 351 22.43 -7.06 -25.58
N ALA C 352 22.67 -8.10 -24.80
CA ALA C 352 21.63 -8.68 -23.95
C ALA C 352 21.17 -7.64 -22.91
N MET C 353 22.17 -7.02 -22.32
CA MET C 353 21.97 -6.12 -21.19
C MET C 353 21.16 -4.95 -21.59
N SER C 354 21.39 -4.40 -22.79
CA SER C 354 20.63 -3.27 -23.31
C SER C 354 19.14 -3.63 -23.38
N HIS C 355 18.88 -4.84 -23.90
CA HIS C 355 17.50 -5.33 -24.02
C HIS C 355 16.86 -5.45 -22.65
N MET C 356 17.63 -5.97 -21.70
CA MET C 356 17.15 -6.08 -20.31
C MET C 356 16.74 -4.72 -19.73
N LEU C 357 17.60 -3.71 -19.89
CA LEU C 357 17.36 -2.39 -19.26
C LEU C 357 16.72 -1.35 -20.20
N CYS C 358 16.32 -1.80 -21.39
CA CYS C 358 15.54 -1.01 -22.35
C CYS C 358 16.32 0.09 -23.09
N ILE C 359 17.62 -0.11 -23.25
CA ILE C 359 18.51 0.94 -23.78
C ILE C 359 18.46 0.98 -25.30
N GLY C 360 18.61 -0.17 -25.93
CA GLY C 360 18.63 -0.22 -27.38
C GLY C 360 19.11 -1.54 -27.95
N TYR C 361 19.55 -1.49 -29.21
CA TYR C 361 20.02 -2.67 -29.93
C TYR C 361 21.54 -2.72 -29.82
N GLY C 362 22.16 -3.69 -30.46
CA GLY C 362 23.63 -3.78 -30.52
C GLY C 362 24.22 -2.76 -31.47
N ALA C 363 24.94 -3.25 -32.49
CA ALA C 363 25.46 -2.39 -33.55
C ALA C 363 24.32 -1.86 -34.44
N GLN C 364 23.44 -2.76 -34.84
CA GLN C 364 22.38 -2.46 -35.81
C GLN C 364 21.12 -3.27 -35.48
N ALA C 365 19.96 -2.76 -35.93
CA ALA C 365 18.70 -3.49 -35.85
C ALA C 365 18.78 -4.81 -36.64
N PRO C 366 18.26 -5.92 -36.09
CA PRO C 366 18.39 -7.23 -36.73
C PRO C 366 17.98 -7.28 -38.21
N VAL C 367 18.64 -8.17 -38.96
CA VAL C 367 18.38 -8.36 -40.38
C VAL C 367 17.81 -9.76 -40.64
N SER C 368 18.56 -10.79 -40.24
CA SER C 368 18.07 -12.18 -40.36
C SER C 368 16.94 -12.45 -39.39
N MET C 369 16.04 -13.36 -39.77
CA MET C 369 14.79 -13.56 -39.05
C MET C 369 15.07 -14.08 -37.66
N SER C 370 15.94 -15.09 -37.61
CA SER C 370 16.26 -15.80 -36.37
C SER C 370 16.78 -14.83 -35.32
N ASP C 371 17.72 -14.00 -35.77
CA ASP C 371 18.36 -12.99 -34.92
C ASP C 371 17.32 -12.06 -34.35
N LEU C 372 16.43 -11.61 -35.23
CA LEU C 372 15.35 -10.69 -34.89
C LEU C 372 14.48 -11.30 -33.79
N TRP C 373 14.13 -12.56 -34.00
CA TRP C 373 13.28 -13.29 -33.07
C TRP C 373 13.94 -13.39 -31.71
N ILE C 374 15.24 -13.69 -31.73
CA ILE C 374 16.04 -13.81 -30.50
C ILE C 374 16.01 -12.50 -29.74
N THR C 375 16.21 -11.42 -30.49
CA THR C 375 16.21 -10.06 -29.93
C THR C 375 14.90 -9.77 -29.25
N MET C 376 13.82 -10.11 -29.94
CA MET C 376 12.46 -9.90 -29.44
C MET C 376 12.26 -10.64 -28.13
N LEU C 377 12.71 -11.89 -28.12
CA LEU C 377 12.61 -12.76 -26.95
C LEU C 377 13.32 -12.12 -25.76
N SER C 378 14.54 -11.64 -26.04
CA SER C 378 15.38 -11.00 -25.03
C SER C 378 14.67 -9.79 -24.44
N MET C 379 14.09 -9.00 -25.34
CA MET C 379 13.37 -7.78 -24.96
C MET C 379 12.24 -8.11 -24.03
N ILE C 380 11.49 -9.16 -24.41
CA ILE C 380 10.34 -9.61 -23.60
C ILE C 380 10.83 -9.96 -22.18
N VAL C 381 11.87 -10.78 -22.19
CA VAL C 381 12.47 -11.29 -20.94
C VAL C 381 13.02 -10.14 -20.14
N GLY C 382 13.73 -9.26 -20.85
CA GLY C 382 14.35 -8.08 -20.26
C GLY C 382 13.28 -7.20 -19.64
N ALA C 383 12.24 -6.98 -20.43
CA ALA C 383 11.23 -5.96 -20.08
C ALA C 383 10.51 -6.38 -18.82
N THR C 384 10.10 -7.67 -18.82
CA THR C 384 9.38 -8.25 -17.67
C THR C 384 10.25 -8.17 -16.44
N CYS C 385 11.53 -8.51 -16.61
CA CYS C 385 12.48 -8.49 -15.49
C CYS C 385 12.57 -7.11 -14.90
N TYR C 386 12.67 -6.11 -15.78
CA TYR C 386 12.79 -4.72 -15.36
C TYR C 386 11.57 -4.30 -14.59
N ALA C 387 10.40 -4.70 -15.09
CA ALA C 387 9.12 -4.39 -14.44
C ALA C 387 9.11 -4.95 -13.02
N MET C 388 9.54 -6.21 -12.93
CA MET C 388 9.56 -6.91 -11.65
C MET C 388 10.48 -6.19 -10.68
N PHE C 389 11.64 -5.78 -11.18
CA PHE C 389 12.64 -5.05 -10.40
C PHE C 389 12.07 -3.79 -9.86
N VAL C 390 11.37 -3.06 -10.72
CA VAL C 390 10.73 -1.78 -10.37
C VAL C 390 9.75 -2.01 -9.23
N GLY C 391 8.94 -3.05 -9.39
CA GLY C 391 7.93 -3.41 -8.40
C GLY C 391 8.58 -3.67 -7.05
N HIS C 392 9.66 -4.45 -7.10
CA HIS C 392 10.39 -4.83 -5.91
C HIS C 392 10.94 -3.60 -5.21
N ALA C 393 11.49 -2.69 -6.01
CA ALA C 393 12.06 -1.43 -5.51
C ALA C 393 10.99 -0.64 -4.78
N THR C 394 9.83 -0.56 -5.41
CA THR C 394 8.68 0.17 -4.87
C THR C 394 8.31 -0.40 -3.50
N ALA C 395 8.25 -1.73 -3.46
CA ALA C 395 7.88 -2.46 -2.25
C ALA C 395 8.87 -2.14 -1.14
N LEU C 396 10.15 -2.18 -1.49
CA LEU C 396 11.23 -1.92 -0.55
C LEU C 396 11.10 -0.52 0.02
N ILE C 397 10.83 0.43 -0.87
CA ILE C 397 10.70 1.84 -0.47
C ILE C 397 9.55 1.98 0.51
N GLN C 398 8.44 1.32 0.20
CA GLN C 398 7.25 1.37 1.06
C GLN C 398 7.58 0.82 2.45
N SER C 399 8.31 -0.29 2.46
CA SER C 399 8.72 -0.94 3.70
C SER C 399 9.56 0.00 4.54
N LEU C 400 10.50 0.67 3.87
CA LEU C 400 11.55 1.39 4.60
C LEU C 400 11.02 2.51 5.46
N ASP C 401 10.12 3.33 4.92
CA ASP C 401 9.57 4.47 5.66
C ASP C 401 8.16 4.20 6.20
N SER C 402 7.88 2.95 6.59
CA SER C 402 6.50 2.53 6.77
C SER C 402 5.89 3.16 8.00
N SER C 403 6.65 3.12 9.09
CA SER C 403 6.21 3.63 10.39
C SER C 403 5.83 5.11 10.27
N ARG C 404 6.74 5.83 9.66
CA ARG C 404 6.63 7.27 9.44
C ARG C 404 5.35 7.56 8.64
N ARG C 405 5.19 6.79 7.58
CA ARG C 405 4.04 6.90 6.67
C ARG C 405 2.75 6.73 7.44
N GLN C 406 2.74 5.70 8.29
CA GLN C 406 1.57 5.36 9.10
C GLN C 406 1.20 6.53 9.99
N TYR C 407 2.20 7.14 10.61
CA TYR C 407 1.98 8.29 11.49
C TYR C 407 1.29 9.43 10.73
N GLN C 408 1.82 9.68 9.55
CA GLN C 408 1.29 10.74 8.69
C GLN C 408 -0.16 10.47 8.34
N GLU C 409 -0.43 9.22 7.99
CA GLU C 409 -1.78 8.78 7.63
C GLU C 409 -2.74 9.03 8.79
N LYS C 410 -2.28 8.66 9.99
CA LYS C 410 -3.07 8.83 11.20
C LYS C 410 -3.40 10.30 11.42
N TYR C 411 -2.37 11.12 11.25
CA TYR C 411 -2.52 12.56 11.43
C TYR C 411 -3.54 13.14 10.46
N LYS C 412 -3.48 12.66 9.21
CA LYS C 412 -4.41 13.08 8.18
C LYS C 412 -5.86 12.85 8.61
N GLN C 413 -6.11 11.74 9.31
CA GLN C 413 -7.46 11.47 9.79
C GLN C 413 -7.93 12.54 10.77
N VAL C 414 -7.03 12.95 11.66
CA VAL C 414 -7.31 14.00 12.64
C VAL C 414 -7.67 15.29 11.91
N GLU C 415 -6.88 15.61 10.89
CA GLU C 415 -7.09 16.81 10.08
C GLU C 415 -8.48 16.77 9.44
N GLN C 416 -8.82 15.62 8.89
CA GLN C 416 -10.10 15.39 8.25
C GLN C 416 -11.23 15.64 9.22
N TYR C 417 -11.08 15.10 10.42
CA TYR C 417 -12.05 15.25 11.51
C TYR C 417 -12.29 16.73 11.79
N MET C 418 -11.16 17.45 11.91
CA MET C 418 -11.19 18.89 12.19
C MET C 418 -11.97 19.62 11.11
N SER C 419 -11.66 19.26 9.87
CA SER C 419 -12.30 19.85 8.69
C SER C 419 -13.80 19.64 8.74
N PHE C 420 -14.19 18.41 9.07
CA PHE C 420 -15.59 18.00 9.18
C PHE C 420 -16.29 18.87 10.19
N HIS C 421 -15.64 19.06 11.34
CA HIS C 421 -16.20 19.96 12.38
C HIS C 421 -15.97 21.46 12.15
N LYS C 422 -15.16 21.81 11.15
CA LYS C 422 -14.96 23.19 10.71
C LYS C 422 -14.41 24.05 11.83
N LEU C 423 -13.31 23.60 12.41
CA LEU C 423 -12.76 24.23 13.62
C LEU C 423 -12.00 25.52 13.27
N PRO C 424 -11.84 26.43 14.25
CA PRO C 424 -11.03 27.63 14.02
C PRO C 424 -9.54 27.29 13.89
N ALA C 425 -8.79 28.16 13.24
CA ALA C 425 -7.40 27.89 12.91
C ALA C 425 -6.57 27.68 14.16
N ASP C 426 -6.82 28.53 15.15
CA ASP C 426 -6.10 28.51 16.43
C ASP C 426 -6.23 27.15 17.09
N MET C 427 -7.47 26.67 17.12
CA MET C 427 -7.83 25.38 17.70
C MET C 427 -7.03 24.26 17.03
N ARG C 428 -7.03 24.32 15.71
CA ARG C 428 -6.35 23.33 14.88
C ARG C 428 -4.86 23.31 15.21
N GLN C 429 -4.30 24.51 15.31
CA GLN C 429 -2.88 24.69 15.63
C GLN C 429 -2.55 24.05 16.96
N LYS C 430 -3.43 24.33 17.94
CA LYS C 430 -3.28 23.81 19.30
C LYS C 430 -3.25 22.29 19.27
N ILE C 431 -4.21 21.73 18.52
CA ILE C 431 -4.34 20.28 18.39
C ILE C 431 -3.07 19.68 17.81
N HIS C 432 -2.57 20.33 16.77
CA HIS C 432 -1.34 19.91 16.08
C HIS C 432 -0.18 19.85 17.08
N ASP C 433 -0.08 20.93 17.86
CA ASP C 433 0.98 21.07 18.85
C ASP C 433 0.91 19.94 19.85
N TYR C 434 -0.31 19.67 20.31
CA TYR C 434 -0.58 18.60 21.28
C TYR C 434 -0.12 17.28 20.74
N TYR C 435 -0.48 17.03 19.49
CA TYR C 435 -0.14 15.77 18.80
C TYR C 435 1.37 15.60 18.75
N GLU C 436 2.06 16.70 18.40
CA GLU C 436 3.51 16.70 18.29
C GLU C 436 4.12 16.35 19.66
N HIS C 437 3.59 16.98 20.69
CA HIS C 437 4.13 16.75 22.02
C HIS C 437 3.75 15.35 22.48
N ARG C 438 2.50 15.00 22.25
CA ARG C 438 1.93 13.75 22.75
C ARG C 438 2.63 12.55 22.15
N TYR C 439 2.75 12.50 20.83
CA TYR C 439 3.24 11.30 20.14
C TYR C 439 4.64 11.40 19.53
N GLN C 440 5.15 12.62 19.34
CA GLN C 440 6.51 12.84 18.84
C GLN C 440 6.75 12.15 17.49
N GLY C 441 5.82 12.34 16.57
CA GLY C 441 5.95 11.82 15.21
C GLY C 441 5.88 10.32 15.06
N LYS C 442 5.41 9.62 16.10
CA LYS C 442 5.40 8.17 16.13
C LYS C 442 3.97 7.65 16.17
N ILE C 443 3.81 6.38 15.83
CA ILE C 443 2.52 5.72 15.85
C ILE C 443 2.65 4.41 16.62
N PHE C 444 1.78 4.23 17.61
CA PHE C 444 1.71 3.01 18.40
C PHE C 444 0.47 3.03 19.28
N ASP C 445 -0.24 1.90 19.34
CA ASP C 445 -1.33 1.72 20.30
C ASP C 445 -0.68 1.15 21.56
N GLU C 446 -0.59 1.96 22.61
CA GLU C 446 0.15 1.57 23.81
C GLU C 446 -0.50 0.34 24.42
N GLU C 447 -1.81 0.47 24.61
CA GLU C 447 -2.61 -0.51 25.33
C GLU C 447 -2.52 -1.86 24.65
N ASN C 448 -2.66 -1.83 23.33
CA ASN C 448 -2.62 -3.05 22.51
C ASN C 448 -1.28 -3.74 22.67
N ILE C 449 -0.22 -2.92 22.62
CA ILE C 449 1.15 -3.43 22.74
C ILE C 449 1.32 -4.12 24.10
N LEU C 450 0.82 -3.45 25.14
CA LEU C 450 0.91 -3.96 26.50
C LEU C 450 0.20 -5.30 26.61
N ASN C 451 -0.98 -5.38 26.01
CA ASN C 451 -1.78 -6.60 26.00
C ASN C 451 -1.01 -7.73 25.34
N GLU C 452 -0.39 -7.40 24.21
CA GLU C 452 0.43 -8.36 23.46
C GLU C 452 1.55 -8.94 24.33
N LEU C 453 2.18 -8.10 25.16
CA LEU C 453 3.26 -8.57 26.06
C LEU C 453 2.75 -9.44 27.20
N ASN C 454 3.66 -10.14 27.87
CA ASN C 454 3.34 -10.88 29.11
C ASN C 454 3.35 -9.92 30.31
N ASP C 455 3.03 -10.44 31.50
CA ASP C 455 2.91 -9.61 32.69
C ASP C 455 4.25 -9.09 33.20
N PRO C 456 5.26 -9.98 33.32
CA PRO C 456 6.55 -9.60 33.87
C PRO C 456 7.18 -8.46 33.08
N LEU C 457 7.14 -8.61 31.76
CA LEU C 457 7.69 -7.60 30.84
C LEU C 457 7.03 -6.27 31.06
N ARG C 458 5.69 -6.31 31.16
CA ARG C 458 4.88 -5.12 31.38
C ARG C 458 5.31 -4.42 32.65
N GLU C 459 5.45 -5.24 33.70
CA GLU C 459 5.84 -4.75 35.03
C GLU C 459 7.18 -4.03 34.95
N GLU C 460 8.11 -4.68 34.26
CA GLU C 460 9.47 -4.16 34.08
C GLU C 460 9.42 -2.79 33.41
N ILE C 461 8.61 -2.73 32.34
CA ILE C 461 8.45 -1.51 31.55
C ILE C 461 7.94 -0.38 32.45
N VAL C 462 6.92 -0.73 33.24
CA VAL C 462 6.28 0.24 34.12
C VAL C 462 7.30 0.77 35.13
N ASN C 463 8.10 -0.14 35.67
CA ASN C 463 9.14 0.21 36.65
C ASN C 463 10.12 1.19 36.03
N PHE C 464 10.52 0.89 34.80
CA PHE C 464 11.47 1.73 34.07
C PHE C 464 10.90 3.12 33.89
N ASN C 465 9.62 3.17 33.51
CA ASN C 465 8.90 4.44 33.34
C ASN C 465 8.67 5.21 34.65
N CYS C 466 7.96 4.58 35.59
CA CYS C 466 7.29 5.30 36.69
C CYS C 466 7.74 5.02 38.13
N ARG C 467 8.65 4.06 38.33
CA ARG C 467 9.15 3.75 39.68
C ARG C 467 9.84 4.97 40.31
N LYS C 468 10.65 5.67 39.51
CA LYS C 468 11.31 6.91 39.93
C LYS C 468 10.32 8.01 40.32
N LEU C 469 9.20 8.10 39.60
CA LEU C 469 8.16 9.09 39.89
C LEU C 469 7.42 8.80 41.19
N VAL C 470 6.95 7.56 41.34
CA VAL C 470 6.16 7.15 42.52
C VAL C 470 7.00 6.95 43.79
N ALA C 471 8.26 6.53 43.64
CA ALA C 471 9.15 6.33 44.80
C ALA C 471 9.50 7.62 45.52
N THR C 472 9.71 8.70 44.75
CA THR C 472 9.96 10.03 45.31
C THR C 472 8.82 10.54 46.19
N MET C 473 7.59 10.12 45.89
CA MET C 473 6.43 10.37 46.75
C MET C 473 6.59 9.59 48.07
N PRO C 474 6.42 10.26 49.23
CA PRO C 474 6.62 9.61 50.52
C PRO C 474 5.51 8.61 50.94
N LEU C 475 4.35 8.67 50.29
CA LEU C 475 3.27 7.71 50.55
C LEU C 475 3.64 6.27 50.16
N PHE C 476 4.38 6.12 49.06
CA PHE C 476 4.74 4.80 48.51
C PHE C 476 6.12 4.28 48.93
N ALA C 477 6.82 5.00 49.82
CA ALA C 477 8.14 4.59 50.30
C ALA C 477 8.03 3.45 51.32
N ASN C 478 7.17 3.65 52.32
CA ASN C 478 6.93 2.66 53.37
C ASN C 478 6.04 1.48 52.93
N ALA C 479 5.32 1.64 51.81
CA ALA C 479 4.41 0.60 51.31
C ALA C 479 5.14 -0.62 50.74
N ASP C 480 4.39 -1.71 50.57
CA ASP C 480 4.94 -2.96 50.02
C ASP C 480 5.16 -2.84 48.51
N PRO C 481 6.13 -3.61 47.95
CA PRO C 481 6.53 -3.50 46.56
C PRO C 481 5.42 -3.94 45.63
N ASN C 482 4.71 -5.00 46.02
CA ASN C 482 3.62 -5.55 45.22
C ASN C 482 2.55 -4.49 44.98
N PHE C 483 2.21 -3.80 46.07
CA PHE C 483 1.19 -2.73 46.03
C PHE C 483 1.61 -1.65 45.05
N VAL C 484 2.88 -1.27 45.15
CA VAL C 484 3.47 -0.23 44.27
C VAL C 484 3.33 -0.64 42.82
N THR C 485 3.68 -1.91 42.55
CA THR C 485 3.62 -2.48 41.22
C THR C 485 2.20 -2.39 40.67
N ALA C 486 1.25 -2.79 41.52
CA ALA C 486 -0.17 -2.77 41.18
C ALA C 486 -0.61 -1.36 40.79
N MET C 487 -0.18 -0.41 41.61
CA MET C 487 -0.53 1.00 41.40
C MET C 487 0.00 1.47 40.04
N LEU C 488 1.25 1.10 39.77
CA LEU C 488 1.96 1.69 38.64
C LEU C 488 1.30 1.30 37.35
N SER C 489 0.88 0.04 37.23
CA SER C 489 0.21 -0.48 36.04
C SER C 489 -1.05 0.33 35.73
N LYS C 490 -1.82 0.59 36.78
CA LYS C 490 -3.03 1.39 36.67
C LYS C 490 -2.79 2.77 36.05
N LEU C 491 -1.70 3.45 36.42
CA LEU C 491 -1.41 4.84 35.95
C LEU C 491 -1.61 5.06 34.45
N ARG C 492 -2.17 6.21 34.08
CA ARG C 492 -2.43 6.53 32.67
C ARG C 492 -1.75 7.84 32.26
N PHE C 493 -0.86 7.74 31.28
CA PHE C 493 -0.05 8.88 30.82
C PHE C 493 -0.91 9.97 30.19
N GLU C 494 -0.56 11.22 30.47
CA GLU C 494 -1.27 12.38 29.90
C GLU C 494 -0.32 13.52 29.57
N VAL C 495 -0.75 14.39 28.66
CA VAL C 495 -0.03 15.60 28.27
C VAL C 495 -0.96 16.79 28.36
N PHE C 496 -0.40 17.95 28.70
CA PHE C 496 -1.14 19.20 28.76
C PHE C 496 -0.35 20.32 28.11
N GLN C 497 -1.06 21.18 27.40
CA GLN C 497 -0.45 22.32 26.72
C GLN C 497 -0.30 23.48 27.70
N PRO C 498 0.65 24.40 27.45
CA PRO C 498 0.81 25.54 28.35
C PRO C 498 -0.39 26.48 28.29
N GLY C 499 -0.79 27.01 29.45
CA GLY C 499 -2.02 27.79 29.57
C GLY C 499 -3.25 26.91 29.51
N ASP C 500 -3.21 25.78 30.23
CA ASP C 500 -4.32 24.85 30.33
C ASP C 500 -4.52 24.44 31.78
N TYR C 501 -5.78 24.47 32.22
CA TYR C 501 -6.14 24.11 33.59
C TYR C 501 -6.29 22.60 33.72
N ILE C 502 -5.41 21.99 34.50
CA ILE C 502 -5.41 20.54 34.73
C ILE C 502 -6.49 20.22 35.77
N ILE C 503 -6.38 20.86 36.94
CA ILE C 503 -7.37 20.79 38.01
C ILE C 503 -7.91 22.21 38.25
N ARG C 504 -9.14 22.30 38.75
CA ARG C 504 -9.81 23.59 38.97
C ARG C 504 -10.29 23.78 40.41
N GLU C 505 -10.46 25.03 40.81
CA GLU C 505 -10.93 25.38 42.15
C GLU C 505 -12.45 25.19 42.22
N GLY C 506 -12.87 24.28 43.12
CA GLY C 506 -14.30 24.00 43.32
C GLY C 506 -14.87 22.82 42.54
N ALA C 507 -14.19 22.42 41.47
CA ALA C 507 -14.62 21.27 40.66
C ALA C 507 -14.11 19.97 41.27
N VAL C 508 -14.96 18.94 41.26
CA VAL C 508 -14.61 17.64 41.84
C VAL C 508 -13.55 16.89 41.03
N GLY C 509 -12.39 16.65 41.63
CA GLY C 509 -11.29 15.96 40.98
C GLY C 509 -11.46 14.45 41.01
N LYS C 510 -11.80 13.87 39.85
CA LYS C 510 -11.99 12.43 39.72
C LYS C 510 -10.67 11.64 39.77
N LYS C 511 -9.55 12.29 39.46
CA LYS C 511 -8.25 11.64 39.41
C LYS C 511 -7.11 12.50 39.95
N MET C 512 -6.06 11.84 40.45
CA MET C 512 -4.85 12.52 40.96
C MET C 512 -3.72 12.41 39.95
N TYR C 513 -2.78 13.36 40.01
CA TYR C 513 -1.71 13.48 39.01
C TYR C 513 -0.32 13.46 39.64
N PHE C 514 0.55 12.61 39.10
CA PHE C 514 1.98 12.62 39.42
C PHE C 514 2.68 13.30 38.26
N ILE C 515 3.39 14.40 38.53
CA ILE C 515 4.19 15.05 37.50
C ILE C 515 5.49 14.28 37.38
N GLN C 516 5.53 13.38 36.39
CA GLN C 516 6.79 12.84 35.90
C GLN C 516 7.68 13.99 35.46
N HIS C 517 7.09 14.96 34.76
CA HIS C 517 7.86 15.89 33.98
C HIS C 517 7.03 17.11 33.52
N GLY C 518 7.66 18.29 33.52
CA GLY C 518 7.07 19.52 32.98
C GLY C 518 6.90 20.66 33.98
N VAL C 519 6.68 21.86 33.44
CA VAL C 519 6.54 23.08 34.25
C VAL C 519 5.08 23.39 34.57
N ALA C 520 4.65 22.99 35.77
CA ALA C 520 3.27 23.19 36.24
C ALA C 520 3.17 24.46 37.09
N GLY C 521 1.94 24.80 37.48
CA GLY C 521 1.69 25.98 38.33
C GLY C 521 0.45 25.79 39.20
N VAL C 522 0.63 25.99 40.52
CA VAL C 522 -0.45 25.81 41.51
C VAL C 522 -1.21 27.12 41.75
N ILE C 523 -2.41 27.23 41.19
CA ILE C 523 -3.25 28.43 41.31
C ILE C 523 -4.14 28.36 42.55
N THR C 524 -3.77 29.10 43.60
CA THR C 524 -4.52 29.17 44.84
C THR C 524 -4.88 30.62 45.18
N LYS C 525 -6.08 30.82 45.73
CA LYS C 525 -6.54 32.15 46.15
C LYS C 525 -5.86 32.58 47.45
N SER C 526 -5.78 31.66 48.42
CA SER C 526 -5.22 31.94 49.74
C SER C 526 -3.69 31.97 49.75
N SER C 527 -3.06 30.95 49.18
CA SER C 527 -1.60 30.73 49.30
C SER C 527 -0.74 31.28 48.15
N LYS C 528 -1.29 32.22 47.37
CA LYS C 528 -0.57 32.85 46.24
C LYS C 528 -0.26 31.84 45.11
N GLU C 529 1.01 31.62 44.79
CA GLU C 529 1.40 30.71 43.70
C GLU C 529 2.71 29.98 44.01
N MET C 530 2.65 28.64 44.01
CA MET C 530 3.81 27.78 44.18
C MET C 530 3.98 26.93 42.93
N LYS C 531 4.93 27.30 42.08
CA LYS C 531 5.17 26.63 40.81
C LYS C 531 5.82 25.26 41.01
N LEU C 532 5.25 24.23 40.38
CA LEU C 532 5.70 22.85 40.52
C LEU C 532 6.43 22.35 39.28
N THR C 533 7.41 21.46 39.50
CA THR C 533 8.27 20.91 38.46
C THR C 533 8.30 19.38 38.51
N ASP C 534 9.14 18.77 37.68
CA ASP C 534 9.28 17.30 37.60
C ASP C 534 9.52 16.65 38.96
N GLY C 535 8.73 15.62 39.27
CA GLY C 535 8.83 14.90 40.54
C GLY C 535 7.68 15.21 41.51
N SER C 536 7.13 16.41 41.42
CA SER C 536 5.98 16.80 42.26
C SER C 536 4.71 16.04 41.90
N TYR C 537 3.75 16.04 42.81
CA TYR C 537 2.46 15.37 42.59
C TYR C 537 1.32 16.07 43.33
N PHE C 538 0.10 15.93 42.80
CA PHE C 538 -1.06 16.66 43.35
C PHE C 538 -2.39 15.97 43.03
N GLY C 539 -3.45 16.48 43.67
CA GLY C 539 -4.74 15.79 43.75
C GLY C 539 -4.74 14.71 44.82
N GLU C 540 -3.76 14.76 45.72
CA GLU C 540 -3.55 13.73 46.74
C GLU C 540 -4.55 13.85 47.87
N ILE C 541 -4.89 15.09 48.25
CA ILE C 541 -5.91 15.37 49.26
C ILE C 541 -7.28 14.81 48.87
N CYS C 542 -7.65 14.98 47.59
CA CYS C 542 -8.91 14.47 47.06
C CYS C 542 -8.75 13.04 46.52
N LEU C 543 -8.58 12.09 47.44
CA LEU C 543 -8.48 10.66 47.13
C LEU C 543 -9.59 9.90 47.85
N LEU C 544 -9.55 9.92 49.18
CA LEU C 544 -10.57 9.29 50.04
C LEU C 544 -11.63 10.26 50.58
N THR C 545 -11.49 11.56 50.26
CA THR C 545 -12.44 12.58 50.72
C THR C 545 -13.81 12.45 50.05
N LYS C 546 -13.80 12.17 48.75
CA LYS C 546 -15.03 12.00 47.94
C LYS C 546 -15.86 13.29 47.86
N GLY C 547 -15.18 14.41 47.57
CA GLY C 547 -15.82 15.73 47.50
C GLY C 547 -15.21 16.62 46.43
N ARG C 548 -15.34 17.94 46.61
CA ARG C 548 -14.86 18.93 45.65
C ARG C 548 -13.42 19.37 45.95
N ARG C 549 -12.65 19.62 44.90
CA ARG C 549 -11.25 20.05 45.02
C ARG C 549 -11.16 21.53 45.38
N THR C 550 -10.18 21.86 46.21
CA THR C 550 -10.05 23.21 46.79
C THR C 550 -9.46 24.22 45.81
N ALA C 551 -8.21 24.00 45.40
CA ALA C 551 -7.45 24.96 44.59
C ALA C 551 -7.32 24.51 43.12
N SER C 552 -6.87 25.44 42.28
CA SER C 552 -6.68 25.20 40.85
C SER C 552 -5.23 24.88 40.51
N VAL C 553 -5.01 24.26 39.35
CA VAL C 553 -3.67 23.95 38.83
C VAL C 553 -3.64 24.20 37.33
N ARG C 554 -2.72 25.04 36.88
CA ARG C 554 -2.58 25.43 35.48
C ARG C 554 -1.18 25.08 34.98
N ALA C 555 -1.09 24.69 33.71
CA ALA C 555 0.19 24.29 33.10
C ALA C 555 0.98 25.52 32.65
N ASP C 556 2.20 25.67 33.18
CA ASP C 556 3.06 26.80 32.82
C ASP C 556 3.71 26.55 31.46
N THR C 557 4.44 25.45 31.36
CA THR C 557 4.99 24.95 30.11
C THR C 557 4.22 23.67 29.74
N TYR C 558 4.73 22.93 28.76
CA TYR C 558 4.18 21.59 28.46
C TYR C 558 4.44 20.64 29.63
N CYS C 559 3.51 19.70 29.82
CA CYS C 559 3.55 18.76 30.94
C CYS C 559 3.40 17.32 30.46
N ARG C 560 3.86 16.39 31.30
CA ARG C 560 3.69 14.96 31.07
C ARG C 560 3.30 14.31 32.38
N LEU C 561 2.00 14.17 32.61
CA LEU C 561 1.51 13.64 33.88
C LEU C 561 1.20 12.17 33.79
N TYR C 562 1.07 11.54 34.94
CA TYR C 562 0.50 10.20 35.02
C TYR C 562 -0.74 10.27 35.89
N SER C 563 -1.90 10.29 35.23
CA SER C 563 -3.17 10.33 35.91
C SER C 563 -3.47 9.00 36.60
N LEU C 564 -4.18 9.10 37.72
CA LEU C 564 -4.63 7.97 38.50
C LEU C 564 -6.06 8.26 38.96
N SER C 565 -7.03 7.56 38.37
CA SER C 565 -8.45 7.80 38.67
C SER C 565 -8.83 7.21 40.03
N VAL C 566 -9.82 7.84 40.66
CA VAL C 566 -10.23 7.46 42.00
C VAL C 566 -10.79 6.05 42.03
N ASP C 567 -11.57 5.70 40.99
CA ASP C 567 -12.15 4.37 40.85
C ASP C 567 -11.04 3.32 40.80
N ASN C 568 -10.03 3.63 39.98
CA ASN C 568 -8.89 2.72 39.79
C ASN C 568 -8.17 2.53 41.12
N PHE C 569 -7.98 3.63 41.85
CA PHE C 569 -7.33 3.61 43.16
C PHE C 569 -8.07 2.69 44.11
N ASN C 570 -9.39 2.85 44.11
CA ASN C 570 -10.29 2.06 44.95
C ASN C 570 -10.12 0.57 44.64
N GLU C 571 -10.10 0.27 43.35
CA GLU C 571 -9.93 -1.09 42.85
C GLU C 571 -8.63 -1.69 43.37
N VAL C 572 -7.57 -0.89 43.25
CA VAL C 572 -6.23 -1.27 43.70
C VAL C 572 -6.25 -1.61 45.18
N LEU C 573 -6.90 -0.73 45.94
CA LEU C 573 -7.02 -0.87 47.39
C LEU C 573 -7.71 -2.19 47.74
N GLU C 574 -8.79 -2.47 47.01
CA GLU C 574 -9.57 -3.70 47.16
C GLU C 574 -8.73 -4.95 47.43
N GLU C 575 -7.60 -5.09 46.74
CA GLU C 575 -6.63 -6.17 46.99
C GLU C 575 -5.85 -6.05 48.32
N TYR C 576 -5.41 -4.84 48.64
CA TYR C 576 -4.59 -4.56 49.84
C TYR C 576 -5.37 -3.72 50.88
N PRO C 577 -6.11 -4.39 51.81
CA PRO C 577 -6.91 -3.67 52.79
C PRO C 577 -6.05 -3.01 53.84
N MET C 578 -4.98 -3.70 54.25
CA MET C 578 -4.02 -3.17 55.21
C MET C 578 -3.42 -1.87 54.69
N MET C 579 -3.03 -1.90 53.42
CA MET C 579 -2.43 -0.76 52.74
C MET C 579 -3.39 0.43 52.77
N ARG C 580 -4.65 0.13 52.45
CA ARG C 580 -5.72 1.13 52.43
C ARG C 580 -5.86 1.78 53.80
N ARG C 581 -5.86 0.93 54.82
CA ARG C 581 -5.97 1.37 56.21
C ARG C 581 -4.84 2.33 56.55
N ALA C 582 -3.64 1.93 56.16
CA ALA C 582 -2.43 2.71 56.39
C ALA C 582 -2.55 4.10 55.76
N PHE C 583 -3.02 4.08 54.51
CA PHE C 583 -3.23 5.30 53.73
C PHE C 583 -4.20 6.24 54.46
N GLU C 584 -5.29 5.64 54.94
CA GLU C 584 -6.31 6.36 55.69
C GLU C 584 -5.74 7.07 56.91
N THR C 585 -4.57 6.70 57.42
CA THR C 585 -3.94 7.43 58.55
C THR C 585 -3.82 8.95 58.32
N VAL C 586 -3.18 9.34 57.22
CA VAL C 586 -3.02 10.76 56.88
C VAL C 586 -2.58 10.95 55.43
N MET D 94 34.64 37.49 23.77
CA MET D 94 33.59 36.43 23.57
C MET D 94 34.19 35.02 23.54
N GLN D 95 34.81 34.63 24.65
CA GLN D 95 35.41 33.29 24.82
C GLN D 95 34.38 32.31 25.40
N ARG D 96 33.60 32.77 26.37
CA ARG D 96 32.51 31.98 26.97
C ARG D 96 31.34 31.76 26.02
N GLN D 97 31.14 32.72 25.11
CA GLN D 97 30.09 32.64 24.10
C GLN D 97 30.26 31.39 23.26
N PHE D 98 31.50 31.14 22.85
CA PHE D 98 31.84 29.96 22.04
C PHE D 98 31.45 28.68 22.78
N THR D 99 31.80 28.65 24.05
CA THR D 99 31.51 27.50 24.92
C THR D 99 30.00 27.26 24.99
N SER D 100 29.27 28.36 25.17
CA SER D 100 27.81 28.33 25.24
C SER D 100 27.23 27.73 23.96
N MET D 101 27.76 28.21 22.84
CA MET D 101 27.34 27.74 21.52
C MET D 101 27.55 26.24 21.38
N LEU D 102 28.73 25.81 21.82
CA LEU D 102 29.10 24.39 21.82
C LEU D 102 28.08 23.54 22.58
N GLN D 103 27.54 24.04 23.71
CA GLN D 103 26.43 23.38 24.43
C GLN D 103 25.12 23.35 23.61
N PRO D 104 24.19 22.41 23.93
CA PRO D 104 22.89 22.38 23.24
C PRO D 104 21.96 23.53 23.63
N GLY D 105 21.53 24.32 22.65
CA GLY D 105 20.66 25.47 22.90
C GLY D 105 19.23 25.08 23.16
N VAL D 106 18.45 26.05 23.66
CA VAL D 106 17.02 25.88 23.92
C VAL D 106 16.24 26.33 22.69
N ASN D 107 15.86 25.36 21.86
CA ASN D 107 15.06 25.57 20.67
C ASN D 107 13.75 24.78 20.80
N LYS D 108 12.91 24.87 19.78
CA LYS D 108 11.71 24.05 19.66
C LYS D 108 12.10 22.57 19.61
N PHE D 109 13.10 22.30 18.78
CA PHE D 109 13.59 20.94 18.58
C PHE D 109 14.06 20.35 19.89
N SER D 110 14.85 21.16 20.61
CA SER D 110 15.56 20.69 21.80
C SER D 110 14.57 20.23 22.85
N LEU D 111 13.53 21.04 23.05
CA LEU D 111 12.48 20.74 24.03
C LEU D 111 11.82 19.41 23.70
N ARG D 112 11.51 19.24 22.41
CA ARG D 112 10.87 18.02 21.92
C ARG D 112 11.74 16.82 22.20
N MET D 113 13.03 16.97 21.92
CA MET D 113 14.01 15.91 22.14
C MET D 113 14.09 15.52 23.62
N PHE D 114 14.34 16.52 24.47
CA PHE D 114 14.68 16.29 25.87
C PHE D 114 13.49 16.47 26.80
N GLY D 115 12.83 17.63 26.70
CA GLY D 115 11.63 17.90 27.46
C GLY D 115 11.40 19.37 27.76
N SER D 116 11.58 19.74 29.03
CA SER D 116 11.41 21.11 29.50
C SER D 116 12.78 21.76 29.47
N GLN D 117 12.82 23.06 29.77
CA GLN D 117 14.07 23.79 29.83
C GLN D 117 14.99 23.24 30.91
N LYS D 118 14.42 22.76 32.02
CA LYS D 118 15.18 22.18 33.11
C LYS D 118 15.99 20.97 32.61
N ALA D 119 15.32 20.13 31.82
CA ALA D 119 15.95 18.95 31.24
C ALA D 119 17.14 19.34 30.37
N VAL D 120 16.92 20.36 29.56
CA VAL D 120 17.95 20.89 28.66
C VAL D 120 19.16 21.37 29.47
N GLU D 121 18.87 22.08 30.54
CA GLU D 121 19.89 22.61 31.44
C GLU D 121 20.72 21.48 32.02
N LYS D 122 20.02 20.42 32.45
CA LYS D 122 20.65 19.22 33.00
C LYS D 122 21.62 18.62 31.99
N GLU D 123 21.14 18.51 30.76
CA GLU D 123 21.95 17.97 29.66
C GLU D 123 23.22 18.80 29.46
N GLN D 124 23.03 20.12 29.48
CA GLN D 124 24.11 21.09 29.32
C GLN D 124 25.15 20.90 30.40
N GLU D 125 24.70 20.68 31.64
CA GLU D 125 25.58 20.43 32.78
C GLU D 125 26.51 19.25 32.49
N ARG D 126 25.95 18.19 31.94
CA ARG D 126 26.72 16.99 31.59
C ARG D 126 27.83 17.34 30.60
N VAL D 127 27.44 18.10 29.59
CA VAL D 127 28.37 18.56 28.54
C VAL D 127 29.52 19.35 29.16
N LYS D 128 29.15 20.25 30.08
CA LYS D 128 30.10 21.10 30.79
C LYS D 128 31.14 20.37 31.67
N THR D 129 31.15 19.04 31.74
CA THR D 129 32.21 18.31 32.46
C THR D 129 33.61 18.52 31.85
N ALA D 130 33.71 18.50 30.52
CA ALA D 130 34.96 18.76 29.80
C ALA D 130 34.90 20.11 29.07
N GLY D 131 35.92 20.94 29.26
CA GLY D 131 35.94 22.32 28.75
C GLY D 131 36.73 22.46 27.45
N PHE D 132 36.04 22.90 26.39
CA PHE D 132 36.64 23.16 25.06
C PHE D 132 37.11 21.92 24.29
N TRP D 133 36.82 20.72 24.80
CA TRP D 133 37.19 19.46 24.15
C TRP D 133 36.01 18.67 23.59
N ILE D 134 34.78 18.99 24.02
CA ILE D 134 33.58 18.23 23.64
C ILE D 134 32.52 19.13 23.01
N ILE D 135 31.90 18.61 21.94
CA ILE D 135 30.81 19.29 21.22
C ILE D 135 29.58 18.40 21.25
N HIS D 136 28.44 18.98 21.62
CA HIS D 136 27.18 18.25 21.70
C HIS D 136 26.56 18.15 20.30
N PRO D 137 26.11 16.94 19.89
CA PRO D 137 25.61 16.74 18.53
C PRO D 137 24.47 17.67 18.11
N TYR D 138 23.52 17.88 19.01
CA TYR D 138 22.35 18.73 18.74
C TYR D 138 22.59 20.24 18.89
N SER D 139 23.84 20.66 19.12
CA SER D 139 24.16 22.08 19.34
C SER D 139 24.05 22.94 18.08
N ASP D 140 24.00 24.26 18.29
CA ASP D 140 23.78 25.24 17.23
C ASP D 140 25.06 25.46 16.42
N PHE D 141 26.18 25.54 17.14
CA PHE D 141 27.51 25.66 16.51
C PHE D 141 27.75 24.48 15.60
N ARG D 142 27.44 23.29 16.12
CA ARG D 142 27.63 22.04 15.36
C ARG D 142 26.82 22.08 14.07
N PHE D 143 25.58 22.52 14.20
CA PHE D 143 24.66 22.64 13.07
C PHE D 143 25.25 23.56 12.00
N TYR D 144 25.76 24.70 12.47
CA TYR D 144 26.36 25.70 11.60
C TYR D 144 27.53 25.09 10.82
N TRP D 145 28.37 24.37 11.58
CA TRP D 145 29.55 23.72 11.03
C TRP D 145 29.15 22.73 9.93
N ASP D 146 28.12 21.95 10.24
CA ASP D 146 27.67 20.94 9.29
C ASP D 146 27.12 21.59 8.04
N LEU D 147 26.40 22.70 8.20
CA LEU D 147 25.88 23.48 7.06
C LEU D 147 27.03 23.93 6.17
N ILE D 148 28.07 24.45 6.82
CA ILE D 148 29.27 24.93 6.13
C ILE D 148 29.89 23.81 5.31
N MET D 149 30.01 22.66 5.96
CA MET D 149 30.57 21.45 5.35
C MET D 149 29.79 21.08 4.10
N LEU D 150 28.48 21.09 4.24
CA LEU D 150 27.56 20.75 3.16
C LEU D 150 27.77 21.67 1.98
N ILE D 151 27.87 22.97 2.29
CA ILE D 151 28.08 24.01 1.28
C ILE D 151 29.38 23.74 0.53
N MET D 152 30.42 23.42 1.29
CA MET D 152 31.73 23.11 0.71
C MET D 152 31.60 21.81 -0.08
N MET D 153 31.01 20.81 0.58
CA MET D 153 31.11 19.42 0.16
C MET D 153 30.47 19.23 -1.17
N VAL D 154 29.26 19.80 -1.32
CA VAL D 154 28.49 19.67 -2.58
C VAL D 154 29.31 20.21 -3.75
N GLY D 155 29.87 21.39 -3.51
CA GLY D 155 30.68 22.09 -4.52
C GLY D 155 31.87 21.22 -4.93
N ASN D 156 32.51 20.69 -3.90
CA ASN D 156 33.74 19.92 -4.09
C ASN D 156 33.44 18.68 -4.90
N LEU D 157 32.32 18.02 -4.59
CA LEU D 157 31.95 16.80 -5.29
C LEU D 157 31.71 17.11 -6.76
N VAL D 158 31.05 18.24 -7.04
CA VAL D 158 30.78 18.58 -8.44
C VAL D 158 32.09 18.89 -9.16
N ILE D 159 32.98 19.58 -8.46
CA ILE D 159 34.17 20.21 -9.03
C ILE D 159 35.25 19.17 -9.28
N ILE D 160 35.64 18.49 -8.21
CA ILE D 160 36.80 17.58 -8.21
C ILE D 160 36.95 16.73 -9.48
N PRO D 161 35.93 15.92 -9.81
CA PRO D 161 36.02 15.00 -10.93
C PRO D 161 36.25 15.74 -12.22
N VAL D 162 35.49 16.82 -12.39
CA VAL D 162 35.59 17.68 -13.59
C VAL D 162 37.01 18.21 -13.72
N GLY D 163 37.53 18.70 -12.59
CA GLY D 163 38.88 19.27 -12.53
C GLY D 163 39.90 18.24 -12.97
N ILE D 164 39.75 17.03 -12.44
CA ILE D 164 40.64 15.93 -12.72
C ILE D 164 40.64 15.62 -14.21
N THR D 165 39.43 15.59 -14.77
CA THR D 165 39.25 15.17 -16.17
C THR D 165 39.61 16.22 -17.23
N PHE D 166 38.81 17.27 -17.25
CA PHE D 166 38.78 18.20 -18.37
C PHE D 166 39.81 19.33 -18.31
N PHE D 167 40.57 19.42 -17.21
CA PHE D 167 41.73 20.31 -17.14
C PHE D 167 43.01 19.48 -17.10
N THR D 168 43.85 19.65 -18.13
CA THR D 168 45.13 18.94 -18.23
C THR D 168 46.12 19.46 -17.19
N GLU D 169 46.29 20.78 -17.16
CA GLU D 169 47.17 21.44 -16.20
C GLU D 169 46.55 21.44 -14.81
N GLN D 170 46.72 20.31 -14.10
CA GLN D 170 46.23 20.16 -12.72
C GLN D 170 47.15 20.80 -11.68
N THR D 171 48.38 21.14 -12.06
CA THR D 171 49.35 21.77 -11.15
C THR D 171 49.31 23.32 -11.13
N THR D 172 48.32 23.92 -11.80
CA THR D 172 48.16 25.39 -11.80
C THR D 172 47.70 25.91 -10.43
N THR D 173 48.08 27.16 -10.14
CA THR D 173 47.88 27.82 -8.85
C THR D 173 46.47 27.84 -8.28
N PRO D 174 45.50 28.35 -9.09
CA PRO D 174 44.15 28.57 -8.59
C PRO D 174 43.53 27.26 -8.11
N TRP D 175 43.71 26.23 -8.92
CA TRP D 175 43.17 24.90 -8.64
C TRP D 175 43.75 24.40 -7.31
N ILE D 176 45.09 24.52 -7.26
CA ILE D 176 45.85 23.91 -6.15
C ILE D 176 45.45 24.56 -4.85
N ILE D 177 45.33 25.89 -4.86
CA ILE D 177 44.96 26.64 -3.67
C ILE D 177 43.61 26.18 -3.15
N PHE D 178 42.68 26.05 -4.10
CA PHE D 178 41.30 25.62 -3.80
C PHE D 178 41.32 24.25 -3.13
N ASN D 179 42.12 23.35 -3.71
CA ASN D 179 42.23 21.98 -3.23
C ASN D 179 42.75 21.99 -1.80
N VAL D 180 43.78 22.80 -1.57
CA VAL D 180 44.50 22.79 -0.29
C VAL D 180 43.54 23.22 0.82
N ALA D 181 42.82 24.29 0.53
CA ALA D 181 41.85 24.87 1.48
C ALA D 181 40.79 23.83 1.83
N SER D 182 40.31 23.15 0.78
CA SER D 182 39.28 22.14 0.94
C SER D 182 39.77 21.01 1.85
N ASP D 183 41.01 20.60 1.60
CA ASP D 183 41.65 19.54 2.38
C ASP D 183 41.73 19.93 3.84
N THR D 184 42.15 21.18 4.07
CA THR D 184 42.28 21.73 5.41
C THR D 184 40.94 21.67 6.14
N VAL D 185 39.90 22.10 5.42
CA VAL D 185 38.54 22.14 5.96
C VAL D 185 38.12 20.72 6.36
N PHE D 186 38.39 19.77 5.49
CA PHE D 186 38.00 18.40 5.76
C PHE D 186 38.74 17.84 6.96
N LEU D 187 40.02 18.19 7.08
CA LEU D 187 40.83 17.77 8.23
C LEU D 187 40.21 18.31 9.52
N LEU D 188 39.82 19.58 9.48
CA LEU D 188 39.19 20.25 10.62
C LEU D 188 37.91 19.52 11.02
N ASP D 189 37.11 19.18 10.00
CA ASP D 189 35.86 18.47 10.19
C ASP D 189 36.11 17.13 10.88
N LEU D 190 37.13 16.44 10.41
CA LEU D 190 37.53 15.13 10.95
C LEU D 190 37.88 15.27 12.43
N ILE D 191 38.65 16.31 12.72
CA ILE D 191 39.08 16.61 14.10
C ILE D 191 37.86 16.82 14.99
N MET D 192 36.92 17.60 14.46
CA MET D 192 35.67 17.93 15.17
C MET D 192 34.92 16.66 15.50
N ASN D 193 34.84 15.77 14.50
CA ASN D 193 34.18 14.48 14.64
C ASN D 193 34.65 13.70 15.88
N PHE D 194 35.94 13.72 16.21
CA PHE D 194 36.41 13.16 17.50
C PHE D 194 35.74 13.85 18.69
N ARG D 195 35.78 15.18 18.69
CA ARG D 195 35.21 16.00 19.76
C ARG D 195 33.67 16.01 19.82
N THR D 196 33.01 15.71 18.69
CA THR D 196 31.55 15.70 18.63
C THR D 196 30.96 14.43 19.25
N GLY D 197 29.85 14.58 19.96
CA GLY D 197 29.15 13.44 20.57
C GLY D 197 28.30 12.68 19.57
N THR D 198 28.05 11.40 19.86
CA THR D 198 27.30 10.49 18.97
C THR D 198 25.94 10.14 19.55
N VAL D 199 24.90 10.24 18.73
CA VAL D 199 23.53 9.86 19.12
C VAL D 199 23.38 8.34 19.01
N ASN D 200 22.64 7.75 19.95
CA ASN D 200 22.37 6.30 19.98
C ASN D 200 20.87 6.03 19.95
N SER D 203 18.10 5.82 22.88
CA SER D 203 19.13 5.83 23.92
C SER D 203 19.75 7.23 24.09
N SER D 204 20.33 7.46 25.26
CA SER D 204 20.96 8.75 25.59
C SER D 204 22.29 8.93 24.86
N GLU D 205 22.62 10.18 24.53
CA GLU D 205 23.84 10.51 23.78
C GLU D 205 25.10 10.36 24.64
N ILE D 206 26.14 9.78 24.06
CA ILE D 206 27.41 9.55 24.77
C ILE D 206 28.32 10.77 24.63
N ILE D 207 28.51 11.50 25.74
CA ILE D 207 29.37 12.69 25.78
C ILE D 207 30.79 12.41 26.30
N LEU D 208 31.10 11.14 26.61
CA LEU D 208 32.43 10.75 27.09
C LEU D 208 33.47 10.78 25.97
N ASP D 209 34.55 11.53 26.17
CA ASP D 209 35.58 11.72 25.14
C ASP D 209 36.55 10.55 25.01
N PRO D 210 37.45 10.36 26.02
CA PRO D 210 38.65 9.53 25.84
C PRO D 210 38.40 8.10 25.36
N LYS D 211 37.34 7.47 25.87
CA LYS D 211 37.00 6.08 25.55
C LYS D 211 35.89 5.99 24.51
N VAL D 212 34.74 6.59 24.82
CA VAL D 212 33.51 6.41 24.03
C VAL D 212 33.59 7.04 22.65
N ILE D 213 33.92 8.33 22.59
CA ILE D 213 33.96 9.08 21.33
C ILE D 213 35.10 8.65 20.40
N LYS D 214 36.27 8.40 20.97
CA LYS D 214 37.46 8.02 20.20
C LYS D 214 37.37 6.61 19.62
N MET D 215 36.96 5.65 20.45
CA MET D 215 36.92 4.23 20.04
C MET D 215 35.75 3.90 19.10
N ASN D 216 34.57 4.46 19.39
CA ASN D 216 33.37 4.23 18.57
C ASN D 216 33.51 4.80 17.16
N TYR D 217 34.13 5.97 17.05
CA TYR D 217 34.39 6.61 15.76
C TYR D 217 35.49 5.91 14.98
N LEU D 218 36.59 5.58 15.66
CA LEU D 218 37.73 4.87 15.04
C LEU D 218 37.40 3.45 14.58
N LYS D 219 36.41 2.82 15.21
CA LYS D 219 35.97 1.46 14.84
C LYS D 219 34.92 1.42 13.72
N SER D 220 34.38 2.57 13.30
CA SER D 220 33.29 2.64 12.32
C SER D 220 33.66 3.39 11.04
N TRP D 221 33.73 4.73 11.10
CA TRP D 221 33.81 5.59 9.91
C TRP D 221 35.14 6.30 9.68
N PHE D 222 36.06 6.25 10.65
CA PHE D 222 37.25 7.10 10.63
C PHE D 222 38.07 7.01 9.35
N VAL D 223 38.37 5.78 8.94
CA VAL D 223 39.42 5.53 7.93
C VAL D 223 39.05 6.21 6.62
N VAL D 224 37.80 6.01 6.23
CA VAL D 224 37.28 6.56 4.98
C VAL D 224 37.37 8.08 5.00
N ASP D 225 36.97 8.65 6.13
CA ASP D 225 36.98 10.10 6.33
C ASP D 225 38.40 10.62 6.19
N PHE D 226 39.33 9.92 6.82
CA PHE D 226 40.75 10.28 6.79
C PHE D 226 41.25 10.31 5.37
N ILE D 227 40.88 9.26 4.62
CA ILE D 227 41.29 9.12 3.22
C ILE D 227 40.78 10.31 2.42
N SER D 228 39.52 10.63 2.64
CA SER D 228 38.84 11.66 1.87
C SER D 228 39.49 13.00 2.13
N SER D 229 39.74 13.28 3.41
CA SER D 229 40.16 14.60 3.85
C SER D 229 41.52 14.93 3.29
N ILE D 230 42.46 14.01 3.48
CA ILE D 230 43.86 14.25 3.13
C ILE D 230 44.07 14.34 1.62
N PRO D 231 45.01 15.17 1.17
CA PRO D 231 45.41 15.18 -0.24
C PRO D 231 46.46 14.09 -0.48
N VAL D 232 46.00 12.93 -0.93
CA VAL D 232 46.86 11.76 -1.09
C VAL D 232 47.74 11.92 -2.33
N ASP D 233 47.12 12.38 -3.41
CA ASP D 233 47.79 12.55 -4.70
C ASP D 233 48.98 13.50 -4.54
N TYR D 234 48.74 14.60 -3.84
CA TYR D 234 49.78 15.61 -3.63
C TYR D 234 50.94 15.01 -2.85
N ILE D 235 50.60 14.24 -1.83
CA ILE D 235 51.59 13.57 -0.99
C ILE D 235 52.46 12.65 -1.84
N PHE D 236 51.78 11.89 -2.70
CA PHE D 236 52.45 10.94 -3.61
C PHE D 236 53.44 11.68 -4.50
N LEU D 237 52.97 12.81 -5.04
CA LEU D 237 53.76 13.65 -5.93
C LEU D 237 55.02 14.13 -5.21
N ILE D 238 54.82 14.57 -3.97
CA ILE D 238 55.90 15.07 -3.13
C ILE D 238 56.94 13.99 -2.92
N VAL D 239 56.45 12.78 -2.62
CA VAL D 239 57.30 11.62 -2.39
C VAL D 239 58.16 11.34 -3.63
N GLU D 240 57.49 11.39 -4.78
CA GLU D 240 58.14 11.16 -6.08
C GLU D 240 59.27 12.16 -6.28
N LYS D 241 58.96 13.42 -5.99
CA LYS D 241 59.91 14.52 -6.12
C LYS D 241 61.14 14.28 -5.25
N GLY D 242 60.91 13.96 -3.98
CA GLY D 242 61.99 13.76 -3.00
C GLY D 242 62.45 12.32 -2.92
N ARG D 252 57.87 8.25 -18.22
CA ARG D 252 57.52 7.87 -16.87
C ARG D 252 56.68 8.94 -16.18
N ALA D 253 56.97 10.21 -16.48
CA ALA D 253 56.25 11.34 -15.91
C ALA D 253 54.77 11.24 -16.22
N LEU D 254 54.47 10.93 -17.48
CA LEU D 254 53.10 10.78 -17.95
C LEU D 254 52.37 9.71 -17.14
N ARG D 255 53.06 8.58 -16.96
CA ARG D 255 52.54 7.44 -16.21
C ARG D 255 52.20 7.86 -14.79
N ILE D 256 53.14 8.60 -14.19
CA ILE D 256 53.00 9.08 -12.82
C ILE D 256 51.76 9.97 -12.71
N VAL D 257 51.62 10.86 -13.68
CA VAL D 257 50.48 11.79 -13.75
C VAL D 257 49.18 11.02 -13.81
N ARG D 258 49.16 10.00 -14.65
CA ARG D 258 47.98 9.13 -14.83
C ARG D 258 47.60 8.50 -13.50
N PHE D 259 48.63 7.99 -12.81
CA PHE D 259 48.45 7.32 -11.53
C PHE D 259 47.83 8.29 -10.51
N THR D 260 48.36 9.51 -10.51
CA THR D 260 48.02 10.53 -9.55
C THR D 260 46.57 10.90 -9.65
N LYS D 261 46.01 10.95 -10.86
CA LYS D 261 44.61 11.34 -11.02
C LYS D 261 43.70 10.37 -10.27
N ILE D 262 44.00 9.08 -10.40
CA ILE D 262 43.24 8.02 -9.74
C ILE D 262 43.28 8.23 -8.22
N LEU D 263 44.48 8.52 -7.73
CA LEU D 263 44.71 8.75 -6.30
C LEU D 263 43.86 9.92 -5.82
N SER D 264 43.88 10.99 -6.61
CA SER D 264 43.12 12.21 -6.32
C SER D 264 41.63 11.88 -6.21
N LEU D 265 41.15 11.09 -7.17
CA LEU D 265 39.77 10.65 -7.19
C LEU D 265 39.37 9.90 -5.92
N LEU D 266 40.29 9.51 -5.03
CA LEU D 266 39.91 9.02 -3.69
C LEU D 266 39.17 10.06 -2.83
N ARG D 267 39.28 11.34 -3.19
CA ARG D 267 38.61 12.43 -2.47
C ARG D 267 37.09 12.48 -2.68
N LEU D 268 36.54 11.60 -3.52
CA LEU D 268 35.09 11.42 -3.63
C LEU D 268 34.48 10.70 -2.43
N LEU D 269 35.30 10.04 -1.62
CA LEU D 269 34.84 9.36 -0.39
C LEU D 269 34.27 10.31 0.68
N ARG D 270 34.38 11.62 0.46
CA ARG D 270 33.64 12.63 1.24
C ARG D 270 32.12 12.51 1.12
N LEU D 271 31.67 11.84 0.05
CA LEU D 271 30.27 11.64 -0.22
C LEU D 271 29.60 10.91 0.91
N SER D 272 30.26 9.89 1.46
CA SER D 272 29.73 9.12 2.59
C SER D 272 29.43 10.04 3.77
N ARG D 273 30.43 10.88 4.05
CA ARG D 273 30.35 11.86 5.16
C ARG D 273 29.17 12.78 4.95
N LEU D 274 29.05 13.27 3.71
CA LEU D 274 27.97 14.17 3.31
C LEU D 274 26.62 13.53 3.57
N ILE D 275 26.52 12.27 3.15
CA ILE D 275 25.30 11.48 3.29
C ILE D 275 24.90 11.39 4.76
N ARG D 276 25.92 11.08 5.57
CA ARG D 276 25.73 10.94 7.02
C ARG D 276 25.18 12.24 7.60
N TYR D 277 25.81 13.34 7.19
CA TYR D 277 25.42 14.67 7.65
C TYR D 277 23.98 14.96 7.31
N ILE D 278 23.62 14.63 6.07
CA ILE D 278 22.28 14.87 5.54
C ILE D 278 21.29 14.09 6.37
N HIS D 279 21.60 12.83 6.69
CA HIS D 279 20.61 11.95 7.30
C HIS D 279 20.18 12.52 8.67
N GLN D 280 21.22 12.84 9.44
CA GLN D 280 21.06 13.34 10.80
C GLN D 280 20.26 14.64 10.77
N TRP D 281 20.67 15.52 9.85
CA TRP D 281 20.01 16.83 9.76
C TRP D 281 18.56 16.65 9.35
N GLU D 282 18.28 15.73 8.44
CA GLU D 282 16.92 15.45 8.01
C GLU D 282 16.08 14.99 9.18
N GLU D 283 16.66 14.10 9.99
CA GLU D 283 15.98 13.58 11.17
C GLU D 283 15.61 14.72 12.12
N ILE D 284 16.59 15.61 12.31
CA ILE D 284 16.40 16.76 13.20
C ILE D 284 15.26 17.65 12.68
N PHE D 285 15.27 17.87 11.38
CA PHE D 285 14.26 18.69 10.73
C PHE D 285 12.90 18.08 10.89
N HIS D 286 12.79 16.76 10.78
CA HIS D 286 11.54 16.04 10.99
C HIS D 286 10.97 16.33 12.37
N MET D 287 11.85 16.25 13.35
CA MET D 287 11.46 16.52 14.75
C MET D 287 10.97 17.95 14.90
N THR D 288 11.71 18.86 14.27
CA THR D 288 11.40 20.30 14.28
C THR D 288 10.14 20.74 13.48
N TYR D 289 10.22 20.64 12.15
CA TYR D 289 9.28 21.31 11.24
C TYR D 289 8.14 20.44 10.70
N ASP D 290 8.11 19.15 11.06
CA ASP D 290 7.12 18.19 10.58
C ASP D 290 7.10 18.15 9.03
N LEU D 291 8.22 17.73 8.47
CA LEU D 291 8.39 17.63 7.01
C LEU D 291 7.74 16.34 6.52
N ALA D 292 7.30 16.34 5.26
CA ALA D 292 6.73 15.14 4.63
C ALA D 292 7.86 14.19 4.21
N SER D 293 7.91 13.02 4.84
CA SER D 293 9.01 12.07 4.75
C SER D 293 9.26 11.63 3.33
N ALA D 294 8.16 11.30 2.66
CA ALA D 294 8.18 10.85 1.27
C ALA D 294 8.87 11.88 0.37
N VAL D 295 8.44 13.12 0.57
CA VAL D 295 8.94 14.26 -0.19
C VAL D 295 10.45 14.38 0.00
N VAL D 296 10.87 14.27 1.26
CA VAL D 296 12.27 14.37 1.64
C VAL D 296 13.08 13.29 0.91
N ARG D 297 12.55 12.08 0.96
CA ARG D 297 13.28 10.90 0.46
C ARG D 297 13.53 11.06 -1.03
N ILE D 298 12.45 11.45 -1.72
CA ILE D 298 12.49 11.62 -3.18
C ILE D 298 13.50 12.70 -3.52
N PHE D 299 13.48 13.80 -2.75
CA PHE D 299 14.41 14.90 -2.98
C PHE D 299 15.85 14.44 -2.88
N ASN D 300 16.10 13.65 -1.83
CA ASN D 300 17.44 13.08 -1.57
C ASN D 300 17.91 12.28 -2.78
N LEU D 301 16.98 11.42 -3.22
CA LEU D 301 17.25 10.52 -4.33
C LEU D 301 17.58 11.30 -5.58
N ILE D 302 16.84 12.37 -5.83
CA ILE D 302 17.03 13.20 -7.02
C ILE D 302 18.47 13.74 -7.05
N GLY D 303 18.86 14.26 -5.89
CA GLY D 303 20.20 14.84 -5.71
C GLY D 303 21.27 13.80 -6.01
N MET D 304 21.05 12.62 -5.43
CA MET D 304 21.98 11.50 -5.59
C MET D 304 22.13 11.15 -7.05
N MET D 305 20.99 11.07 -7.73
CA MET D 305 20.93 10.72 -9.15
C MET D 305 21.73 11.70 -9.96
N LEU D 306 21.51 12.98 -9.65
CA LEU D 306 22.19 14.07 -10.37
C LEU D 306 23.71 13.92 -10.22
N LEU D 307 24.10 13.68 -8.96
CA LEU D 307 25.53 13.56 -8.64
C LEU D 307 26.13 12.38 -9.38
N LEU D 308 25.37 11.27 -9.32
CA LEU D 308 25.80 10.01 -9.96
C LEU D 308 25.94 10.21 -11.44
N CYS D 309 24.97 10.91 -12.03
CA CYS D 309 24.97 11.18 -13.47
C CYS D 309 26.22 11.95 -13.85
N HIS D 310 26.51 12.97 -13.05
CA HIS D 310 27.67 13.84 -13.27
C HIS D 310 28.96 13.01 -13.24
N TRP D 311 29.03 12.13 -12.23
CA TRP D 311 30.20 11.28 -12.05
C TRP D 311 30.38 10.37 -13.24
N ASP D 312 29.27 9.80 -13.71
CA ASP D 312 29.28 8.91 -14.87
C ASP D 312 29.81 9.62 -16.08
N GLY D 313 29.33 10.86 -16.27
CA GLY D 313 29.75 11.70 -17.39
C GLY D 313 31.26 11.92 -17.34
N CYS D 314 31.74 12.24 -16.15
CA CYS D 314 33.17 12.49 -15.95
C CYS D 314 33.98 11.22 -16.30
N LEU D 315 33.47 10.11 -15.80
CA LEU D 315 34.10 8.81 -15.87
C LEU D 315 34.26 8.37 -17.30
N GLN D 316 33.21 8.62 -18.10
CA GLN D 316 33.19 8.16 -19.49
C GLN D 316 34.33 8.76 -20.27
N PHE D 317 34.60 10.04 -20.05
CA PHE D 317 35.76 10.73 -20.64
C PHE D 317 37.08 10.41 -19.94
N LEU D 318 36.96 10.25 -18.62
CA LEU D 318 38.08 10.01 -17.72
C LEU D 318 38.83 8.80 -18.14
N VAL D 319 38.11 7.71 -18.44
CA VAL D 319 38.80 6.47 -18.81
C VAL D 319 39.62 6.68 -20.10
N PRO D 320 39.03 7.39 -21.07
CA PRO D 320 39.76 7.69 -22.29
C PRO D 320 41.01 8.49 -22.03
N LEU D 321 40.88 9.48 -21.15
CA LEU D 321 41.99 10.33 -20.75
C LEU D 321 43.12 9.46 -20.16
N LEU D 322 42.72 8.55 -19.29
CA LEU D 322 43.66 7.65 -18.62
C LEU D 322 44.37 6.78 -19.65
N GLN D 323 43.60 6.26 -20.59
CA GLN D 323 44.09 5.36 -21.64
C GLN D 323 44.77 6.09 -22.83
N ASP D 324 44.92 7.42 -22.74
CA ASP D 324 45.67 8.22 -23.73
C ASP D 324 44.94 8.43 -25.05
N PHE D 325 43.61 8.44 -25.00
CA PHE D 325 42.76 8.63 -26.18
C PHE D 325 43.10 7.69 -27.33
N PRO D 326 42.78 6.38 -27.17
CA PRO D 326 43.04 5.41 -28.23
C PRO D 326 42.14 5.64 -29.45
N PRO D 327 42.53 5.07 -30.62
CA PRO D 327 41.83 5.40 -31.88
C PRO D 327 40.39 4.88 -31.96
N ASP D 328 40.08 3.79 -31.26
CA ASP D 328 38.73 3.20 -31.27
C ASP D 328 37.97 3.42 -29.96
N CYS D 329 37.85 4.68 -29.56
CA CYS D 329 37.02 5.08 -28.40
C CYS D 329 36.11 6.24 -28.81
N TRP D 330 35.10 6.52 -27.99
CA TRP D 330 34.06 7.49 -28.36
C TRP D 330 34.55 8.93 -28.52
N VAL D 331 35.62 9.30 -27.84
CA VAL D 331 36.17 10.65 -27.94
C VAL D 331 36.92 10.82 -29.26
N SER D 332 37.78 9.86 -29.58
CA SER D 332 38.54 9.86 -30.84
C SER D 332 37.68 9.62 -32.08
N LEU D 333 36.66 8.76 -31.95
CA LEU D 333 35.78 8.42 -33.08
C LEU D 333 34.85 9.56 -33.49
N ASN D 334 34.43 10.39 -32.54
CA ASN D 334 33.66 11.61 -32.84
C ASN D 334 34.52 12.79 -33.27
N GLU D 335 35.84 12.68 -33.10
CA GLU D 335 36.80 13.71 -33.50
C GLU D 335 36.65 14.97 -32.65
N MET D 336 36.61 14.77 -31.34
CA MET D 336 36.45 15.86 -30.37
C MET D 336 37.44 15.70 -29.21
N VAL D 337 38.71 15.53 -29.58
CA VAL D 337 39.80 15.42 -28.62
C VAL D 337 40.26 16.83 -28.25
N ASN D 338 40.52 17.65 -29.28
CA ASN D 338 41.00 19.02 -29.10
C ASN D 338 39.89 20.09 -29.06
N ASP D 339 38.62 19.66 -28.93
CA ASP D 339 37.50 20.60 -28.76
C ASP D 339 37.53 21.25 -27.39
N SER D 340 36.74 22.31 -27.22
CA SER D 340 36.67 23.03 -25.95
C SER D 340 36.17 22.11 -24.84
N TRP D 341 36.75 22.28 -23.66
CA TRP D 341 36.54 21.35 -22.55
C TRP D 341 35.05 21.23 -22.22
N GLY D 342 34.39 22.39 -22.19
CA GLY D 342 33.01 22.49 -21.75
C GLY D 342 32.11 21.64 -22.61
N LYS D 343 32.31 21.75 -23.92
CA LYS D 343 31.53 21.01 -24.91
C LYS D 343 31.67 19.51 -24.67
N GLN D 344 32.93 19.10 -24.47
CA GLN D 344 33.28 17.70 -24.23
C GLN D 344 32.54 17.18 -23.01
N TYR D 345 32.60 18.00 -21.96
CA TYR D 345 31.96 17.67 -20.68
C TYR D 345 30.48 17.46 -20.87
N SER D 346 29.88 18.39 -21.61
CA SER D 346 28.44 18.35 -21.90
C SER D 346 28.08 17.06 -22.59
N TYR D 347 28.89 16.72 -23.60
CA TYR D 347 28.67 15.51 -24.39
C TYR D 347 28.71 14.27 -23.49
N ALA D 348 29.72 14.27 -22.62
CA ALA D 348 29.93 13.16 -21.70
C ALA D 348 28.72 12.99 -20.79
N LEU D 349 28.24 14.13 -20.28
CA LEU D 349 27.09 14.15 -19.38
C LEU D 349 25.87 13.60 -20.09
N PHE D 350 25.68 14.02 -21.34
CA PHE D 350 24.57 13.56 -22.18
C PHE D 350 24.62 12.06 -22.32
N LYS D 351 25.81 11.55 -22.61
CA LYS D 351 26.04 10.12 -22.78
C LYS D 351 25.63 9.37 -21.49
N ALA D 352 26.10 9.90 -20.38
CA ALA D 352 25.81 9.32 -19.08
C ALA D 352 24.30 9.34 -18.80
N MET D 353 23.74 10.51 -19.09
CA MET D 353 22.36 10.83 -18.75
C MET D 353 21.44 9.93 -19.50
N SER D 354 21.72 9.64 -20.76
CA SER D 354 20.91 8.73 -21.57
C SER D 354 20.84 7.36 -20.91
N HIS D 355 22.00 6.89 -20.46
CA HIS D 355 22.09 5.58 -19.80
C HIS D 355 21.27 5.59 -18.53
N MET D 356 21.35 6.68 -17.77
CA MET D 356 20.55 6.83 -16.56
C MET D 356 19.06 6.73 -16.83
N LEU D 357 18.57 7.44 -17.84
CA LEU D 357 17.12 7.51 -18.13
C LEU D 357 16.64 6.54 -19.21
N CYS D 358 17.54 5.67 -19.67
CA CYS D 358 17.24 4.56 -20.58
C CYS D 358 16.98 4.96 -22.05
N ILE D 359 17.56 6.08 -22.47
CA ILE D 359 17.27 6.66 -23.79
C ILE D 359 18.05 5.97 -24.88
N GLY D 360 19.36 5.82 -24.69
CA GLY D 360 20.20 5.23 -25.71
C GLY D 360 21.68 5.42 -25.47
N TYR D 361 22.45 5.27 -26.55
CA TYR D 361 23.91 5.39 -26.50
C TYR D 361 24.29 6.81 -26.90
N GLY D 362 25.59 7.09 -26.98
CA GLY D 362 26.07 8.39 -27.44
C GLY D 362 25.94 8.53 -28.95
N ALA D 363 27.07 8.75 -29.62
CA ALA D 363 27.13 8.77 -31.08
C ALA D 363 26.89 7.38 -31.66
N GLN D 364 27.59 6.38 -31.12
CA GLN D 364 27.60 5.03 -31.64
C GLN D 364 27.72 4.01 -30.50
N ALA D 365 27.26 2.78 -30.75
CA ALA D 365 27.45 1.65 -29.83
C ALA D 365 28.95 1.39 -29.63
N PRO D 366 29.39 1.15 -28.38
CA PRO D 366 30.82 0.97 -28.08
C PRO D 366 31.57 -0.03 -28.97
N VAL D 367 32.85 0.24 -29.19
CA VAL D 367 33.72 -0.60 -30.02
C VAL D 367 34.82 -1.24 -29.16
N SER D 368 35.62 -0.41 -28.49
CA SER D 368 36.65 -0.90 -27.56
C SER D 368 36.03 -1.52 -26.32
N MET D 369 36.71 -2.51 -25.76
CA MET D 369 36.14 -3.34 -24.69
C MET D 369 35.87 -2.50 -23.47
N SER D 370 36.87 -1.70 -23.09
CA SER D 370 36.85 -0.90 -21.89
C SER D 370 35.64 0.04 -21.89
N ASP D 371 35.48 0.70 -23.03
CA ASP D 371 34.38 1.66 -23.25
C ASP D 371 33.04 0.96 -23.06
N LEU D 372 32.94 -0.21 -23.67
CA LEU D 372 31.73 -1.04 -23.63
C LEU D 372 31.38 -1.37 -22.18
N TRP D 373 32.41 -1.78 -21.45
CA TRP D 373 32.25 -2.16 -20.05
C TRP D 373 31.75 -0.98 -19.23
N ILE D 374 32.35 0.17 -19.49
CA ILE D 374 31.98 1.42 -18.80
C ILE D 374 30.51 1.72 -19.04
N THR D 375 30.12 1.61 -20.31
CA THR D 375 28.74 1.85 -20.74
C THR D 375 27.79 0.96 -19.99
N MET D 376 28.15 -0.32 -19.92
CA MET D 376 27.35 -1.33 -19.24
C MET D 376 27.16 -0.96 -17.78
N LEU D 377 28.27 -0.57 -17.16
CA LEU D 377 28.28 -0.16 -15.76
C LEU D 377 27.31 0.99 -15.53
N SER D 378 27.41 1.97 -16.42
CA SER D 378 26.57 3.17 -16.36
C SER D 378 25.11 2.80 -16.43
N MET D 379 24.81 1.91 -17.38
CA MET D 379 23.45 1.42 -17.61
C MET D 379 22.90 0.79 -16.37
N ILE D 380 23.73 -0.06 -15.76
CA ILE D 380 23.34 -0.76 -14.52
C ILE D 380 22.97 0.28 -13.44
N VAL D 381 23.91 1.20 -13.29
CA VAL D 381 23.78 2.27 -12.28
C VAL D 381 22.57 3.12 -12.59
N GLY D 382 22.46 3.47 -13.87
CA GLY D 382 21.36 4.30 -14.38
C GLY D 382 20.05 3.60 -14.10
N ALA D 383 20.02 2.33 -14.47
CA ALA D 383 18.75 1.57 -14.51
C ALA D 383 18.20 1.45 -13.10
N THR D 384 19.11 1.07 -12.19
CA THR D 384 18.75 0.90 -10.76
C THR D 384 18.24 2.21 -10.21
N CYS D 385 18.95 3.29 -10.56
CA CYS D 385 18.57 4.63 -10.06
C CYS D 385 17.17 4.98 -10.52
N TYR D 386 16.91 4.69 -11.80
CA TYR D 386 15.60 5.01 -12.38
C TYR D 386 14.51 4.23 -11.68
N ALA D 387 14.80 2.95 -11.41
CA ALA D 387 13.85 2.07 -10.71
C ALA D 387 13.51 2.65 -9.34
N MET D 388 14.57 3.07 -8.65
CA MET D 388 14.44 3.63 -7.32
C MET D 388 13.57 4.89 -7.35
N PHE D 389 13.83 5.73 -8.35
CA PHE D 389 13.09 6.97 -8.55
C PHE D 389 11.64 6.69 -8.76
N VAL D 390 11.36 5.69 -9.59
CA VAL D 390 9.98 5.29 -9.90
C VAL D 390 9.26 4.88 -8.62
N GLY D 391 9.97 4.07 -7.84
CA GLY D 391 9.44 3.57 -6.56
C GLY D 391 9.08 4.73 -5.64
N HIS D 392 10.01 5.67 -5.57
CA HIS D 392 9.84 6.85 -4.71
C HIS D 392 8.65 7.65 -5.15
N ALA D 393 8.51 7.82 -6.46
CA ALA D 393 7.38 8.56 -7.05
C ALA D 393 6.08 7.91 -6.67
N THR D 394 6.05 6.59 -6.79
CA THR D 394 4.86 5.78 -6.46
C THR D 394 4.47 6.03 -5.00
N ALA D 395 5.48 5.97 -4.14
CA ALA D 395 5.30 6.15 -2.71
C ALA D 395 4.69 7.52 -2.42
N LEU D 396 5.26 8.53 -3.09
CA LEU D 396 4.82 9.91 -2.92
C LEU D 396 3.37 10.05 -3.32
N ILE D 397 3.03 9.43 -4.45
CA ILE D 397 1.66 9.51 -4.98
C ILE D 397 0.70 8.87 -3.98
N GLN D 398 1.10 7.73 -3.43
CA GLN D 398 0.28 7.04 -2.46
C GLN D 398 0.04 7.90 -1.23
N SER D 399 1.11 8.56 -0.78
CA SER D 399 1.06 9.44 0.38
C SER D 399 0.07 10.58 0.12
N LEU D 400 0.15 11.15 -1.08
CA LEU D 400 -0.54 12.43 -1.34
C LEU D 400 -2.03 12.31 -1.23
N ASP D 401 -2.63 11.28 -1.82
CA ASP D 401 -4.09 11.11 -1.80
C ASP D 401 -4.54 10.06 -0.78
N SER D 402 -3.85 9.96 0.35
CA SER D 402 -3.97 8.78 1.20
C SER D 402 -5.31 8.77 1.90
N SER D 403 -5.68 9.91 2.46
CA SER D 403 -6.91 10.07 3.23
C SER D 403 -8.12 9.69 2.37
N ARG D 404 -8.12 10.27 1.18
CA ARG D 404 -9.17 10.08 0.18
C ARG D 404 -9.30 8.59 -0.15
N ARG D 405 -8.14 7.99 -0.39
CA ARG D 405 -8.04 6.56 -0.74
C ARG D 405 -8.68 5.72 0.36
N GLN D 406 -8.33 6.06 1.59
CA GLN D 406 -8.82 5.35 2.77
C GLN D 406 -10.32 5.39 2.82
N TYR D 407 -10.89 6.58 2.56
CA TYR D 407 -12.34 6.75 2.56
C TYR D 407 -13.00 5.82 1.57
N GLN D 408 -12.41 5.81 0.37
CA GLN D 408 -12.92 4.96 -0.72
C GLN D 408 -12.90 3.50 -0.33
N GLU D 409 -11.79 3.10 0.28
CA GLU D 409 -11.60 1.72 0.73
C GLU D 409 -12.70 1.34 1.73
N LYS D 410 -12.94 2.26 2.66
CA LYS D 410 -13.95 2.07 3.70
C LYS D 410 -15.32 1.87 3.07
N TYR D 411 -15.61 2.73 2.10
CA TYR D 411 -16.90 2.70 1.40
C TYR D 411 -17.08 1.37 0.69
N LYS D 412 -16.00 0.89 0.06
CA LYS D 412 -16.02 -0.40 -0.63
C LYS D 412 -16.46 -1.51 0.30
N GLN D 413 -16.04 -1.47 1.57
CA GLN D 413 -16.45 -2.47 2.52
C GLN D 413 -17.95 -2.48 2.73
N VAL D 414 -18.52 -1.28 2.82
CA VAL D 414 -19.97 -1.11 2.98
C VAL D 414 -20.70 -1.73 1.79
N GLU D 415 -20.17 -1.44 0.59
CA GLU D 415 -20.73 -1.97 -0.65
C GLU D 415 -20.72 -3.49 -0.63
N GLN D 416 -19.59 -4.04 -0.20
CA GLN D 416 -19.41 -5.49 -0.10
C GLN D 416 -20.43 -6.10 0.82
N TYR D 417 -20.63 -5.44 1.96
CA TYR D 417 -21.61 -5.87 2.97
C TYR D 417 -23.00 -5.94 2.35
N MET D 418 -23.33 -4.87 1.63
CA MET D 418 -24.63 -4.76 0.96
C MET D 418 -24.82 -5.92 -0.02
N SER D 419 -23.78 -6.17 -0.79
CA SER D 419 -23.77 -7.24 -1.78
C SER D 419 -24.03 -8.58 -1.13
N PHE D 420 -23.33 -8.79 -0.01
CA PHE D 420 -23.46 -10.02 0.78
C PHE D 420 -24.88 -10.23 1.22
N HIS D 421 -25.49 -9.15 1.71
CA HIS D 421 -26.92 -9.20 2.08
C HIS D 421 -27.92 -9.07 0.94
N LYS D 422 -27.43 -8.76 -0.27
CA LYS D 422 -28.23 -8.76 -1.50
C LYS D 422 -29.39 -7.77 -1.39
N LEU D 423 -29.05 -6.53 -1.06
CA LEU D 423 -30.06 -5.53 -0.77
C LEU D 423 -30.68 -4.97 -2.05
N PRO D 424 -31.91 -4.39 -1.95
CA PRO D 424 -32.51 -3.74 -3.12
C PRO D 424 -31.78 -2.46 -3.49
N ALA D 425 -31.91 -2.05 -4.75
CA ALA D 425 -31.14 -0.92 -5.28
C ALA D 425 -31.45 0.36 -4.53
N ASP D 426 -32.74 0.56 -4.25
CA ASP D 426 -33.22 1.75 -3.55
C ASP D 426 -32.54 1.90 -2.21
N MET D 427 -32.51 0.78 -1.48
CA MET D 427 -31.90 0.70 -0.15
C MET D 427 -30.44 1.11 -0.22
N ARG D 428 -29.75 0.55 -1.21
CA ARG D 428 -28.34 0.82 -1.43
C ARG D 428 -28.11 2.29 -1.66
N GLN D 429 -28.96 2.86 -2.51
CA GLN D 429 -28.89 4.29 -2.86
C GLN D 429 -29.04 5.15 -1.61
N LYS D 430 -30.02 4.77 -0.80
CA LYS D 430 -30.31 5.47 0.45
C LYS D 430 -29.09 5.47 1.35
N ILE D 431 -28.49 4.28 1.46
CA ILE D 431 -27.31 4.09 2.31
C ILE D 431 -26.18 4.99 1.83
N HIS D 432 -25.99 5.01 0.52
CA HIS D 432 -24.95 5.82 -0.13
C HIS D 432 -25.14 7.29 0.24
N ASP D 433 -26.40 7.73 0.11
CA ASP D 433 -26.77 9.11 0.39
C ASP D 433 -26.44 9.47 1.83
N TYR D 434 -26.80 8.54 2.72
CA TYR D 434 -26.57 8.71 4.16
C TYR D 434 -25.09 8.87 4.43
N TYR D 435 -24.30 8.01 3.80
CA TYR D 435 -22.85 8.03 3.96
C TYR D 435 -22.28 9.37 3.53
N GLU D 436 -22.77 9.84 2.38
CA GLU D 436 -22.33 11.11 1.82
C GLU D 436 -22.64 12.25 2.81
N HIS D 437 -23.84 12.21 3.34
CA HIS D 437 -24.25 13.26 4.26
C HIS D 437 -23.49 13.10 5.58
N ARG D 438 -23.43 11.86 6.05
CA ARG D 438 -22.87 11.54 7.36
C ARG D 438 -21.40 11.92 7.43
N TYR D 439 -20.60 11.46 6.46
CA TYR D 439 -19.14 11.60 6.54
C TYR D 439 -18.51 12.61 5.57
N GLN D 440 -19.24 13.00 4.53
CA GLN D 440 -18.76 14.03 3.59
C GLN D 440 -17.42 13.67 2.95
N GLY D 441 -17.31 12.43 2.48
CA GLY D 441 -16.12 11.96 1.77
C GLY D 441 -14.86 11.83 2.60
N LYS D 442 -15.01 11.84 3.94
CA LYS D 442 -13.88 11.83 4.85
C LYS D 442 -13.88 10.54 5.67
N ILE D 443 -12.73 10.24 6.25
CA ILE D 443 -12.56 9.07 7.10
C ILE D 443 -11.90 9.50 8.41
N PHE D 444 -12.54 9.14 9.52
CA PHE D 444 -12.03 9.40 10.86
C PHE D 444 -12.85 8.64 11.89
N ASP D 445 -12.19 8.01 12.85
CA ASP D 445 -12.87 7.43 14.02
C ASP D 445 -12.92 8.54 15.06
N GLU D 446 -14.11 9.08 15.28
CA GLU D 446 -14.27 10.26 16.14
C GLU D 446 -13.82 9.92 17.54
N GLU D 447 -14.37 8.81 18.04
CA GLU D 447 -14.20 8.39 19.42
C GLU D 447 -12.73 8.17 19.72
N ASN D 448 -12.07 7.47 18.81
CA ASN D 448 -10.65 7.15 18.94
C ASN D 448 -9.83 8.43 19.04
N ILE D 449 -10.15 9.37 18.15
CA ILE D 449 -9.46 10.67 18.10
C ILE D 449 -9.62 11.39 19.44
N LEU D 450 -10.85 11.38 19.94
CA LEU D 450 -11.17 12.03 21.20
C LEU D 450 -10.36 11.43 22.34
N ASN D 451 -10.28 10.09 22.33
CA ASN D 451 -9.52 9.36 23.35
C ASN D 451 -8.05 9.76 23.31
N GLU D 452 -7.53 9.84 22.09
CA GLU D 452 -6.15 10.26 21.86
C GLU D 452 -5.87 11.64 22.48
N LEU D 453 -6.81 12.57 22.34
CA LEU D 453 -6.65 13.92 22.92
C LEU D 453 -6.73 13.94 24.46
N ASN D 454 -6.29 15.04 25.05
CA ASN D 454 -6.49 15.27 26.51
C ASN D 454 -7.89 15.80 26.78
N ASP D 455 -8.22 15.99 28.06
CA ASP D 455 -9.57 16.41 28.44
C ASP D 455 -9.89 17.85 28.05
N PRO D 456 -8.99 18.81 28.35
CA PRO D 456 -9.26 20.21 28.09
C PRO D 456 -9.54 20.46 26.63
N LEU D 457 -8.72 19.85 25.78
CA LEU D 457 -8.85 19.98 24.32
C LEU D 457 -10.22 19.49 23.87
N ARG D 458 -10.59 18.33 24.42
CA ARG D 458 -11.88 17.68 24.11
C ARG D 458 -13.01 18.62 24.46
N GLU D 459 -12.91 19.19 25.67
CA GLU D 459 -13.91 20.11 26.19
C GLU D 459 -14.08 21.29 25.26
N GLU D 460 -12.94 21.84 24.84
CA GLU D 460 -12.89 23.00 23.95
C GLU D 460 -13.62 22.69 22.65
N ILE D 461 -13.30 21.50 22.11
CA ILE D 461 -13.88 21.04 20.85
C ILE D 461 -15.40 20.95 20.98
N VAL D 462 -15.83 20.38 22.10
CA VAL D 462 -17.25 20.18 22.35
C VAL D 462 -17.95 21.53 22.41
N ASN D 463 -17.31 22.48 23.10
CA ASN D 463 -17.86 23.83 23.24
C ASN D 463 -18.03 24.47 21.88
N PHE D 464 -16.99 24.32 21.04
CA PHE D 464 -17.01 24.87 19.69
C PHE D 464 -18.17 24.29 18.89
N ASN D 465 -18.35 22.98 19.02
CA ASN D 465 -19.45 22.26 18.35
C ASN D 465 -20.84 22.62 18.91
N CYS D 466 -21.05 22.36 20.20
CA CYS D 466 -22.40 22.23 20.77
C CYS D 466 -22.85 23.25 21.82
N ARG D 467 -21.96 24.15 22.26
CA ARG D 467 -22.33 25.16 23.26
C ARG D 467 -23.44 26.07 22.73
N LYS D 468 -23.34 26.48 21.47
CA LYS D 468 -24.38 27.27 20.80
C LYS D 468 -25.74 26.55 20.72
N LEU D 469 -25.71 25.23 20.52
CA LEU D 469 -26.93 24.42 20.48
C LEU D 469 -27.60 24.30 21.84
N VAL D 470 -26.83 23.92 22.85
CA VAL D 470 -27.36 23.71 24.21
C VAL D 470 -27.68 24.99 24.97
N ALA D 471 -26.94 26.07 24.70
CA ALA D 471 -27.17 27.38 25.37
C ALA D 471 -28.50 28.01 24.98
N THR D 472 -28.87 27.88 23.70
CA THR D 472 -30.17 28.36 23.20
C THR D 472 -31.37 27.71 23.90
N MET D 473 -31.18 26.47 24.36
CA MET D 473 -32.18 25.79 25.21
C MET D 473 -32.24 26.48 26.58
N PRO D 474 -33.45 26.82 27.05
CA PRO D 474 -33.59 27.54 28.32
C PRO D 474 -33.32 26.71 29.59
N LEU D 475 -33.32 25.38 29.48
CA LEU D 475 -32.99 24.50 30.60
C LEU D 475 -31.54 24.65 31.08
N PHE D 476 -30.62 24.86 30.14
CA PHE D 476 -29.17 24.94 30.43
C PHE D 476 -28.63 26.37 30.59
N ALA D 477 -29.50 27.38 30.54
CA ALA D 477 -29.08 28.78 30.72
C ALA D 477 -28.78 29.09 32.18
N ASN D 478 -29.71 28.75 33.07
CA ASN D 478 -29.57 28.96 34.51
C ASN D 478 -28.63 27.96 35.21
N ALA D 479 -28.33 26.84 34.55
CA ALA D 479 -27.48 25.79 35.12
C ALA D 479 -26.00 26.19 35.21
N ASP D 480 -25.24 25.44 36.00
CA ASP D 480 -23.81 25.68 36.19
C ASP D 480 -23.01 25.24 34.96
N PRO D 481 -21.83 25.87 34.70
CA PRO D 481 -21.05 25.64 33.50
C PRO D 481 -20.49 24.23 33.46
N ASN D 482 -20.06 23.75 34.63
CA ASN D 482 -19.47 22.41 34.76
C ASN D 482 -20.47 21.36 34.28
N PHE D 483 -21.70 21.51 34.76
CA PHE D 483 -22.80 20.60 34.41
C PHE D 483 -23.01 20.57 32.91
N VAL D 484 -23.02 21.77 32.32
CA VAL D 484 -23.20 21.93 30.88
C VAL D 484 -22.11 21.18 30.12
N THR D 485 -20.88 21.38 30.59
CA THR D 485 -19.70 20.75 29.99
C THR D 485 -19.85 19.23 30.01
N ALA D 486 -20.26 18.73 31.18
CA ALA D 486 -20.47 17.30 31.40
C ALA D 486 -21.48 16.75 30.40
N MET D 487 -22.58 17.49 30.27
CA MET D 487 -23.67 17.12 29.38
C MET D 487 -23.15 17.02 27.94
N LEU D 488 -22.37 18.03 27.55
CA LEU D 488 -22.03 18.20 26.14
C LEU D 488 -21.19 17.04 25.67
N SER D 489 -20.24 16.61 26.51
CA SER D 489 -19.36 15.49 26.17
C SER D 489 -20.16 14.23 25.87
N LYS D 490 -21.14 13.97 26.74
CA LYS D 490 -22.04 12.84 26.56
C LYS D 490 -22.72 12.81 25.19
N LEU D 491 -23.19 13.96 24.68
CA LEU D 491 -23.95 14.04 23.40
C LEU D 491 -23.35 13.23 22.25
N ARG D 492 -24.21 12.57 21.47
CA ARG D 492 -23.77 11.74 20.34
C ARG D 492 -24.39 12.19 19.03
N PHE D 493 -23.53 12.59 18.08
CA PHE D 493 -23.97 13.13 16.79
C PHE D 493 -24.72 12.10 15.96
N GLU D 494 -25.76 12.54 15.27
CA GLU D 494 -26.56 11.68 14.40
C GLU D 494 -27.03 12.41 13.14
N VAL D 495 -27.32 11.63 12.10
CA VAL D 495 -27.88 12.14 10.85
C VAL D 495 -29.12 11.34 10.49
N PHE D 496 -30.08 12.00 9.84
CA PHE D 496 -31.30 11.37 9.37
C PHE D 496 -31.62 11.83 7.95
N GLN D 497 -32.09 10.89 7.14
CA GLN D 497 -32.47 11.17 5.76
C GLN D 497 -33.89 11.72 5.71
N PRO D 498 -34.22 12.50 4.65
CA PRO D 498 -35.58 13.04 4.54
C PRO D 498 -36.61 11.93 4.33
N GLY D 499 -37.76 12.07 4.97
CA GLY D 499 -38.77 11.02 5.00
C GLY D 499 -38.38 9.87 5.90
N ASP D 500 -37.88 10.21 7.09
CA ASP D 500 -37.48 9.22 8.09
C ASP D 500 -38.01 9.65 9.46
N TYR D 501 -38.60 8.71 10.17
CA TYR D 501 -39.17 8.96 11.50
C TYR D 501 -38.09 8.86 12.56
N ILE D 502 -37.80 9.98 13.21
CA ILE D 502 -36.78 10.07 14.25
C ILE D 502 -37.39 9.53 15.56
N ILE D 503 -38.50 10.13 15.97
CA ILE D 503 -39.30 9.68 17.11
C ILE D 503 -40.70 9.31 16.60
N ARG D 504 -41.38 8.41 17.30
CA ARG D 504 -42.70 7.92 16.90
C ARG D 504 -43.76 8.10 17.98
N GLU D 505 -45.02 8.13 17.55
CA GLU D 505 -46.17 8.26 18.45
C GLU D 505 -46.45 6.93 19.13
N GLY D 506 -46.34 6.90 20.47
CA GLY D 506 -46.62 5.70 21.27
C GLY D 506 -45.41 4.84 21.61
N ALA D 507 -44.31 5.00 20.86
CA ALA D 507 -43.07 4.25 21.12
C ALA D 507 -42.24 4.96 22.19
N VAL D 508 -41.65 4.18 23.09
CA VAL D 508 -40.84 4.72 24.20
C VAL D 508 -39.52 5.32 23.70
N GLY D 509 -39.35 6.63 23.90
CA GLY D 509 -38.16 7.35 23.49
C GLY D 509 -37.02 7.18 24.49
N LYS D 510 -36.03 6.38 24.12
CA LYS D 510 -34.85 6.14 24.97
C LYS D 510 -33.90 7.34 25.06
N LYS D 511 -33.95 8.23 24.06
CA LYS D 511 -33.05 9.40 23.99
C LYS D 511 -33.74 10.66 23.49
N MET D 512 -33.21 11.81 23.90
CA MET D 512 -33.69 13.13 23.45
C MET D 512 -32.75 13.72 22.41
N TYR D 513 -33.29 14.61 21.58
CA TYR D 513 -32.55 15.16 20.43
C TYR D 513 -32.51 16.68 20.43
N PHE D 514 -31.31 17.23 20.27
CA PHE D 514 -31.11 18.66 20.02
C PHE D 514 -30.83 18.82 18.53
N ILE D 515 -31.66 19.58 17.83
CA ILE D 515 -31.40 19.87 16.42
C ILE D 515 -30.37 20.99 16.38
N GLN D 516 -29.11 20.59 16.20
CA GLN D 516 -28.06 21.52 15.76
C GLN D 516 -28.49 22.15 14.45
N HIS D 517 -29.05 21.34 13.56
CA HIS D 517 -29.15 21.72 12.17
C HIS D 517 -30.07 20.78 11.37
N GLY D 518 -30.84 21.36 10.44
CA GLY D 518 -31.68 20.60 9.50
C GLY D 518 -33.17 20.88 9.58
N VAL D 519 -33.89 20.48 8.53
CA VAL D 519 -35.34 20.71 8.40
C VAL D 519 -36.14 19.52 8.94
N ALA D 520 -36.60 19.64 10.18
CA ALA D 520 -37.39 18.59 10.85
C ALA D 520 -38.89 18.87 10.73
N GLY D 521 -39.71 17.94 11.20
CA GLY D 521 -41.17 18.07 11.19
C GLY D 521 -41.84 17.33 12.33
N VAL D 522 -42.66 18.04 13.10
CA VAL D 522 -43.35 17.48 14.27
C VAL D 522 -44.73 16.92 13.89
N ILE D 523 -44.82 15.59 13.83
CA ILE D 523 -46.06 14.90 13.46
C ILE D 523 -46.92 14.61 14.69
N THR D 524 -47.98 15.41 14.87
CA THR D 524 -48.94 15.24 15.98
C THR D 524 -50.36 15.08 15.44
N LYS D 525 -51.15 14.23 16.11
CA LYS D 525 -52.55 14.01 15.76
C LYS D 525 -53.43 15.18 16.20
N SER D 526 -53.20 15.65 17.43
CA SER D 526 -54.00 16.73 18.03
C SER D 526 -53.63 18.12 17.52
N SER D 527 -52.33 18.44 17.52
CA SER D 527 -51.83 19.80 17.26
C SER D 527 -51.42 20.09 15.81
N LYS D 528 -51.87 19.28 14.85
CA LYS D 528 -51.56 19.46 13.43
C LYS D 528 -50.06 19.25 13.12
N GLU D 529 -49.36 20.27 12.61
CA GLU D 529 -47.94 20.14 12.25
C GLU D 529 -47.18 21.45 12.49
N MET D 530 -46.14 21.37 13.32
CA MET D 530 -45.25 22.50 13.59
C MET D 530 -43.83 22.12 13.15
N LYS D 531 -43.41 22.62 11.99
CA LYS D 531 -42.11 22.28 11.41
C LYS D 531 -40.96 22.94 12.18
N LEU D 532 -39.96 22.14 12.55
CA LEU D 532 -38.82 22.61 13.35
C LEU D 532 -37.55 22.74 12.50
N THR D 533 -36.71 23.70 12.89
CA THR D 533 -35.47 24.03 12.18
C THR D 533 -34.28 24.07 13.16
N ASP D 534 -33.12 24.48 12.65
CA ASP D 534 -31.87 24.55 13.44
C ASP D 534 -32.04 25.33 14.74
N GLY D 535 -31.60 24.74 15.85
CA GLY D 535 -31.71 25.36 17.18
C GLY D 535 -32.77 24.74 18.06
N SER D 536 -33.84 24.21 17.45
CA SER D 536 -34.91 23.53 18.18
C SER D 536 -34.44 22.23 18.82
N TYR D 537 -35.21 21.73 19.78
CA TYR D 537 -34.90 20.47 20.46
C TYR D 537 -36.16 19.76 20.95
N PHE D 538 -36.10 18.43 21.06
CA PHE D 538 -37.27 17.61 21.39
C PHE D 538 -36.92 16.27 22.02
N GLY D 539 -37.95 15.59 22.51
CA GLY D 539 -37.79 14.45 23.42
C GLY D 539 -37.53 14.90 24.85
N GLU D 540 -37.80 16.17 25.14
CA GLU D 540 -37.49 16.78 26.44
C GLU D 540 -38.48 16.35 27.51
N ILE D 541 -39.75 16.22 27.14
CA ILE D 541 -40.80 15.73 28.04
C ILE D 541 -40.52 14.30 28.55
N CYS D 542 -40.05 13.44 27.65
CA CYS D 542 -39.68 12.06 27.99
C CYS D 542 -38.21 11.97 28.41
N LEU D 543 -37.93 12.50 29.61
CA LEU D 543 -36.59 12.44 30.22
C LEU D 543 -36.67 11.74 31.58
N LEU D 544 -37.42 12.34 32.50
CA LEU D 544 -37.65 11.78 33.84
C LEU D 544 -39.01 11.06 33.99
N THR D 545 -39.82 11.06 32.93
CA THR D 545 -41.14 10.41 32.95
C THR D 545 -41.03 8.88 33.00
N LYS D 546 -40.10 8.32 32.22
CA LYS D 546 -39.85 6.88 32.15
C LYS D 546 -41.05 6.10 31.58
N GLY D 547 -41.59 6.60 30.47
CA GLY D 547 -42.76 6.01 29.82
C GLY D 547 -42.71 6.12 28.31
N ARG D 548 -43.89 6.09 27.68
CA ARG D 548 -44.03 6.13 26.22
C ARG D 548 -44.15 7.56 25.70
N ARG D 549 -43.57 7.82 24.52
CA ARG D 549 -43.60 9.14 23.89
C ARG D 549 -44.95 9.39 23.22
N THR D 550 -45.40 10.64 23.28
CA THR D 550 -46.75 11.01 22.84
C THR D 550 -46.87 11.14 21.31
N ALA D 551 -46.13 12.10 20.74
CA ALA D 551 -46.24 12.45 19.32
C ALA D 551 -45.05 11.94 18.50
N SER D 552 -45.19 12.00 17.18
CA SER D 552 -44.17 11.56 16.24
C SER D 552 -43.34 12.74 15.70
N VAL D 553 -42.16 12.42 15.17
CA VAL D 553 -41.27 13.41 14.54
C VAL D 553 -40.62 12.80 13.30
N ARG D 554 -40.81 13.47 12.16
CA ARG D 554 -40.31 13.00 10.87
C ARG D 554 -39.38 14.05 10.26
N ALA D 555 -38.35 13.58 9.56
CA ALA D 555 -37.36 14.48 8.95
C ALA D 555 -37.87 15.02 7.61
N ASP D 556 -37.97 16.34 7.50
CA ASP D 556 -38.43 16.99 6.25
C ASP D 556 -37.31 16.99 5.22
N THR D 557 -36.19 17.61 5.59
CA THR D 557 -34.95 17.55 4.80
C THR D 557 -33.95 16.69 5.56
N TYR D 558 -32.68 16.73 5.15
CA TYR D 558 -31.60 16.09 5.92
C TYR D 558 -31.43 16.81 7.27
N CYS D 559 -31.04 16.04 8.29
CA CYS D 559 -30.90 16.54 9.65
C CYS D 559 -29.54 16.19 10.24
N ARG D 560 -29.14 16.95 11.26
CA ARG D 560 -27.92 16.69 12.02
C ARG D 560 -28.23 16.89 13.49
N LEU D 561 -28.59 15.81 14.17
CA LEU D 561 -29.01 15.90 15.57
C LEU D 561 -27.86 15.56 16.50
N TYR D 562 -28.03 15.91 17.76
CA TYR D 562 -27.17 15.43 18.82
C TYR D 562 -28.04 14.67 19.81
N SER D 563 -28.00 13.36 19.71
CA SER D 563 -28.75 12.48 20.60
C SER D 563 -28.15 12.49 22.01
N LEU D 564 -29.03 12.33 22.98
CA LEU D 564 -28.69 12.24 24.39
C LEU D 564 -29.55 11.15 25.02
N SER D 565 -28.94 10.01 25.34
CA SER D 565 -29.66 8.86 25.88
C SER D 565 -30.05 9.08 27.33
N VAL D 566 -31.16 8.46 27.73
CA VAL D 566 -31.71 8.66 29.07
C VAL D 566 -30.74 8.14 30.12
N ASP D 567 -30.12 6.99 29.85
CA ASP D 567 -29.14 6.40 30.76
C ASP D 567 -27.98 7.37 31.00
N ASN D 568 -27.51 7.93 29.89
CA ASN D 568 -26.39 8.88 29.93
C ASN D 568 -26.77 10.09 30.76
N PHE D 569 -27.98 10.58 30.55
CA PHE D 569 -28.52 11.73 31.29
C PHE D 569 -28.51 11.45 32.78
N ASN D 570 -28.98 10.26 33.12
CA ASN D 570 -29.06 9.80 34.51
C ASN D 570 -27.67 9.80 35.13
N GLU D 571 -26.72 9.26 34.38
CA GLU D 571 -25.31 9.19 34.81
C GLU D 571 -24.78 10.59 35.11
N VAL D 572 -25.08 11.50 34.19
CA VAL D 572 -24.65 12.90 34.30
C VAL D 572 -25.21 13.51 35.58
N LEU D 573 -26.49 13.26 35.81
CA LEU D 573 -27.22 13.76 36.98
C LEU D 573 -26.54 13.26 38.25
N GLU D 574 -26.20 11.98 38.26
CA GLU D 574 -25.54 11.33 39.38
C GLU D 574 -24.45 12.19 40.05
N GLU D 575 -23.67 12.92 39.26
CA GLU D 575 -22.68 13.88 39.80
C GLU D 575 -23.31 15.15 40.42
N TYR D 576 -24.33 15.71 39.76
CA TYR D 576 -24.99 16.96 40.18
C TYR D 576 -26.43 16.70 40.68
N PRO D 577 -26.60 16.41 42.00
CA PRO D 577 -27.93 16.11 42.53
C PRO D 577 -28.80 17.36 42.60
N MET D 578 -28.19 18.49 42.96
CA MET D 578 -28.89 19.77 43.01
C MET D 578 -29.47 20.11 41.64
N MET D 579 -28.63 19.92 40.62
CA MET D 579 -29.01 20.18 39.23
C MET D 579 -30.22 19.34 38.84
N ARG D 580 -30.15 18.06 39.22
CA ARG D 580 -31.21 17.09 38.95
C ARG D 580 -32.52 17.56 39.57
N ARG D 581 -32.41 17.98 40.82
CA ARG D 581 -33.55 18.47 41.60
C ARG D 581 -34.20 19.66 40.89
N ALA D 582 -33.34 20.57 40.45
CA ALA D 582 -33.77 21.78 39.74
C ALA D 582 -34.54 21.40 38.48
N PHE D 583 -33.98 20.45 37.75
CA PHE D 583 -34.57 19.94 36.51
C PHE D 583 -35.97 19.38 36.79
N GLU D 584 -36.06 18.60 37.86
CA GLU D 584 -37.30 17.99 38.29
C GLU D 584 -38.38 19.04 38.56
N THR D 585 -38.07 20.32 38.76
CA THR D 585 -39.10 21.36 38.92
C THR D 585 -40.14 21.40 37.79
N VAL D 586 -39.67 21.52 36.55
CA VAL D 586 -40.57 21.54 35.38
C VAL D 586 -39.81 21.31 34.07
#